data_2BZY
# 
_entry.id   2BZY 
# 
_audit_conform.dict_name       mmcif_pdbx.dic 
_audit_conform.dict_version    5.399 
_audit_conform.dict_location   http://mmcif.pdb.org/dictionaries/ascii/mmcif_pdbx.dic 
# 
loop_
_database_2.database_id 
_database_2.database_code 
_database_2.pdbx_database_accession 
_database_2.pdbx_DOI 
PDB   2BZY         pdb_00002bzy 10.2210/pdb2bzy/pdb 
PDBE  EBI-25398    ?            ?                   
WWPDB D_1290025398 ?            ?                   
# 
loop_
_pdbx_audit_revision_history.ordinal 
_pdbx_audit_revision_history.data_content_type 
_pdbx_audit_revision_history.major_revision 
_pdbx_audit_revision_history.minor_revision 
_pdbx_audit_revision_history.revision_date 
1 'Structure model' 1 0 2006-09-28 
2 'Structure model' 1 1 2019-05-22 
3 'Structure model' 1 2 2023-12-13 
4 'Structure model' 1 3 2024-11-20 
# 
_pdbx_audit_revision_details.ordinal             1 
_pdbx_audit_revision_details.revision_ordinal    1 
_pdbx_audit_revision_details.data_content_type   'Structure model' 
_pdbx_audit_revision_details.provider            repository 
_pdbx_audit_revision_details.type                'Initial release' 
_pdbx_audit_revision_details.description         ? 
_pdbx_audit_revision_details.details             ? 
# 
loop_
_pdbx_audit_revision_group.ordinal 
_pdbx_audit_revision_group.revision_ordinal 
_pdbx_audit_revision_group.data_content_type 
_pdbx_audit_revision_group.group 
1 2 'Structure model' 'Data collection'        
2 2 'Structure model' 'Refinement description' 
3 3 'Structure model' 'Data collection'        
4 3 'Structure model' 'Database references'    
5 3 'Structure model' Other                    
6 3 'Structure model' 'Refinement description' 
7 4 'Structure model' 'Structure summary'      
# 
loop_
_pdbx_audit_revision_category.ordinal 
_pdbx_audit_revision_category.revision_ordinal 
_pdbx_audit_revision_category.data_content_type 
_pdbx_audit_revision_category.category 
1 2 'Structure model' refine                        
2 3 'Structure model' chem_comp_atom                
3 3 'Structure model' chem_comp_bond                
4 3 'Structure model' database_2                    
5 3 'Structure model' pdbx_database_status          
6 3 'Structure model' pdbx_initial_refinement_model 
7 4 'Structure model' pdbx_entry_details            
8 4 'Structure model' pdbx_modification_feature     
# 
loop_
_pdbx_audit_revision_item.ordinal 
_pdbx_audit_revision_item.revision_ordinal 
_pdbx_audit_revision_item.data_content_type 
_pdbx_audit_revision_item.item 
1 2 'Structure model' '_refine.pdbx_ls_cross_valid_method'           
2 3 'Structure model' '_database_2.pdbx_DOI'                         
3 3 'Structure model' '_database_2.pdbx_database_accession'          
4 3 'Structure model' '_pdbx_database_status.status_code_sf'         
5 4 'Structure model' '_pdbx_entry_details.has_protein_modification' 
# 
_pdbx_database_status.status_code                     REL 
_pdbx_database_status.entry_id                        2BZY 
_pdbx_database_status.deposit_site                    PDBE 
_pdbx_database_status.process_site                    PDBE 
_pdbx_database_status.SG_entry                        . 
_pdbx_database_status.recvd_initial_deposition_date   2005-08-24 
_pdbx_database_status.pdb_format_compatible           Y 
_pdbx_database_status.status_code_sf                  REL 
_pdbx_database_status.status_code_mr                  ? 
_pdbx_database_status.status_code_cs                  ? 
_pdbx_database_status.methods_development_category    ? 
_pdbx_database_status.status_code_nmr_data            ? 
# 
_pdbx_database_related.db_name        PDB 
_pdbx_database_related.db_id          2BZX 
_pdbx_database_related.content_type   unspecified 
_pdbx_database_related.details        'ATOMIC MODEL OF CRKL-SH3C MONOMER' 
# 
loop_
_audit_author.name 
_audit_author.pdbx_ordinal 
'Harkiolaki, M.' 1 
'Gilbert, R.J.'  2 
'Jones, E.Y.'    3 
'Feller, S.M.'   4 
# 
_citation.id                        primary 
_citation.title                     
'The C-Terminal SH3 Domain of Crkl as a Dynamic Dimerization Module Transiently Exposing a Nuclear Export Signal.' 
_citation.journal_abbrev            Structure 
_citation.journal_volume            14 
_citation.page_first                1741 
_citation.page_last                 ? 
_citation.year                      2006 
_citation.journal_id_ASTM           STRUE6 
_citation.country                   UK 
_citation.journal_id_ISSN           0969-2126 
_citation.journal_id_CSD            2005 
_citation.book_publisher            ? 
_citation.pdbx_database_id_PubMed   17161365 
_citation.pdbx_database_id_DOI      10.1016/J.STR.2006.09.013 
# 
loop_
_citation_author.citation_id 
_citation_author.name 
_citation_author.ordinal 
_citation_author.identifier_ORCID 
primary 'Harkiolaki, M.' 1 ? 
primary 'Gilbert, R.J.'  2 ? 
primary 'Jones, E.Y.'    3 ? 
primary 'Feller, S.M.'   4 ? 
# 
_entity.id                         1 
_entity.type                       polymer 
_entity.src_method                 man 
_entity.pdbx_description           'CRK-LIKE PROTEIN' 
_entity.formula_weight             7551.613 
_entity.pdbx_number_of_molecules   2 
_entity.pdbx_ec                    ? 
_entity.pdbx_mutation              ? 
_entity.pdbx_fragment              'SH3 DOMAIN, RESIDUES 237-303' 
_entity.details                    ? 
# 
_entity_name_com.entity_id   1 
_entity_name_com.name        'CRKL SH3C' 
# 
_entity_poly.entity_id                      1 
_entity_poly.type                           'polypeptide(L)' 
_entity_poly.nstd_linkage                   no 
_entity_poly.nstd_monomer                   no 
_entity_poly.pdbx_seq_one_letter_code       PVFAKAIQKRVPCAYDKTALALEVGDIVKVTRMNINGQWEGEVNGRKGLFPFTHVKIFDPQNPDENE 
_entity_poly.pdbx_seq_one_letter_code_can   PVFAKAIQKRVPCAYDKTALALEVGDIVKVTRMNINGQWEGEVNGRKGLFPFTHVKIFDPQNPDENE 
_entity_poly.pdbx_strand_id                 A,B 
_entity_poly.pdbx_target_identifier         ? 
# 
loop_
_entity_poly_seq.entity_id 
_entity_poly_seq.num 
_entity_poly_seq.mon_id 
_entity_poly_seq.hetero 
1 1  PRO n 
1 2  VAL n 
1 3  PHE n 
1 4  ALA n 
1 5  LYS n 
1 6  ALA n 
1 7  ILE n 
1 8  GLN n 
1 9  LYS n 
1 10 ARG n 
1 11 VAL n 
1 12 PRO n 
1 13 CYS n 
1 14 ALA n 
1 15 TYR n 
1 16 ASP n 
1 17 LYS n 
1 18 THR n 
1 19 ALA n 
1 20 LEU n 
1 21 ALA n 
1 22 LEU n 
1 23 GLU n 
1 24 VAL n 
1 25 GLY n 
1 26 ASP n 
1 27 ILE n 
1 28 VAL n 
1 29 LYS n 
1 30 VAL n 
1 31 THR n 
1 32 ARG n 
1 33 MET n 
1 34 ASN n 
1 35 ILE n 
1 36 ASN n 
1 37 GLY n 
1 38 GLN n 
1 39 TRP n 
1 40 GLU n 
1 41 GLY n 
1 42 GLU n 
1 43 VAL n 
1 44 ASN n 
1 45 GLY n 
1 46 ARG n 
1 47 LYS n 
1 48 GLY n 
1 49 LEU n 
1 50 PHE n 
1 51 PRO n 
1 52 PHE n 
1 53 THR n 
1 54 HIS n 
1 55 VAL n 
1 56 LYS n 
1 57 ILE n 
1 58 PHE n 
1 59 ASP n 
1 60 PRO n 
1 61 GLN n 
1 62 ASN n 
1 63 PRO n 
1 64 ASP n 
1 65 GLU n 
1 66 ASN n 
1 67 GLU n 
# 
_entity_src_gen.entity_id                          1 
_entity_src_gen.pdbx_src_id                        1 
_entity_src_gen.pdbx_alt_source_flag               sample 
_entity_src_gen.pdbx_seq_type                      ? 
_entity_src_gen.pdbx_beg_seq_num                   ? 
_entity_src_gen.pdbx_end_seq_num                   ? 
_entity_src_gen.gene_src_common_name               HUMAN 
_entity_src_gen.gene_src_genus                     ? 
_entity_src_gen.pdbx_gene_src_gene                 ? 
_entity_src_gen.gene_src_species                   ? 
_entity_src_gen.gene_src_strain                    ? 
_entity_src_gen.gene_src_tissue                    ? 
_entity_src_gen.gene_src_tissue_fraction           ? 
_entity_src_gen.gene_src_details                   ? 
_entity_src_gen.pdbx_gene_src_fragment             ? 
_entity_src_gen.pdbx_gene_src_scientific_name      'HOMO SAPIENS' 
_entity_src_gen.pdbx_gene_src_ncbi_taxonomy_id     9606 
_entity_src_gen.pdbx_gene_src_variant              ? 
_entity_src_gen.pdbx_gene_src_cell_line            ? 
_entity_src_gen.pdbx_gene_src_atcc                 ? 
_entity_src_gen.pdbx_gene_src_organ                ? 
_entity_src_gen.pdbx_gene_src_organelle            ? 
_entity_src_gen.pdbx_gene_src_cell                 ? 
_entity_src_gen.pdbx_gene_src_cellular_location    ? 
_entity_src_gen.host_org_common_name               ? 
_entity_src_gen.pdbx_host_org_scientific_name      'ESCHERICHIA COLI' 
_entity_src_gen.pdbx_host_org_ncbi_taxonomy_id     562 
_entity_src_gen.host_org_genus                     ? 
_entity_src_gen.pdbx_host_org_gene                 ? 
_entity_src_gen.pdbx_host_org_organ                ? 
_entity_src_gen.host_org_species                   ? 
_entity_src_gen.pdbx_host_org_tissue               ? 
_entity_src_gen.pdbx_host_org_tissue_fraction      ? 
_entity_src_gen.pdbx_host_org_strain               TOPP1 
_entity_src_gen.pdbx_host_org_variant              ? 
_entity_src_gen.pdbx_host_org_cell_line            ? 
_entity_src_gen.pdbx_host_org_atcc                 ? 
_entity_src_gen.pdbx_host_org_culture_collection   ? 
_entity_src_gen.pdbx_host_org_cell                 ? 
_entity_src_gen.pdbx_host_org_organelle            ? 
_entity_src_gen.pdbx_host_org_cellular_location    ? 
_entity_src_gen.pdbx_host_org_vector_type          ? 
_entity_src_gen.pdbx_host_org_vector               ? 
_entity_src_gen.host_org_details                   ? 
_entity_src_gen.expression_system_id               ? 
_entity_src_gen.plasmid_name                       PGEX-KG 
_entity_src_gen.plasmid_details                    ? 
_entity_src_gen.pdbx_description                   ? 
# 
loop_
_chem_comp.id 
_chem_comp.type 
_chem_comp.mon_nstd_flag 
_chem_comp.name 
_chem_comp.pdbx_synonyms 
_chem_comp.formula 
_chem_comp.formula_weight 
ALA 'L-peptide linking' y ALANINE         ? 'C3 H7 N O2'     89.093  
ARG 'L-peptide linking' y ARGININE        ? 'C6 H15 N4 O2 1' 175.209 
ASN 'L-peptide linking' y ASPARAGINE      ? 'C4 H8 N2 O3'    132.118 
ASP 'L-peptide linking' y 'ASPARTIC ACID' ? 'C4 H7 N O4'     133.103 
CYS 'L-peptide linking' y CYSTEINE        ? 'C3 H7 N O2 S'   121.158 
GLN 'L-peptide linking' y GLUTAMINE       ? 'C5 H10 N2 O3'   146.144 
GLU 'L-peptide linking' y 'GLUTAMIC ACID' ? 'C5 H9 N O4'     147.129 
GLY 'peptide linking'   y GLYCINE         ? 'C2 H5 N O2'     75.067  
HIS 'L-peptide linking' y HISTIDINE       ? 'C6 H10 N3 O2 1' 156.162 
ILE 'L-peptide linking' y ISOLEUCINE      ? 'C6 H13 N O2'    131.173 
LEU 'L-peptide linking' y LEUCINE         ? 'C6 H13 N O2'    131.173 
LYS 'L-peptide linking' y LYSINE          ? 'C6 H15 N2 O2 1' 147.195 
MET 'L-peptide linking' y METHIONINE      ? 'C5 H11 N O2 S'  149.211 
PHE 'L-peptide linking' y PHENYLALANINE   ? 'C9 H11 N O2'    165.189 
PRO 'L-peptide linking' y PROLINE         ? 'C5 H9 N O2'     115.130 
THR 'L-peptide linking' y THREONINE       ? 'C4 H9 N O3'     119.119 
TRP 'L-peptide linking' y TRYPTOPHAN      ? 'C11 H12 N2 O2'  204.225 
TYR 'L-peptide linking' y TYROSINE        ? 'C9 H11 N O3'    181.189 
VAL 'L-peptide linking' y VALINE          ? 'C5 H11 N O2'    117.146 
# 
loop_
_pdbx_poly_seq_scheme.asym_id 
_pdbx_poly_seq_scheme.entity_id 
_pdbx_poly_seq_scheme.seq_id 
_pdbx_poly_seq_scheme.mon_id 
_pdbx_poly_seq_scheme.ndb_seq_num 
_pdbx_poly_seq_scheme.pdb_seq_num 
_pdbx_poly_seq_scheme.auth_seq_num 
_pdbx_poly_seq_scheme.pdb_mon_id 
_pdbx_poly_seq_scheme.auth_mon_id 
_pdbx_poly_seq_scheme.pdb_strand_id 
_pdbx_poly_seq_scheme.pdb_ins_code 
_pdbx_poly_seq_scheme.hetero 
A 1 1  PRO 1  1  1  PRO PRO A . n 
A 1 2  VAL 2  2  2  VAL VAL A . n 
A 1 3  PHE 3  3  3  PHE PHE A . n 
A 1 4  ALA 4  4  4  ALA ALA A . n 
A 1 5  LYS 5  5  5  LYS LYS A . n 
A 1 6  ALA 6  6  6  ALA ALA A . n 
A 1 7  ILE 7  7  7  ILE ILE A . n 
A 1 8  GLN 8  8  8  GLN GLN A . n 
A 1 9  LYS 9  9  9  LYS LYS A . n 
A 1 10 ARG 10 10 10 ARG ARG A . n 
A 1 11 VAL 11 11 11 VAL VAL A . n 
A 1 12 PRO 12 12 12 PRO PRO A . n 
A 1 13 CYS 13 13 13 CYS CYS A . n 
A 1 14 ALA 14 14 14 ALA ALA A . n 
A 1 15 TYR 15 15 15 TYR TYR A . n 
A 1 16 ASP 16 16 16 ASP ASP A . n 
A 1 17 LYS 17 17 17 LYS LYS A . n 
A 1 18 THR 18 18 18 THR THR A . n 
A 1 19 ALA 19 19 19 ALA ALA A . n 
A 1 20 LEU 20 20 20 LEU LEU A . n 
A 1 21 ALA 21 21 21 ALA ALA A . n 
A 1 22 LEU 22 22 22 LEU LEU A . n 
A 1 23 GLU 23 23 23 GLU GLU A . n 
A 1 24 VAL 24 24 24 VAL VAL A . n 
A 1 25 GLY 25 25 25 GLY GLY A . n 
A 1 26 ASP 26 26 26 ASP ASP A . n 
A 1 27 ILE 27 27 27 ILE ILE A . n 
A 1 28 VAL 28 28 28 VAL VAL A . n 
A 1 29 LYS 29 29 29 LYS LYS A . n 
A 1 30 VAL 30 30 30 VAL VAL A . n 
A 1 31 THR 31 31 31 THR THR A . n 
A 1 32 ARG 32 32 32 ARG ARG A . n 
A 1 33 MET 33 33 33 MET MET A . n 
A 1 34 ASN 34 34 34 ASN ASN A . n 
A 1 35 ILE 35 35 35 ILE ILE A . n 
A 1 36 ASN 36 36 36 ASN ASN A . n 
A 1 37 GLY 37 37 37 GLY GLY A . n 
A 1 38 GLN 38 38 38 GLN GLN A . n 
A 1 39 TRP 39 39 39 TRP TRP A . n 
A 1 40 GLU 40 40 40 GLU GLU A . n 
A 1 41 GLY 41 41 41 GLY GLY A . n 
A 1 42 GLU 42 42 42 GLU GLU A . n 
A 1 43 VAL 43 43 43 VAL VAL A . n 
A 1 44 ASN 44 44 44 ASN ASN A . n 
A 1 45 GLY 45 45 45 GLY GLY A . n 
A 1 46 ARG 46 46 46 ARG ARG A . n 
A 1 47 LYS 47 47 47 LYS LYS A . n 
A 1 48 GLY 48 48 48 GLY GLY A . n 
A 1 49 LEU 49 49 49 LEU LEU A . n 
A 1 50 PHE 50 50 50 PHE PHE A . n 
A 1 51 PRO 51 51 51 PRO PRO A . n 
A 1 52 PHE 52 52 52 PHE PHE A . n 
A 1 53 THR 53 53 53 THR THR A . n 
A 1 54 HIS 54 54 54 HIS HIS A . n 
A 1 55 VAL 55 55 55 VAL VAL A . n 
A 1 56 LYS 56 56 56 LYS LYS A . n 
A 1 57 ILE 57 57 57 ILE ILE A . n 
A 1 58 PHE 58 58 58 PHE PHE A . n 
A 1 59 ASP 59 59 59 ASP ASP A . n 
A 1 60 PRO 60 60 60 PRO PRO A . n 
A 1 61 GLN 61 61 61 GLN GLN A . n 
A 1 62 ASN 62 62 62 ASN ASN A . n 
A 1 63 PRO 63 63 63 PRO PRO A . n 
A 1 64 ASP 64 64 ?  ?   ?   A . n 
A 1 65 GLU 65 65 ?  ?   ?   A . n 
A 1 66 ASN 66 66 ?  ?   ?   A . n 
A 1 67 GLU 67 67 ?  ?   ?   A . n 
B 1 1  PRO 1  1  1  PRO PRO B . n 
B 1 2  VAL 2  2  2  VAL VAL B . n 
B 1 3  PHE 3  3  3  PHE PHE B . n 
B 1 4  ALA 4  4  4  ALA ALA B . n 
B 1 5  LYS 5  5  5  LYS LYS B . n 
B 1 6  ALA 6  6  6  ALA ALA B . n 
B 1 7  ILE 7  7  7  ILE ILE B . n 
B 1 8  GLN 8  8  8  GLN GLN B . n 
B 1 9  LYS 9  9  9  LYS LYS B . n 
B 1 10 ARG 10 10 10 ARG ARG B . n 
B 1 11 VAL 11 11 11 VAL VAL B . n 
B 1 12 PRO 12 12 12 PRO PRO B . n 
B 1 13 CYS 13 13 13 CYS CYS B . n 
B 1 14 ALA 14 14 14 ALA ALA B . n 
B 1 15 TYR 15 15 15 TYR TYR B . n 
B 1 16 ASP 16 16 16 ASP ASP B . n 
B 1 17 LYS 17 17 17 LYS LYS B . n 
B 1 18 THR 18 18 18 THR THR B . n 
B 1 19 ALA 19 19 19 ALA ALA B . n 
B 1 20 LEU 20 20 20 LEU LEU B . n 
B 1 21 ALA 21 21 21 ALA ALA B . n 
B 1 22 LEU 22 22 22 LEU LEU B . n 
B 1 23 GLU 23 23 23 GLU GLU B . n 
B 1 24 VAL 24 24 24 VAL VAL B . n 
B 1 25 GLY 25 25 25 GLY GLY B . n 
B 1 26 ASP 26 26 26 ASP ASP B . n 
B 1 27 ILE 27 27 27 ILE ILE B . n 
B 1 28 VAL 28 28 28 VAL VAL B . n 
B 1 29 LYS 29 29 29 LYS LYS B . n 
B 1 30 VAL 30 30 30 VAL VAL B . n 
B 1 31 THR 31 31 31 THR THR B . n 
B 1 32 ARG 32 32 32 ARG ARG B . n 
B 1 33 MET 33 33 33 MET MET B . n 
B 1 34 ASN 34 34 34 ASN ASN B . n 
B 1 35 ILE 35 35 35 ILE ILE B . n 
B 1 36 ASN 36 36 36 ASN ASN B . n 
B 1 37 GLY 37 37 37 GLY GLY B . n 
B 1 38 GLN 38 38 38 GLN GLN B . n 
B 1 39 TRP 39 39 39 TRP TRP B . n 
B 1 40 GLU 40 40 40 GLU GLU B . n 
B 1 41 GLY 41 41 41 GLY GLY B . n 
B 1 42 GLU 42 42 42 GLU GLU B . n 
B 1 43 VAL 43 43 43 VAL VAL B . n 
B 1 44 ASN 44 44 44 ASN ASN B . n 
B 1 45 GLY 45 45 45 GLY GLY B . n 
B 1 46 ARG 46 46 46 ARG ARG B . n 
B 1 47 LYS 47 47 47 LYS LYS B . n 
B 1 48 GLY 48 48 48 GLY GLY B . n 
B 1 49 LEU 49 49 49 LEU LEU B . n 
B 1 50 PHE 50 50 50 PHE PHE B . n 
B 1 51 PRO 51 51 51 PRO PRO B . n 
B 1 52 PHE 52 52 52 PHE PHE B . n 
B 1 53 THR 53 53 53 THR THR B . n 
B 1 54 HIS 54 54 54 HIS HIS B . n 
B 1 55 VAL 55 55 55 VAL VAL B . n 
B 1 56 LYS 56 56 56 LYS LYS B . n 
B 1 57 ILE 57 57 57 ILE ILE B . n 
B 1 58 PHE 58 58 58 PHE PHE B . n 
B 1 59 ASP 59 59 59 ASP ASP B . n 
B 1 60 PRO 60 60 60 PRO PRO B . n 
B 1 61 GLN 61 61 61 GLN GLN B . n 
B 1 62 ASN 62 62 62 ASN ASN B . n 
B 1 63 PRO 63 63 63 PRO PRO B . n 
B 1 64 ASP 64 64 ?  ?   ?   B . n 
B 1 65 GLU 65 65 ?  ?   ?   B . n 
B 1 66 ASN 66 66 ?  ?   ?   B . n 
B 1 67 GLU 67 67 ?  ?   ?   B . n 
# 
loop_
_pdbx_unobs_or_zero_occ_atoms.id 
_pdbx_unobs_or_zero_occ_atoms.PDB_model_num 
_pdbx_unobs_or_zero_occ_atoms.polymer_flag 
_pdbx_unobs_or_zero_occ_atoms.occupancy_flag 
_pdbx_unobs_or_zero_occ_atoms.auth_asym_id 
_pdbx_unobs_or_zero_occ_atoms.auth_comp_id 
_pdbx_unobs_or_zero_occ_atoms.auth_seq_id 
_pdbx_unobs_or_zero_occ_atoms.PDB_ins_code 
_pdbx_unobs_or_zero_occ_atoms.auth_atom_id 
_pdbx_unobs_or_zero_occ_atoms.label_alt_id 
_pdbx_unobs_or_zero_occ_atoms.label_asym_id 
_pdbx_unobs_or_zero_occ_atoms.label_comp_id 
_pdbx_unobs_or_zero_occ_atoms.label_seq_id 
_pdbx_unobs_or_zero_occ_atoms.label_atom_id 
1  1 Y 1 A PRO 63 ? CA ? A PRO 63 CA 
2  1 Y 1 A PRO 63 ? C  ? A PRO 63 C  
3  1 Y 1 A PRO 63 ? O  ? A PRO 63 O  
4  1 Y 1 A PRO 63 ? CB ? A PRO 63 CB 
5  1 Y 1 A PRO 63 ? CG ? A PRO 63 CG 
6  1 Y 1 A PRO 63 ? CD ? A PRO 63 CD 
7  1 Y 1 B PRO 63 ? CA ? B PRO 63 CA 
8  1 Y 1 B PRO 63 ? C  ? B PRO 63 C  
9  1 Y 1 B PRO 63 ? O  ? B PRO 63 O  
10 1 Y 1 B PRO 63 ? CB ? B PRO 63 CB 
11 1 Y 1 B PRO 63 ? CG ? B PRO 63 CG 
12 1 Y 1 B PRO 63 ? CD ? B PRO 63 CD 
# 
loop_
_software.name 
_software.classification 
_software.version 
_software.citation_id 
_software.pdbx_ordinal 
CNS       refinement       1.1 ? 1 
DENZO     'data reduction' .   ? 2 
SCALEPACK 'data scaling'   .   ? 3 
AMoRE     phasing          .   ? 4 
# 
_cell.entry_id           2BZY 
_cell.length_a           71.317 
_cell.length_b           71.317 
_cell.length_c           146.428 
_cell.angle_alpha        90.00 
_cell.angle_beta         90.00 
_cell.angle_gamma        120.00 
_cell.Z_PDB              24 
_cell.pdbx_unique_axis   ? 
# 
_symmetry.entry_id                         2BZY 
_symmetry.space_group_name_H-M             'P 61 2 2' 
_symmetry.pdbx_full_space_group_name_H-M   ? 
_symmetry.cell_setting                     ? 
_symmetry.Int_Tables_number                178 
# 
_exptl.entry_id          2BZY 
_exptl.method            'X-RAY DIFFRACTION' 
_exptl.crystals_number   1 
# 
_exptl_crystal.id                    1 
_exptl_crystal.density_meas          ? 
_exptl_crystal.density_Matthews      3.93 
_exptl_crystal.density_percent_sol   68.42 
_exptl_crystal.description           ? 
# 
_exptl_crystal_grow.crystal_id      1 
_exptl_crystal_grow.method          ? 
_exptl_crystal_grow.temp            ? 
_exptl_crystal_grow.temp_details    ? 
_exptl_crystal_grow.pH              5.60 
_exptl_crystal_grow.pdbx_pH_range   ? 
_exptl_crystal_grow.pdbx_details    '0.01 M MGCL2, 5% W/V PEG 8000, 0.2 M KCL2, 0.05 M MES PH 5.6' 
# 
_diffrn.id                     1 
_diffrn.ambient_temp           100.0 
_diffrn.ambient_temp_details   ? 
_diffrn.crystal_id             1 
# 
_diffrn_detector.diffrn_id              1 
_diffrn_detector.detector               'IMAGE PLATE' 
_diffrn_detector.type                   MARRESEARCH 
_diffrn_detector.pdbx_collection_date   2003-10-27 
_diffrn_detector.details                'OSMIC MIRRORS' 
# 
_diffrn_radiation.diffrn_id                        1 
_diffrn_radiation.wavelength_id                    1 
_diffrn_radiation.pdbx_monochromatic_or_laue_m_l   M 
_diffrn_radiation.monochromator                    ? 
_diffrn_radiation.pdbx_diffrn_protocol             'SINGLE WAVELENGTH' 
_diffrn_radiation.pdbx_scattering_type             x-ray 
# 
_diffrn_radiation_wavelength.id           1 
_diffrn_radiation_wavelength.wavelength   1.54 
_diffrn_radiation_wavelength.wt           1.0 
# 
_diffrn_source.diffrn_id                   1 
_diffrn_source.source                      'ROTATING ANODE' 
_diffrn_source.type                        'RIGAKU RU200' 
_diffrn_source.pdbx_synchrotron_site       ? 
_diffrn_source.pdbx_synchrotron_beamline   ? 
_diffrn_source.pdbx_wavelength             1.54 
_diffrn_source.pdbx_wavelength_list        ? 
# 
_reflns.pdbx_diffrn_id               1 
_reflns.pdbx_ordinal                 1 
_reflns.entry_id                     2BZY 
_reflns.observed_criterion_sigma_I   0.000 
_reflns.observed_criterion_sigma_F   ? 
_reflns.d_resolution_low             30.000 
_reflns.d_resolution_high            2.500 
_reflns.number_obs                   8176 
_reflns.number_all                   ? 
_reflns.percent_possible_obs         99.7 
_reflns.pdbx_Rmerge_I_obs            0.16000 
_reflns.pdbx_Rsym_value              ? 
_reflns.pdbx_netI_over_sigmaI        16.7400 
_reflns.B_iso_Wilson_estimate        80.0 
_reflns.pdbx_redundancy              28.000 
# 
_reflns_shell.pdbx_diffrn_id         1 
_reflns_shell.pdbx_ordinal           1 
_reflns_shell.d_res_high             2.50 
_reflns_shell.d_res_low              2.59 
_reflns_shell.percent_possible_all   100.0 
_reflns_shell.Rmerge_I_obs           1.00000 
_reflns_shell.pdbx_Rsym_value        ? 
_reflns_shell.meanI_over_sigI_obs    1.090 
_reflns_shell.pdbx_redundancy        28.20 
# 
_refine.pdbx_refine_id                           'X-RAY DIFFRACTION' 
_refine.entry_id                                 2BZY 
_refine.pdbx_diffrn_id                           1 
_refine.pdbx_TLS_residual_ADP_flag               ? 
_refine.ls_number_reflns_obs                     8123 
_refine.ls_number_reflns_all                     ? 
_refine.pdbx_ls_sigma_I                          ? 
_refine.pdbx_ls_sigma_F                          0.0 
_refine.pdbx_data_cutoff_high_absF               10000 
_refine.pdbx_data_cutoff_low_absF                ? 
_refine.pdbx_data_cutoff_high_rms_absF           ? 
_refine.ls_d_res_low                             20 
_refine.ls_d_res_high                            2.5 
_refine.ls_percent_reflns_obs                    99.6 
_refine.ls_R_factor_obs                          0.263 
_refine.ls_R_factor_all                          ? 
_refine.ls_R_factor_R_work                       0.263 
_refine.ls_R_factor_R_free                       0.309 
_refine.ls_R_factor_R_free_error                 ? 
_refine.ls_R_factor_R_free_error_details         ? 
_refine.ls_percent_reflns_R_free                 5.2 
_refine.ls_number_reflns_R_free                  420 
_refine.ls_number_parameters                     ? 
_refine.ls_number_restraints                     ? 
_refine.occupancy_min                            ? 
_refine.occupancy_max                            ? 
_refine.correlation_coeff_Fo_to_Fc               ? 
_refine.correlation_coeff_Fo_to_Fc_free          ? 
_refine.B_iso_mean                               43.2 
_refine.aniso_B[1][1]                            -3.854 
_refine.aniso_B[2][2]                            -3.854 
_refine.aniso_B[3][3]                            7.709 
_refine.aniso_B[1][2]                            -4.963 
_refine.aniso_B[1][3]                            0.000 
_refine.aniso_B[2][3]                            0.000 
_refine.solvent_model_details                    'CNS BULK SOLVENT CORRECTION' 
_refine.solvent_model_param_ksol                 0.35 
_refine.solvent_model_param_bsol                 60 
_refine.pdbx_solvent_vdw_probe_radii             ? 
_refine.pdbx_solvent_ion_probe_radii             ? 
_refine.pdbx_solvent_shrinkage_radii             ? 
_refine.pdbx_ls_cross_valid_method               'FREE R-VALUE' 
_refine.details                                  ? 
_refine.pdbx_starting_model                      'PDB ENTRY 2BZX' 
_refine.pdbx_method_to_determine_struct          'MOLECULAR REPLACEMENT' 
_refine.pdbx_isotropic_thermal_model             RESTRAINED 
_refine.pdbx_stereochemistry_target_values       ? 
_refine.pdbx_stereochem_target_val_spec_case     ? 
_refine.pdbx_R_Free_selection_details            RANDOM 
_refine.pdbx_overall_ESU_R                       ? 
_refine.pdbx_overall_ESU_R_Free                  ? 
_refine.overall_SU_ML                            ? 
_refine.pdbx_overall_phase_error                 ? 
_refine.overall_SU_B                             ? 
_refine.overall_SU_R_Cruickshank_DPI             ? 
_refine.pdbx_overall_SU_R_free_Cruickshank_DPI   ? 
_refine.pdbx_overall_SU_R_Blow_DPI               ? 
_refine.pdbx_overall_SU_R_free_Blow_DPI          ? 
# 
_refine_hist.pdbx_refine_id                   'X-RAY DIFFRACTION' 
_refine_hist.cycle_id                         LAST 
_refine_hist.pdbx_number_atoms_protein        982 
_refine_hist.pdbx_number_atoms_nucleic_acid   0 
_refine_hist.pdbx_number_atoms_ligand         0 
_refine_hist.number_atoms_solvent             0 
_refine_hist.number_atoms_total               982 
_refine_hist.d_res_high                       2.5 
_refine_hist.d_res_low                        20 
# 
loop_
_refine_ls_restr.type 
_refine_ls_restr.dev_ideal 
_refine_ls_restr.dev_ideal_target 
_refine_ls_restr.weight 
_refine_ls_restr.number 
_refine_ls_restr.pdbx_refine_id 
_refine_ls_restr.pdbx_restraint_function 
c_bond_d                0.014 ? ? ? 'X-RAY DIFFRACTION' ? 
c_bond_d_na             ?     ? ? ? 'X-RAY DIFFRACTION' ? 
c_bond_d_prot           ?     ? ? ? 'X-RAY DIFFRACTION' ? 
c_angle_d               ?     ? ? ? 'X-RAY DIFFRACTION' ? 
c_angle_d_na            ?     ? ? ? 'X-RAY DIFFRACTION' ? 
c_angle_d_prot          ?     ? ? ? 'X-RAY DIFFRACTION' ? 
c_angle_deg             1.83  ? ? ? 'X-RAY DIFFRACTION' ? 
c_angle_deg_na          ?     ? ? ? 'X-RAY DIFFRACTION' ? 
c_angle_deg_prot        ?     ? ? ? 'X-RAY DIFFRACTION' ? 
c_dihedral_angle_d      ?     ? ? ? 'X-RAY DIFFRACTION' ? 
c_dihedral_angle_d_na   ?     ? ? ? 'X-RAY DIFFRACTION' ? 
c_dihedral_angle_d_prot ?     ? ? ? 'X-RAY DIFFRACTION' ? 
c_improper_angle_d      ?     ? ? ? 'X-RAY DIFFRACTION' ? 
c_improper_angle_d_na   ?     ? ? ? 'X-RAY DIFFRACTION' ? 
c_improper_angle_d_prot ?     ? ? ? 'X-RAY DIFFRACTION' ? 
c_mcbond_it             2.396 3 ? ? 'X-RAY DIFFRACTION' ? 
c_mcangle_it            3.924 4 ? ? 'X-RAY DIFFRACTION' ? 
c_scbond_it             3.8   4 ? ? 'X-RAY DIFFRACTION' ? 
c_scangle_it            5.443 5 ? ? 'X-RAY DIFFRACTION' ? 
# 
_refine_ls_shell.pdbx_refine_id                   'X-RAY DIFFRACTION' 
_refine_ls_shell.pdbx_total_number_of_bins_used   8 
_refine_ls_shell.d_res_high                       2.5 
_refine_ls_shell.d_res_low                        2.61 
_refine_ls_shell.number_reflns_R_work             913 
_refine_ls_shell.R_factor_R_work                  0.4297 
_refine_ls_shell.percent_reflns_obs               100 
_refine_ls_shell.R_factor_R_free                  0.4421 
_refine_ls_shell.R_factor_R_free_error            0.064 
_refine_ls_shell.percent_reflns_R_free            4.9 
_refine_ls_shell.number_reflns_R_free             48 
_refine_ls_shell.number_reflns_all                ? 
_refine_ls_shell.R_factor_all                     ? 
# 
_pdbx_xplor_file.pdbx_refine_id   'X-RAY DIFFRACTION' 
_pdbx_xplor_file.serial_no        1 
_pdbx_xplor_file.param_file       PROTEIN_REP.PARAM 
_pdbx_xplor_file.topol_file       PROTEIN.TOP 
# 
_struct_ncs_oper.id             1 
_struct_ncs_oper.code           given 
_struct_ncs_oper.details        ? 
_struct_ncs_oper.matrix[1][1]   -0.97266613 
_struct_ncs_oper.matrix[1][2]   -0.01169009 
_struct_ncs_oper.matrix[1][3]   0.23381067 
_struct_ncs_oper.matrix[2][1]   0.04241510 
_struct_ncs_oper.matrix[2][2]   -0.99010429 
_struct_ncs_oper.matrix[2][3]   0.12857780 
_struct_ncs_oper.matrix[3][1]   0.22986111 
_struct_ncs_oper.matrix[3][2]   0.13513756 
_struct_ncs_oper.matrix[3][3]   0.96377042 
_struct_ncs_oper.vector[1]      -0.15527 
_struct_ncs_oper.vector[2]      -0.18162 
_struct_ncs_oper.vector[3]      0.39319 
# 
_struct.entry_id                  2BZY 
_struct.title                     'Homodimer of CrkL-SH3C domain' 
_struct.pdbx_model_details        ? 
_struct.pdbx_CASP_flag            ? 
_struct.pdbx_model_type_details   ? 
# 
_struct_keywords.entry_id        2BZY 
_struct_keywords.pdbx_keywords   'SH3 DOMAIN' 
_struct_keywords.text            'CRK-LIKE, CRKL, SH3 DOMAIN, DIMER, NUCLEAR EXPORT' 
# 
loop_
_struct_asym.id 
_struct_asym.pdbx_blank_PDB_chainid_flag 
_struct_asym.pdbx_modified 
_struct_asym.entity_id 
_struct_asym.details 
A N N 1 ? 
B N N 1 ? 
# 
_struct_ref.id                         1 
_struct_ref.db_name                    UNP 
_struct_ref.db_code                    CRKL_HUMAN 
_struct_ref.entity_id                  1 
_struct_ref.pdbx_seq_one_letter_code   ? 
_struct_ref.pdbx_align_begin           ? 
_struct_ref.pdbx_db_accession          P46109 
_struct_ref.pdbx_db_isoform            ? 
# 
loop_
_struct_ref_seq.align_id 
_struct_ref_seq.ref_id 
_struct_ref_seq.pdbx_PDB_id_code 
_struct_ref_seq.pdbx_strand_id 
_struct_ref_seq.seq_align_beg 
_struct_ref_seq.pdbx_seq_align_beg_ins_code 
_struct_ref_seq.seq_align_end 
_struct_ref_seq.pdbx_seq_align_end_ins_code 
_struct_ref_seq.pdbx_db_accession 
_struct_ref_seq.db_align_beg 
_struct_ref_seq.pdbx_db_align_beg_ins_code 
_struct_ref_seq.db_align_end 
_struct_ref_seq.pdbx_db_align_end_ins_code 
_struct_ref_seq.pdbx_auth_seq_align_beg 
_struct_ref_seq.pdbx_auth_seq_align_end 
1 1 2BZY A 1 ? 67 ? P46109 237 ? 303 ? 1 67 
2 1 2BZY B 1 ? 67 ? P46109 237 ? 303 ? 1 67 
# 
_pdbx_struct_assembly.id                   1 
_pdbx_struct_assembly.details              author_and_software_defined_assembly 
_pdbx_struct_assembly.method_details       PQS 
_pdbx_struct_assembly.oligomeric_details   dimeric 
_pdbx_struct_assembly.oligomeric_count     2 
# 
_pdbx_struct_assembly_gen.assembly_id       1 
_pdbx_struct_assembly_gen.oper_expression   1 
_pdbx_struct_assembly_gen.asym_id_list      A,B 
# 
_pdbx_struct_oper_list.id                   1 
_pdbx_struct_oper_list.type                 'identity operation' 
_pdbx_struct_oper_list.name                 1_555 
_pdbx_struct_oper_list.symmetry_operation   x,y,z 
_pdbx_struct_oper_list.matrix[1][1]         1.0000000000 
_pdbx_struct_oper_list.matrix[1][2]         0.0000000000 
_pdbx_struct_oper_list.matrix[1][3]         0.0000000000 
_pdbx_struct_oper_list.vector[1]            0.0000000000 
_pdbx_struct_oper_list.matrix[2][1]         0.0000000000 
_pdbx_struct_oper_list.matrix[2][2]         1.0000000000 
_pdbx_struct_oper_list.matrix[2][3]         0.0000000000 
_pdbx_struct_oper_list.vector[2]            0.0000000000 
_pdbx_struct_oper_list.matrix[3][1]         0.0000000000 
_pdbx_struct_oper_list.matrix[3][2]         0.0000000000 
_pdbx_struct_oper_list.matrix[3][3]         1.0000000000 
_pdbx_struct_oper_list.vector[3]            0.0000000000 
# 
_struct_biol.id   1 
# 
loop_
_struct_conn.id 
_struct_conn.conn_type_id 
_struct_conn.pdbx_leaving_atom_flag 
_struct_conn.pdbx_PDB_id 
_struct_conn.ptnr1_label_asym_id 
_struct_conn.ptnr1_label_comp_id 
_struct_conn.ptnr1_label_seq_id 
_struct_conn.ptnr1_label_atom_id 
_struct_conn.pdbx_ptnr1_label_alt_id 
_struct_conn.pdbx_ptnr1_PDB_ins_code 
_struct_conn.pdbx_ptnr1_standard_comp_id 
_struct_conn.ptnr1_symmetry 
_struct_conn.ptnr2_label_asym_id 
_struct_conn.ptnr2_label_comp_id 
_struct_conn.ptnr2_label_seq_id 
_struct_conn.ptnr2_label_atom_id 
_struct_conn.pdbx_ptnr2_label_alt_id 
_struct_conn.pdbx_ptnr2_PDB_ins_code 
_struct_conn.ptnr1_auth_asym_id 
_struct_conn.ptnr1_auth_comp_id 
_struct_conn.ptnr1_auth_seq_id 
_struct_conn.ptnr2_auth_asym_id 
_struct_conn.ptnr2_auth_comp_id 
_struct_conn.ptnr2_auth_seq_id 
_struct_conn.ptnr2_symmetry 
_struct_conn.pdbx_ptnr3_label_atom_id 
_struct_conn.pdbx_ptnr3_label_seq_id 
_struct_conn.pdbx_ptnr3_label_comp_id 
_struct_conn.pdbx_ptnr3_label_asym_id 
_struct_conn.pdbx_ptnr3_label_alt_id 
_struct_conn.pdbx_ptnr3_PDB_ins_code 
_struct_conn.details 
_struct_conn.pdbx_dist_value 
_struct_conn.pdbx_value_order 
_struct_conn.pdbx_role 
disulf1 disulf ? ? A CYS 13 SG ? ? ? 1_555 A CYS 13 SG ? ? A CYS 13 A CYS 13 12_565 ? ? ? ? ? ? ? 2.314 ? ? 
disulf2 disulf ? ? B CYS 13 SG ? ? ? 1_555 B CYS 13 SG ? ? B CYS 13 B CYS 13 12_565 ? ? ? ? ? ? ? 2.352 ? ? 
# 
_struct_conn_type.id          disulf 
_struct_conn_type.criteria    ? 
_struct_conn_type.reference   ? 
# 
loop_
_pdbx_modification_feature.ordinal 
_pdbx_modification_feature.label_comp_id 
_pdbx_modification_feature.label_asym_id 
_pdbx_modification_feature.label_seq_id 
_pdbx_modification_feature.label_alt_id 
_pdbx_modification_feature.modified_residue_label_comp_id 
_pdbx_modification_feature.modified_residue_label_asym_id 
_pdbx_modification_feature.modified_residue_label_seq_id 
_pdbx_modification_feature.modified_residue_label_alt_id 
_pdbx_modification_feature.auth_comp_id 
_pdbx_modification_feature.auth_asym_id 
_pdbx_modification_feature.auth_seq_id 
_pdbx_modification_feature.PDB_ins_code 
_pdbx_modification_feature.symmetry 
_pdbx_modification_feature.modified_residue_auth_comp_id 
_pdbx_modification_feature.modified_residue_auth_asym_id 
_pdbx_modification_feature.modified_residue_auth_seq_id 
_pdbx_modification_feature.modified_residue_PDB_ins_code 
_pdbx_modification_feature.modified_residue_symmetry 
_pdbx_modification_feature.comp_id_linking_atom 
_pdbx_modification_feature.modified_residue_id_linking_atom 
_pdbx_modification_feature.modified_residue_id 
_pdbx_modification_feature.ref_pcm_id 
_pdbx_modification_feature.ref_comp_id 
_pdbx_modification_feature.type 
_pdbx_modification_feature.category 
1 CYS A 13 ? CYS A 13 ? CYS A 13 ? 1_555 CYS A 13 ? 12_565 SG SG . . . None 'Disulfide bridge' 
2 CYS B 13 ? CYS B 13 ? CYS B 13 ? 1_555 CYS B 13 ? 12_565 SG SG . . . None 'Disulfide bridge' 
# 
loop_
_struct_sheet.id 
_struct_sheet.type 
_struct_sheet.number_strands 
_struct_sheet.details 
BA ? 5 ? 
AA ? 2 ? 
AB ? 5 ? 
# 
loop_
_struct_sheet_order.sheet_id 
_struct_sheet_order.range_id_1 
_struct_sheet_order.range_id_2 
_struct_sheet_order.offset 
_struct_sheet_order.sense 
BA 1 2 ? anti-parallel 
BA 2 3 ? anti-parallel 
BA 3 4 ? anti-parallel 
BA 4 5 ? anti-parallel 
AA 1 2 ? anti-parallel 
AB 1 2 ? anti-parallel 
AB 2 3 ? anti-parallel 
AB 3 4 ? anti-parallel 
AB 4 5 ? anti-parallel 
# 
loop_
_struct_sheet_range.sheet_id 
_struct_sheet_range.id 
_struct_sheet_range.beg_label_comp_id 
_struct_sheet_range.beg_label_asym_id 
_struct_sheet_range.beg_label_seq_id 
_struct_sheet_range.pdbx_beg_PDB_ins_code 
_struct_sheet_range.end_label_comp_id 
_struct_sheet_range.end_label_asym_id 
_struct_sheet_range.end_label_seq_id 
_struct_sheet_range.pdbx_end_PDB_ins_code 
_struct_sheet_range.beg_auth_comp_id 
_struct_sheet_range.beg_auth_asym_id 
_struct_sheet_range.beg_auth_seq_id 
_struct_sheet_range.end_auth_comp_id 
_struct_sheet_range.end_auth_asym_id 
_struct_sheet_range.end_auth_seq_id 
BA 1 ARG B 46 ? PRO B 51 ? ARG B 46 PRO B 51 
BA 2 GLN B 38 ? VAL B 43 ? GLN B 38 VAL B 43 
BA 3 ILE B 27 ? ARG B 32 ? ILE B 27 ARG B 32 
BA 4 VAL A 2  ? ALA A 6  ? VAL A 2  ALA A 6  
BA 5 VAL B 55 ? ILE B 57 ? VAL B 55 ILE B 57 
AA 1 CYS A 13 ? TYR A 15 ? CYS A 13 TYR A 15 
AA 2 CYS B 13 ? TYR B 15 ? CYS B 13 TYR B 15 
AB 1 ARG A 46 ? PRO A 51 ? ARG A 46 PRO A 51 
AB 2 GLN A 38 ? VAL A 43 ? GLN A 38 VAL A 43 
AB 3 ILE A 27 ? MET A 33 ? ILE A 27 MET A 33 
AB 4 VAL B 2  ? ALA B 6  ? VAL B 2  ALA B 6  
AB 5 VAL A 55 ? ILE A 57 ? VAL A 55 ILE A 57 
# 
loop_
_pdbx_struct_sheet_hbond.sheet_id 
_pdbx_struct_sheet_hbond.range_id_1 
_pdbx_struct_sheet_hbond.range_id_2 
_pdbx_struct_sheet_hbond.range_1_label_atom_id 
_pdbx_struct_sheet_hbond.range_1_label_comp_id 
_pdbx_struct_sheet_hbond.range_1_label_asym_id 
_pdbx_struct_sheet_hbond.range_1_label_seq_id 
_pdbx_struct_sheet_hbond.range_1_PDB_ins_code 
_pdbx_struct_sheet_hbond.range_1_auth_atom_id 
_pdbx_struct_sheet_hbond.range_1_auth_comp_id 
_pdbx_struct_sheet_hbond.range_1_auth_asym_id 
_pdbx_struct_sheet_hbond.range_1_auth_seq_id 
_pdbx_struct_sheet_hbond.range_2_label_atom_id 
_pdbx_struct_sheet_hbond.range_2_label_comp_id 
_pdbx_struct_sheet_hbond.range_2_label_asym_id 
_pdbx_struct_sheet_hbond.range_2_label_seq_id 
_pdbx_struct_sheet_hbond.range_2_PDB_ins_code 
_pdbx_struct_sheet_hbond.range_2_auth_atom_id 
_pdbx_struct_sheet_hbond.range_2_auth_comp_id 
_pdbx_struct_sheet_hbond.range_2_auth_asym_id 
_pdbx_struct_sheet_hbond.range_2_auth_seq_id 
BA 1 2 N PHE B 50 ? N PHE B 50 O TRP B 39 ? O TRP B 39 
BA 2 3 N GLU B 42 ? N GLU B 42 O LYS B 29 ? O LYS B 29 
BA 3 4 N VAL B 30 ? N VAL B 30 O VAL A 2  ? O VAL A 2  
BA 4 5 N LYS A 5  ? N LYS A 5  O LYS B 56 ? O LYS B 56 
AA 1 2 N ALA A 14 ? N ALA A 14 O ALA B 14 ? O ALA B 14 
AB 1 2 N PHE A 50 ? N PHE A 50 O TRP A 39 ? O TRP A 39 
AB 2 3 N GLU A 42 ? N GLU A 42 O LYS A 29 ? O LYS A 29 
AB 3 4 N VAL A 30 ? N VAL A 30 O VAL B 2  ? O VAL B 2  
AB 4 5 N LYS B 5  ? N LYS B 5  O LYS A 56 ? O LYS A 56 
# 
_pdbx_entry_details.entry_id                   2BZY 
_pdbx_entry_details.compound_details           'POSSIBLE MEDIATION IN TRANSDUCTION OF INTRACELLULAR SIGNALS' 
_pdbx_entry_details.source_details             ? 
_pdbx_entry_details.nonpolymer_details         ? 
_pdbx_entry_details.sequence_details           ? 
_pdbx_entry_details.has_ligand_of_interest     ? 
_pdbx_entry_details.has_protein_modification   Y 
# 
loop_
_pdbx_validate_torsion.id 
_pdbx_validate_torsion.PDB_model_num 
_pdbx_validate_torsion.auth_comp_id 
_pdbx_validate_torsion.auth_asym_id 
_pdbx_validate_torsion.auth_seq_id 
_pdbx_validate_torsion.PDB_ins_code 
_pdbx_validate_torsion.label_alt_id 
_pdbx_validate_torsion.phi 
_pdbx_validate_torsion.psi 
1 1 PRO A 12 ? ? -70.68  21.12   
2 1 ASN A 44 ? ? 65.19   -122.91 
3 1 ASN A 62 ? ? 79.13   -62.28  
4 1 PRO B 12 ? ? -80.23  31.37   
5 1 ILE B 35 ? ? -102.83 70.27   
6 1 ASN B 44 ? ? 59.01   -137.60 
7 1 PRO B 60 ? ? -34.03  -30.70  
8 1 ASN B 62 ? ? 41.87   179.16  
# 
loop_
_pdbx_unobs_or_zero_occ_residues.id 
_pdbx_unobs_or_zero_occ_residues.PDB_model_num 
_pdbx_unobs_or_zero_occ_residues.polymer_flag 
_pdbx_unobs_or_zero_occ_residues.occupancy_flag 
_pdbx_unobs_or_zero_occ_residues.auth_asym_id 
_pdbx_unobs_or_zero_occ_residues.auth_comp_id 
_pdbx_unobs_or_zero_occ_residues.auth_seq_id 
_pdbx_unobs_or_zero_occ_residues.PDB_ins_code 
_pdbx_unobs_or_zero_occ_residues.label_asym_id 
_pdbx_unobs_or_zero_occ_residues.label_comp_id 
_pdbx_unobs_or_zero_occ_residues.label_seq_id 
1 1 Y 1 A ASP 64 ? A ASP 64 
2 1 Y 1 A GLU 65 ? A GLU 65 
3 1 Y 1 A ASN 66 ? A ASN 66 
4 1 Y 1 A GLU 67 ? A GLU 67 
5 1 Y 1 B ASP 64 ? B ASP 64 
6 1 Y 1 B GLU 65 ? B GLU 65 
7 1 Y 1 B ASN 66 ? B ASN 66 
8 1 Y 1 B GLU 67 ? B GLU 67 
# 
loop_
_chem_comp_atom.comp_id 
_chem_comp_atom.atom_id 
_chem_comp_atom.type_symbol 
_chem_comp_atom.pdbx_aromatic_flag 
_chem_comp_atom.pdbx_stereo_config 
_chem_comp_atom.pdbx_ordinal 
ALA N    N N N 1   
ALA CA   C N S 2   
ALA C    C N N 3   
ALA O    O N N 4   
ALA CB   C N N 5   
ALA OXT  O N N 6   
ALA H    H N N 7   
ALA H2   H N N 8   
ALA HA   H N N 9   
ALA HB1  H N N 10  
ALA HB2  H N N 11  
ALA HB3  H N N 12  
ALA HXT  H N N 13  
ARG N    N N N 14  
ARG CA   C N S 15  
ARG C    C N N 16  
ARG O    O N N 17  
ARG CB   C N N 18  
ARG CG   C N N 19  
ARG CD   C N N 20  
ARG NE   N N N 21  
ARG CZ   C N N 22  
ARG NH1  N N N 23  
ARG NH2  N N N 24  
ARG OXT  O N N 25  
ARG H    H N N 26  
ARG H2   H N N 27  
ARG HA   H N N 28  
ARG HB2  H N N 29  
ARG HB3  H N N 30  
ARG HG2  H N N 31  
ARG HG3  H N N 32  
ARG HD2  H N N 33  
ARG HD3  H N N 34  
ARG HE   H N N 35  
ARG HH11 H N N 36  
ARG HH12 H N N 37  
ARG HH21 H N N 38  
ARG HH22 H N N 39  
ARG HXT  H N N 40  
ASN N    N N N 41  
ASN CA   C N S 42  
ASN C    C N N 43  
ASN O    O N N 44  
ASN CB   C N N 45  
ASN CG   C N N 46  
ASN OD1  O N N 47  
ASN ND2  N N N 48  
ASN OXT  O N N 49  
ASN H    H N N 50  
ASN H2   H N N 51  
ASN HA   H N N 52  
ASN HB2  H N N 53  
ASN HB3  H N N 54  
ASN HD21 H N N 55  
ASN HD22 H N N 56  
ASN HXT  H N N 57  
ASP N    N N N 58  
ASP CA   C N S 59  
ASP C    C N N 60  
ASP O    O N N 61  
ASP CB   C N N 62  
ASP CG   C N N 63  
ASP OD1  O N N 64  
ASP OD2  O N N 65  
ASP OXT  O N N 66  
ASP H    H N N 67  
ASP H2   H N N 68  
ASP HA   H N N 69  
ASP HB2  H N N 70  
ASP HB3  H N N 71  
ASP HD2  H N N 72  
ASP HXT  H N N 73  
CYS N    N N N 74  
CYS CA   C N R 75  
CYS C    C N N 76  
CYS O    O N N 77  
CYS CB   C N N 78  
CYS SG   S N N 79  
CYS OXT  O N N 80  
CYS H    H N N 81  
CYS H2   H N N 82  
CYS HA   H N N 83  
CYS HB2  H N N 84  
CYS HB3  H N N 85  
CYS HG   H N N 86  
CYS HXT  H N N 87  
GLN N    N N N 88  
GLN CA   C N S 89  
GLN C    C N N 90  
GLN O    O N N 91  
GLN CB   C N N 92  
GLN CG   C N N 93  
GLN CD   C N N 94  
GLN OE1  O N N 95  
GLN NE2  N N N 96  
GLN OXT  O N N 97  
GLN H    H N N 98  
GLN H2   H N N 99  
GLN HA   H N N 100 
GLN HB2  H N N 101 
GLN HB3  H N N 102 
GLN HG2  H N N 103 
GLN HG3  H N N 104 
GLN HE21 H N N 105 
GLN HE22 H N N 106 
GLN HXT  H N N 107 
GLU N    N N N 108 
GLU CA   C N S 109 
GLU C    C N N 110 
GLU O    O N N 111 
GLU CB   C N N 112 
GLU CG   C N N 113 
GLU CD   C N N 114 
GLU OE1  O N N 115 
GLU OE2  O N N 116 
GLU OXT  O N N 117 
GLU H    H N N 118 
GLU H2   H N N 119 
GLU HA   H N N 120 
GLU HB2  H N N 121 
GLU HB3  H N N 122 
GLU HG2  H N N 123 
GLU HG3  H N N 124 
GLU HE2  H N N 125 
GLU HXT  H N N 126 
GLY N    N N N 127 
GLY CA   C N N 128 
GLY C    C N N 129 
GLY O    O N N 130 
GLY OXT  O N N 131 
GLY H    H N N 132 
GLY H2   H N N 133 
GLY HA2  H N N 134 
GLY HA3  H N N 135 
GLY HXT  H N N 136 
HIS N    N N N 137 
HIS CA   C N S 138 
HIS C    C N N 139 
HIS O    O N N 140 
HIS CB   C N N 141 
HIS CG   C Y N 142 
HIS ND1  N Y N 143 
HIS CD2  C Y N 144 
HIS CE1  C Y N 145 
HIS NE2  N Y N 146 
HIS OXT  O N N 147 
HIS H    H N N 148 
HIS H2   H N N 149 
HIS HA   H N N 150 
HIS HB2  H N N 151 
HIS HB3  H N N 152 
HIS HD1  H N N 153 
HIS HD2  H N N 154 
HIS HE1  H N N 155 
HIS HE2  H N N 156 
HIS HXT  H N N 157 
ILE N    N N N 158 
ILE CA   C N S 159 
ILE C    C N N 160 
ILE O    O N N 161 
ILE CB   C N S 162 
ILE CG1  C N N 163 
ILE CG2  C N N 164 
ILE CD1  C N N 165 
ILE OXT  O N N 166 
ILE H    H N N 167 
ILE H2   H N N 168 
ILE HA   H N N 169 
ILE HB   H N N 170 
ILE HG12 H N N 171 
ILE HG13 H N N 172 
ILE HG21 H N N 173 
ILE HG22 H N N 174 
ILE HG23 H N N 175 
ILE HD11 H N N 176 
ILE HD12 H N N 177 
ILE HD13 H N N 178 
ILE HXT  H N N 179 
LEU N    N N N 180 
LEU CA   C N S 181 
LEU C    C N N 182 
LEU O    O N N 183 
LEU CB   C N N 184 
LEU CG   C N N 185 
LEU CD1  C N N 186 
LEU CD2  C N N 187 
LEU OXT  O N N 188 
LEU H    H N N 189 
LEU H2   H N N 190 
LEU HA   H N N 191 
LEU HB2  H N N 192 
LEU HB3  H N N 193 
LEU HG   H N N 194 
LEU HD11 H N N 195 
LEU HD12 H N N 196 
LEU HD13 H N N 197 
LEU HD21 H N N 198 
LEU HD22 H N N 199 
LEU HD23 H N N 200 
LEU HXT  H N N 201 
LYS N    N N N 202 
LYS CA   C N S 203 
LYS C    C N N 204 
LYS O    O N N 205 
LYS CB   C N N 206 
LYS CG   C N N 207 
LYS CD   C N N 208 
LYS CE   C N N 209 
LYS NZ   N N N 210 
LYS OXT  O N N 211 
LYS H    H N N 212 
LYS H2   H N N 213 
LYS HA   H N N 214 
LYS HB2  H N N 215 
LYS HB3  H N N 216 
LYS HG2  H N N 217 
LYS HG3  H N N 218 
LYS HD2  H N N 219 
LYS HD3  H N N 220 
LYS HE2  H N N 221 
LYS HE3  H N N 222 
LYS HZ1  H N N 223 
LYS HZ2  H N N 224 
LYS HZ3  H N N 225 
LYS HXT  H N N 226 
MET N    N N N 227 
MET CA   C N S 228 
MET C    C N N 229 
MET O    O N N 230 
MET CB   C N N 231 
MET CG   C N N 232 
MET SD   S N N 233 
MET CE   C N N 234 
MET OXT  O N N 235 
MET H    H N N 236 
MET H2   H N N 237 
MET HA   H N N 238 
MET HB2  H N N 239 
MET HB3  H N N 240 
MET HG2  H N N 241 
MET HG3  H N N 242 
MET HE1  H N N 243 
MET HE2  H N N 244 
MET HE3  H N N 245 
MET HXT  H N N 246 
PHE N    N N N 247 
PHE CA   C N S 248 
PHE C    C N N 249 
PHE O    O N N 250 
PHE CB   C N N 251 
PHE CG   C Y N 252 
PHE CD1  C Y N 253 
PHE CD2  C Y N 254 
PHE CE1  C Y N 255 
PHE CE2  C Y N 256 
PHE CZ   C Y N 257 
PHE OXT  O N N 258 
PHE H    H N N 259 
PHE H2   H N N 260 
PHE HA   H N N 261 
PHE HB2  H N N 262 
PHE HB3  H N N 263 
PHE HD1  H N N 264 
PHE HD2  H N N 265 
PHE HE1  H N N 266 
PHE HE2  H N N 267 
PHE HZ   H N N 268 
PHE HXT  H N N 269 
PRO N    N N N 270 
PRO CA   C N S 271 
PRO C    C N N 272 
PRO O    O N N 273 
PRO CB   C N N 274 
PRO CG   C N N 275 
PRO CD   C N N 276 
PRO OXT  O N N 277 
PRO H    H N N 278 
PRO HA   H N N 279 
PRO HB2  H N N 280 
PRO HB3  H N N 281 
PRO HG2  H N N 282 
PRO HG3  H N N 283 
PRO HD2  H N N 284 
PRO HD3  H N N 285 
PRO HXT  H N N 286 
THR N    N N N 287 
THR CA   C N S 288 
THR C    C N N 289 
THR O    O N N 290 
THR CB   C N R 291 
THR OG1  O N N 292 
THR CG2  C N N 293 
THR OXT  O N N 294 
THR H    H N N 295 
THR H2   H N N 296 
THR HA   H N N 297 
THR HB   H N N 298 
THR HG1  H N N 299 
THR HG21 H N N 300 
THR HG22 H N N 301 
THR HG23 H N N 302 
THR HXT  H N N 303 
TRP N    N N N 304 
TRP CA   C N S 305 
TRP C    C N N 306 
TRP O    O N N 307 
TRP CB   C N N 308 
TRP CG   C Y N 309 
TRP CD1  C Y N 310 
TRP CD2  C Y N 311 
TRP NE1  N Y N 312 
TRP CE2  C Y N 313 
TRP CE3  C Y N 314 
TRP CZ2  C Y N 315 
TRP CZ3  C Y N 316 
TRP CH2  C Y N 317 
TRP OXT  O N N 318 
TRP H    H N N 319 
TRP H2   H N N 320 
TRP HA   H N N 321 
TRP HB2  H N N 322 
TRP HB3  H N N 323 
TRP HD1  H N N 324 
TRP HE1  H N N 325 
TRP HE3  H N N 326 
TRP HZ2  H N N 327 
TRP HZ3  H N N 328 
TRP HH2  H N N 329 
TRP HXT  H N N 330 
TYR N    N N N 331 
TYR CA   C N S 332 
TYR C    C N N 333 
TYR O    O N N 334 
TYR CB   C N N 335 
TYR CG   C Y N 336 
TYR CD1  C Y N 337 
TYR CD2  C Y N 338 
TYR CE1  C Y N 339 
TYR CE2  C Y N 340 
TYR CZ   C Y N 341 
TYR OH   O N N 342 
TYR OXT  O N N 343 
TYR H    H N N 344 
TYR H2   H N N 345 
TYR HA   H N N 346 
TYR HB2  H N N 347 
TYR HB3  H N N 348 
TYR HD1  H N N 349 
TYR HD2  H N N 350 
TYR HE1  H N N 351 
TYR HE2  H N N 352 
TYR HH   H N N 353 
TYR HXT  H N N 354 
VAL N    N N N 355 
VAL CA   C N S 356 
VAL C    C N N 357 
VAL O    O N N 358 
VAL CB   C N N 359 
VAL CG1  C N N 360 
VAL CG2  C N N 361 
VAL OXT  O N N 362 
VAL H    H N N 363 
VAL H2   H N N 364 
VAL HA   H N N 365 
VAL HB   H N N 366 
VAL HG11 H N N 367 
VAL HG12 H N N 368 
VAL HG13 H N N 369 
VAL HG21 H N N 370 
VAL HG22 H N N 371 
VAL HG23 H N N 372 
VAL HXT  H N N 373 
# 
loop_
_chem_comp_bond.comp_id 
_chem_comp_bond.atom_id_1 
_chem_comp_bond.atom_id_2 
_chem_comp_bond.value_order 
_chem_comp_bond.pdbx_aromatic_flag 
_chem_comp_bond.pdbx_stereo_config 
_chem_comp_bond.pdbx_ordinal 
ALA N   CA   sing N N 1   
ALA N   H    sing N N 2   
ALA N   H2   sing N N 3   
ALA CA  C    sing N N 4   
ALA CA  CB   sing N N 5   
ALA CA  HA   sing N N 6   
ALA C   O    doub N N 7   
ALA C   OXT  sing N N 8   
ALA CB  HB1  sing N N 9   
ALA CB  HB2  sing N N 10  
ALA CB  HB3  sing N N 11  
ALA OXT HXT  sing N N 12  
ARG N   CA   sing N N 13  
ARG N   H    sing N N 14  
ARG N   H2   sing N N 15  
ARG CA  C    sing N N 16  
ARG CA  CB   sing N N 17  
ARG CA  HA   sing N N 18  
ARG C   O    doub N N 19  
ARG C   OXT  sing N N 20  
ARG CB  CG   sing N N 21  
ARG CB  HB2  sing N N 22  
ARG CB  HB3  sing N N 23  
ARG CG  CD   sing N N 24  
ARG CG  HG2  sing N N 25  
ARG CG  HG3  sing N N 26  
ARG CD  NE   sing N N 27  
ARG CD  HD2  sing N N 28  
ARG CD  HD3  sing N N 29  
ARG NE  CZ   sing N N 30  
ARG NE  HE   sing N N 31  
ARG CZ  NH1  sing N N 32  
ARG CZ  NH2  doub N N 33  
ARG NH1 HH11 sing N N 34  
ARG NH1 HH12 sing N N 35  
ARG NH2 HH21 sing N N 36  
ARG NH2 HH22 sing N N 37  
ARG OXT HXT  sing N N 38  
ASN N   CA   sing N N 39  
ASN N   H    sing N N 40  
ASN N   H2   sing N N 41  
ASN CA  C    sing N N 42  
ASN CA  CB   sing N N 43  
ASN CA  HA   sing N N 44  
ASN C   O    doub N N 45  
ASN C   OXT  sing N N 46  
ASN CB  CG   sing N N 47  
ASN CB  HB2  sing N N 48  
ASN CB  HB3  sing N N 49  
ASN CG  OD1  doub N N 50  
ASN CG  ND2  sing N N 51  
ASN ND2 HD21 sing N N 52  
ASN ND2 HD22 sing N N 53  
ASN OXT HXT  sing N N 54  
ASP N   CA   sing N N 55  
ASP N   H    sing N N 56  
ASP N   H2   sing N N 57  
ASP CA  C    sing N N 58  
ASP CA  CB   sing N N 59  
ASP CA  HA   sing N N 60  
ASP C   O    doub N N 61  
ASP C   OXT  sing N N 62  
ASP CB  CG   sing N N 63  
ASP CB  HB2  sing N N 64  
ASP CB  HB3  sing N N 65  
ASP CG  OD1  doub N N 66  
ASP CG  OD2  sing N N 67  
ASP OD2 HD2  sing N N 68  
ASP OXT HXT  sing N N 69  
CYS N   CA   sing N N 70  
CYS N   H    sing N N 71  
CYS N   H2   sing N N 72  
CYS CA  C    sing N N 73  
CYS CA  CB   sing N N 74  
CYS CA  HA   sing N N 75  
CYS C   O    doub N N 76  
CYS C   OXT  sing N N 77  
CYS CB  SG   sing N N 78  
CYS CB  HB2  sing N N 79  
CYS CB  HB3  sing N N 80  
CYS SG  HG   sing N N 81  
CYS OXT HXT  sing N N 82  
GLN N   CA   sing N N 83  
GLN N   H    sing N N 84  
GLN N   H2   sing N N 85  
GLN CA  C    sing N N 86  
GLN CA  CB   sing N N 87  
GLN CA  HA   sing N N 88  
GLN C   O    doub N N 89  
GLN C   OXT  sing N N 90  
GLN CB  CG   sing N N 91  
GLN CB  HB2  sing N N 92  
GLN CB  HB3  sing N N 93  
GLN CG  CD   sing N N 94  
GLN CG  HG2  sing N N 95  
GLN CG  HG3  sing N N 96  
GLN CD  OE1  doub N N 97  
GLN CD  NE2  sing N N 98  
GLN NE2 HE21 sing N N 99  
GLN NE2 HE22 sing N N 100 
GLN OXT HXT  sing N N 101 
GLU N   CA   sing N N 102 
GLU N   H    sing N N 103 
GLU N   H2   sing N N 104 
GLU CA  C    sing N N 105 
GLU CA  CB   sing N N 106 
GLU CA  HA   sing N N 107 
GLU C   O    doub N N 108 
GLU C   OXT  sing N N 109 
GLU CB  CG   sing N N 110 
GLU CB  HB2  sing N N 111 
GLU CB  HB3  sing N N 112 
GLU CG  CD   sing N N 113 
GLU CG  HG2  sing N N 114 
GLU CG  HG3  sing N N 115 
GLU CD  OE1  doub N N 116 
GLU CD  OE2  sing N N 117 
GLU OE2 HE2  sing N N 118 
GLU OXT HXT  sing N N 119 
GLY N   CA   sing N N 120 
GLY N   H    sing N N 121 
GLY N   H2   sing N N 122 
GLY CA  C    sing N N 123 
GLY CA  HA2  sing N N 124 
GLY CA  HA3  sing N N 125 
GLY C   O    doub N N 126 
GLY C   OXT  sing N N 127 
GLY OXT HXT  sing N N 128 
HIS N   CA   sing N N 129 
HIS N   H    sing N N 130 
HIS N   H2   sing N N 131 
HIS CA  C    sing N N 132 
HIS CA  CB   sing N N 133 
HIS CA  HA   sing N N 134 
HIS C   O    doub N N 135 
HIS C   OXT  sing N N 136 
HIS CB  CG   sing N N 137 
HIS CB  HB2  sing N N 138 
HIS CB  HB3  sing N N 139 
HIS CG  ND1  sing Y N 140 
HIS CG  CD2  doub Y N 141 
HIS ND1 CE1  doub Y N 142 
HIS ND1 HD1  sing N N 143 
HIS CD2 NE2  sing Y N 144 
HIS CD2 HD2  sing N N 145 
HIS CE1 NE2  sing Y N 146 
HIS CE1 HE1  sing N N 147 
HIS NE2 HE2  sing N N 148 
HIS OXT HXT  sing N N 149 
ILE N   CA   sing N N 150 
ILE N   H    sing N N 151 
ILE N   H2   sing N N 152 
ILE CA  C    sing N N 153 
ILE CA  CB   sing N N 154 
ILE CA  HA   sing N N 155 
ILE C   O    doub N N 156 
ILE C   OXT  sing N N 157 
ILE CB  CG1  sing N N 158 
ILE CB  CG2  sing N N 159 
ILE CB  HB   sing N N 160 
ILE CG1 CD1  sing N N 161 
ILE CG1 HG12 sing N N 162 
ILE CG1 HG13 sing N N 163 
ILE CG2 HG21 sing N N 164 
ILE CG2 HG22 sing N N 165 
ILE CG2 HG23 sing N N 166 
ILE CD1 HD11 sing N N 167 
ILE CD1 HD12 sing N N 168 
ILE CD1 HD13 sing N N 169 
ILE OXT HXT  sing N N 170 
LEU N   CA   sing N N 171 
LEU N   H    sing N N 172 
LEU N   H2   sing N N 173 
LEU CA  C    sing N N 174 
LEU CA  CB   sing N N 175 
LEU CA  HA   sing N N 176 
LEU C   O    doub N N 177 
LEU C   OXT  sing N N 178 
LEU CB  CG   sing N N 179 
LEU CB  HB2  sing N N 180 
LEU CB  HB3  sing N N 181 
LEU CG  CD1  sing N N 182 
LEU CG  CD2  sing N N 183 
LEU CG  HG   sing N N 184 
LEU CD1 HD11 sing N N 185 
LEU CD1 HD12 sing N N 186 
LEU CD1 HD13 sing N N 187 
LEU CD2 HD21 sing N N 188 
LEU CD2 HD22 sing N N 189 
LEU CD2 HD23 sing N N 190 
LEU OXT HXT  sing N N 191 
LYS N   CA   sing N N 192 
LYS N   H    sing N N 193 
LYS N   H2   sing N N 194 
LYS CA  C    sing N N 195 
LYS CA  CB   sing N N 196 
LYS CA  HA   sing N N 197 
LYS C   O    doub N N 198 
LYS C   OXT  sing N N 199 
LYS CB  CG   sing N N 200 
LYS CB  HB2  sing N N 201 
LYS CB  HB3  sing N N 202 
LYS CG  CD   sing N N 203 
LYS CG  HG2  sing N N 204 
LYS CG  HG3  sing N N 205 
LYS CD  CE   sing N N 206 
LYS CD  HD2  sing N N 207 
LYS CD  HD3  sing N N 208 
LYS CE  NZ   sing N N 209 
LYS CE  HE2  sing N N 210 
LYS CE  HE3  sing N N 211 
LYS NZ  HZ1  sing N N 212 
LYS NZ  HZ2  sing N N 213 
LYS NZ  HZ3  sing N N 214 
LYS OXT HXT  sing N N 215 
MET N   CA   sing N N 216 
MET N   H    sing N N 217 
MET N   H2   sing N N 218 
MET CA  C    sing N N 219 
MET CA  CB   sing N N 220 
MET CA  HA   sing N N 221 
MET C   O    doub N N 222 
MET C   OXT  sing N N 223 
MET CB  CG   sing N N 224 
MET CB  HB2  sing N N 225 
MET CB  HB3  sing N N 226 
MET CG  SD   sing N N 227 
MET CG  HG2  sing N N 228 
MET CG  HG3  sing N N 229 
MET SD  CE   sing N N 230 
MET CE  HE1  sing N N 231 
MET CE  HE2  sing N N 232 
MET CE  HE3  sing N N 233 
MET OXT HXT  sing N N 234 
PHE N   CA   sing N N 235 
PHE N   H    sing N N 236 
PHE N   H2   sing N N 237 
PHE CA  C    sing N N 238 
PHE CA  CB   sing N N 239 
PHE CA  HA   sing N N 240 
PHE C   O    doub N N 241 
PHE C   OXT  sing N N 242 
PHE CB  CG   sing N N 243 
PHE CB  HB2  sing N N 244 
PHE CB  HB3  sing N N 245 
PHE CG  CD1  doub Y N 246 
PHE CG  CD2  sing Y N 247 
PHE CD1 CE1  sing Y N 248 
PHE CD1 HD1  sing N N 249 
PHE CD2 CE2  doub Y N 250 
PHE CD2 HD2  sing N N 251 
PHE CE1 CZ   doub Y N 252 
PHE CE1 HE1  sing N N 253 
PHE CE2 CZ   sing Y N 254 
PHE CE2 HE2  sing N N 255 
PHE CZ  HZ   sing N N 256 
PHE OXT HXT  sing N N 257 
PRO N   CA   sing N N 258 
PRO N   CD   sing N N 259 
PRO N   H    sing N N 260 
PRO CA  C    sing N N 261 
PRO CA  CB   sing N N 262 
PRO CA  HA   sing N N 263 
PRO C   O    doub N N 264 
PRO C   OXT  sing N N 265 
PRO CB  CG   sing N N 266 
PRO CB  HB2  sing N N 267 
PRO CB  HB3  sing N N 268 
PRO CG  CD   sing N N 269 
PRO CG  HG2  sing N N 270 
PRO CG  HG3  sing N N 271 
PRO CD  HD2  sing N N 272 
PRO CD  HD3  sing N N 273 
PRO OXT HXT  sing N N 274 
THR N   CA   sing N N 275 
THR N   H    sing N N 276 
THR N   H2   sing N N 277 
THR CA  C    sing N N 278 
THR CA  CB   sing N N 279 
THR CA  HA   sing N N 280 
THR C   O    doub N N 281 
THR C   OXT  sing N N 282 
THR CB  OG1  sing N N 283 
THR CB  CG2  sing N N 284 
THR CB  HB   sing N N 285 
THR OG1 HG1  sing N N 286 
THR CG2 HG21 sing N N 287 
THR CG2 HG22 sing N N 288 
THR CG2 HG23 sing N N 289 
THR OXT HXT  sing N N 290 
TRP N   CA   sing N N 291 
TRP N   H    sing N N 292 
TRP N   H2   sing N N 293 
TRP CA  C    sing N N 294 
TRP CA  CB   sing N N 295 
TRP CA  HA   sing N N 296 
TRP C   O    doub N N 297 
TRP C   OXT  sing N N 298 
TRP CB  CG   sing N N 299 
TRP CB  HB2  sing N N 300 
TRP CB  HB3  sing N N 301 
TRP CG  CD1  doub Y N 302 
TRP CG  CD2  sing Y N 303 
TRP CD1 NE1  sing Y N 304 
TRP CD1 HD1  sing N N 305 
TRP CD2 CE2  doub Y N 306 
TRP CD2 CE3  sing Y N 307 
TRP NE1 CE2  sing Y N 308 
TRP NE1 HE1  sing N N 309 
TRP CE2 CZ2  sing Y N 310 
TRP CE3 CZ3  doub Y N 311 
TRP CE3 HE3  sing N N 312 
TRP CZ2 CH2  doub Y N 313 
TRP CZ2 HZ2  sing N N 314 
TRP CZ3 CH2  sing Y N 315 
TRP CZ3 HZ3  sing N N 316 
TRP CH2 HH2  sing N N 317 
TRP OXT HXT  sing N N 318 
TYR N   CA   sing N N 319 
TYR N   H    sing N N 320 
TYR N   H2   sing N N 321 
TYR CA  C    sing N N 322 
TYR CA  CB   sing N N 323 
TYR CA  HA   sing N N 324 
TYR C   O    doub N N 325 
TYR C   OXT  sing N N 326 
TYR CB  CG   sing N N 327 
TYR CB  HB2  sing N N 328 
TYR CB  HB3  sing N N 329 
TYR CG  CD1  doub Y N 330 
TYR CG  CD2  sing Y N 331 
TYR CD1 CE1  sing Y N 332 
TYR CD1 HD1  sing N N 333 
TYR CD2 CE2  doub Y N 334 
TYR CD2 HD2  sing N N 335 
TYR CE1 CZ   doub Y N 336 
TYR CE1 HE1  sing N N 337 
TYR CE2 CZ   sing Y N 338 
TYR CE2 HE2  sing N N 339 
TYR CZ  OH   sing N N 340 
TYR OH  HH   sing N N 341 
TYR OXT HXT  sing N N 342 
VAL N   CA   sing N N 343 
VAL N   H    sing N N 344 
VAL N   H2   sing N N 345 
VAL CA  C    sing N N 346 
VAL CA  CB   sing N N 347 
VAL CA  HA   sing N N 348 
VAL C   O    doub N N 349 
VAL C   OXT  sing N N 350 
VAL CB  CG1  sing N N 351 
VAL CB  CG2  sing N N 352 
VAL CB  HB   sing N N 353 
VAL CG1 HG11 sing N N 354 
VAL CG1 HG12 sing N N 355 
VAL CG1 HG13 sing N N 356 
VAL CG2 HG21 sing N N 357 
VAL CG2 HG22 sing N N 358 
VAL CG2 HG23 sing N N 359 
VAL OXT HXT  sing N N 360 
# 
_pdbx_initial_refinement_model.id               1 
_pdbx_initial_refinement_model.entity_id_list   ? 
_pdbx_initial_refinement_model.type             'experimental model' 
_pdbx_initial_refinement_model.source_name      PDB 
_pdbx_initial_refinement_model.accession_code   2BZX 
_pdbx_initial_refinement_model.details          'PDB ENTRY 2BZX' 
# 
_atom_sites.entry_id                    2BZY 
_atom_sites.fract_transf_matrix[1][1]   -0.00330604 
_atom_sites.fract_transf_matrix[1][2]   0.01584615 
_atom_sites.fract_transf_matrix[1][3]   -0.00036256 
_atom_sites.fract_transf_matrix[2][1]   0.00774208 
_atom_sites.fract_transf_matrix[2][2]   0.01011610 
_atom_sites.fract_transf_matrix[2][3]   0.00999366 
_atom_sites.fract_transf_matrix[3][1]   0.00487377 
_atom_sites.fract_transf_matrix[3][2]   0.00090938 
_atom_sites.fract_transf_matrix[3][3]   -0.00469623 
_atom_sites.fract_transf_vector[1]      0.550155 
_atom_sites.fract_transf_vector[2]      0.720794 
_atom_sites.fract_transf_vector[3]      0.102541 
# 
loop_
_atom_type.symbol 
C 
N 
O 
S 
# 
loop_
_atom_site.group_PDB 
_atom_site.id 
_atom_site.type_symbol 
_atom_site.label_atom_id 
_atom_site.label_alt_id 
_atom_site.label_comp_id 
_atom_site.label_asym_id 
_atom_site.label_entity_id 
_atom_site.label_seq_id 
_atom_site.pdbx_PDB_ins_code 
_atom_site.Cartn_x 
_atom_site.Cartn_y 
_atom_site.Cartn_z 
_atom_site.occupancy 
_atom_site.B_iso_or_equiv 
_atom_site.pdbx_formal_charge 
_atom_site.auth_seq_id 
_atom_site.auth_comp_id 
_atom_site.auth_asym_id 
_atom_site.auth_atom_id 
_atom_site.pdbx_PDB_model_num 
ATOM 1   N N   . PRO A 1 1  ? -22.388 16.006  -4.881  1.00 72.39  ? 1  PRO A N   1 
ATOM 2   C CA  . PRO A 1 1  ? -23.830 15.784  -5.024  1.00 71.10  ? 1  PRO A CA  1 
ATOM 3   C C   . PRO A 1 1  ? -24.571 15.422  -3.757  1.00 67.85  ? 1  PRO A C   1 
ATOM 4   O O   . PRO A 1 1  ? -25.704 15.844  -3.560  1.00 70.65  ? 1  PRO A O   1 
ATOM 5   C CB  . PRO A 1 1  ? -24.040 14.703  -6.098  1.00 69.92  ? 1  PRO A CB  1 
ATOM 6   C CG  . PRO A 1 1  ? -22.622 14.182  -6.333  1.00 70.05  ? 1  PRO A CG  1 
ATOM 7   C CD  . PRO A 1 1  ? -21.691 15.333  -5.993  1.00 74.67  ? 1  PRO A CD  1 
ATOM 8   N N   . VAL A 1 2  ? -23.949 14.659  -2.876  1.00 64.36  ? 2  VAL A N   1 
ATOM 9   C CA  . VAL A 1 2  ? -24.639 14.255  -1.651  1.00 58.81  ? 2  VAL A CA  1 
ATOM 10  C C   . VAL A 1 2  ? -23.764 14.269  -0.420  1.00 56.80  ? 2  VAL A C   1 
ATOM 11  O O   . VAL A 1 2  ? -22.612 14.633  -0.467  1.00 58.12  ? 2  VAL A O   1 
ATOM 12  C CB  . VAL A 1 2  ? -25.190 12.816  -1.772  1.00 58.12  ? 2  VAL A CB  1 
ATOM 13  C CG1 . VAL A 1 2  ? -26.235 12.762  -2.846  1.00 58.43  ? 2  VAL A CG1 1 
ATOM 14  C CG2 . VAL A 1 2  ? -24.083 11.863  -2.108  1.00 54.47  ? 2  VAL A CG2 1 
ATOM 15  N N   . PHE A 1 3  ? -24.356 13.900  0.701   1.00 56.67  ? 3  PHE A N   1 
ATOM 16  C CA  . PHE A 1 3  ? -23.635 13.792  1.946   1.00 55.55  ? 3  PHE A CA  1 
ATOM 17  C C   . PHE A 1 3  ? -23.762 12.341  2.276   1.00 54.28  ? 3  PHE A C   1 
ATOM 18  O O   . PHE A 1 3  ? -24.836 11.758  2.126   1.00 54.34  ? 3  PHE A O   1 
ATOM 19  C CB  . PHE A 1 3  ? -24.280 14.590  3.069   1.00 61.99  ? 3  PHE A CB  1 
ATOM 20  C CG  . PHE A 1 3  ? -23.901 16.017  3.072   1.00 66.24  ? 3  PHE A CG  1 
ATOM 21  C CD1 . PHE A 1 3  ? -24.775 16.981  2.592   1.00 68.42  ? 3  PHE A CD1 1 
ATOM 22  C CD2 . PHE A 1 3  ? -22.643 16.402  3.512   1.00 68.26  ? 3  PHE A CD2 1 
ATOM 23  C CE1 . PHE A 1 3  ? -24.403 18.316  2.543   1.00 70.59  ? 3  PHE A CE1 1 
ATOM 24  C CE2 . PHE A 1 3  ? -22.255 17.731  3.469   1.00 72.72  ? 3  PHE A CE2 1 
ATOM 25  C CZ  . PHE A 1 3  ? -23.142 18.696  2.981   1.00 72.96  ? 3  PHE A CZ  1 
ATOM 26  N N   . ALA A 1 4  ? -22.674 11.729  2.697   1.00 53.26  ? 4  ALA A N   1 
ATOM 27  C CA  . ALA A 1 4  ? -22.752 10.327  3.055   1.00 55.74  ? 4  ALA A CA  1 
ATOM 28  C C   . ALA A 1 4  ? -22.014 10.171  4.365   1.00 55.78  ? 4  ALA A C   1 
ATOM 29  O O   . ALA A 1 4  ? -21.265 11.064  4.775   1.00 57.49  ? 4  ALA A O   1 
ATOM 30  C CB  . ALA A 1 4  ? -22.144 9.459   1.959   1.00 52.70  ? 4  ALA A CB  1 
ATOM 31  N N   . LYS A 1 5  ? -22.245 9.056   5.040   1.00 53.83  ? 5  LYS A N   1 
ATOM 32  C CA  . LYS A 1 5  ? -21.570 8.863   6.294   1.00 57.85  ? 5  LYS A CA  1 
ATOM 33  C C   . LYS A 1 5  ? -20.703 7.656   6.132   1.00 56.81  ? 5  LYS A C   1 
ATOM 34  O O   . LYS A 1 5  ? -21.110 6.667   5.519   1.00 53.58  ? 5  LYS A O   1 
ATOM 35  C CB  . LYS A 1 5  ? -22.565 8.635   7.428   1.00 60.81  ? 5  LYS A CB  1 
ATOM 36  C CG  . LYS A 1 5  ? -22.199 9.355   8.715   1.00 69.46  ? 5  LYS A CG  1 
ATOM 37  C CD  . LYS A 1 5  ? -23.003 8.827   9.898   1.00 74.27  ? 5  LYS A CD  1 
ATOM 38  C CE  . LYS A 1 5  ? -24.455 9.296   9.881   1.00 79.04  ? 5  LYS A CE  1 
ATOM 39  N NZ  . LYS A 1 5  ? -24.665 10.696  10.374  1.00 80.27  ? 5  LYS A NZ  1 
ATOM 40  N N   . ALA A 1 6  ? -19.489 7.747   6.658   1.00 56.92  ? 6  ALA A N   1 
ATOM 41  C CA  . ALA A 1 6  ? -18.566 6.629   6.582   1.00 55.74  ? 6  ALA A CA  1 
ATOM 42  C C   . ALA A 1 6  ? -19.161 5.466   7.371   1.00 56.00  ? 6  ALA A C   1 
ATOM 43  O O   . ALA A 1 6  ? -19.441 5.573   8.566   1.00 55.39  ? 6  ALA A O   1 
ATOM 44  C CB  . ALA A 1 6  ? -17.202 7.031   7.159   1.00 55.37  ? 6  ALA A CB  1 
ATOM 45  N N   . ILE A 1 7  ? -19.374 4.356   6.694   1.00 55.56  ? 7  ILE A N   1 
ATOM 46  C CA  . ILE A 1 7  ? -19.915 3.200   7.366   1.00 58.36  ? 7  ILE A CA  1 
ATOM 47  C C   . ILE A 1 7  ? -18.777 2.196   7.550   1.00 61.74  ? 7  ILE A C   1 
ATOM 48  O O   . ILE A 1 7  ? -18.942 1.135   8.161   1.00 66.11  ? 7  ILE A O   1 
ATOM 49  C CB  . ILE A 1 7  ? -21.057 2.602   6.553   1.00 56.35  ? 7  ILE A CB  1 
ATOM 50  C CG1 . ILE A 1 7  ? -20.535 2.081   5.215   1.00 57.08  ? 7  ILE A CG1 1 
ATOM 51  C CG2 . ILE A 1 7  ? -22.075 3.678   6.297   1.00 61.09  ? 7  ILE A CG2 1 
ATOM 52  C CD1 . ILE A 1 7  ? -21.581 1.471   4.372   1.00 52.92  ? 7  ILE A CD1 1 
ATOM 53  N N   . GLN A 1 8  ? -17.610 2.537   7.020   1.00 61.74  ? 8  GLN A N   1 
ATOM 54  C CA  . GLN A 1 8  ? -16.455 1.671   7.177   1.00 58.91  ? 8  GLN A CA  1 
ATOM 55  C C   . GLN A 1 8  ? -15.110 2.379   7.123   1.00 56.94  ? 8  GLN A C   1 
ATOM 56  O O   . GLN A 1 8  ? -14.824 3.120   6.200   1.00 58.55  ? 8  GLN A O   1 
ATOM 57  C CB  . GLN A 1 8  ? -16.470 0.577   6.145   1.00 58.35  ? 8  GLN A CB  1 
ATOM 58  C CG  . GLN A 1 8  ? -15.373 -0.391  6.361   1.00 56.02  ? 8  GLN A CG  1 
ATOM 59  C CD  . GLN A 1 8  ? -15.243 -1.323  5.208   1.00 60.82  ? 8  GLN A CD  1 
ATOM 60  O OE1 . GLN A 1 8  ? -14.364 -2.169  5.188   1.00 59.17  ? 8  GLN A OE1 1 
ATOM 61  N NE2 . GLN A 1 8  ? -16.124 -1.176  4.219   1.00 62.45  ? 8  GLN A NE2 1 
ATOM 62  N N   . LYS A 1 9  ? -14.278 2.128   8.124   1.00 56.26  ? 9  LYS A N   1 
ATOM 63  C CA  . LYS A 1 9  ? -12.958 2.734   8.176   1.00 55.17  ? 9  LYS A CA  1 
ATOM 64  C C   . LYS A 1 9  ? -12.193 2.448   6.899   1.00 53.37  ? 9  LYS A C   1 
ATOM 65  O O   . LYS A 1 9  ? -12.326 1.380   6.284   1.00 50.32  ? 9  LYS A O   1 
ATOM 66  C CB  . LYS A 1 9  ? -12.153 2.170   9.343   1.00 56.88  ? 9  LYS A CB  1 
ATOM 67  C CG  . LYS A 1 9  ? -10.759 2.756   9.465   1.00 57.98  ? 9  LYS A CG  1 
ATOM 68  C CD  . LYS A 1 9  ? -10.085 2.285   10.749  1.00 57.00  ? 9  LYS A CD  1 
ATOM 69  C CE  . LYS A 1 9  ? -8.806  3.065   11.040  1.00 55.07  ? 9  LYS A CE  1 
ATOM 70  N NZ  . LYS A 1 9  ? -8.177  2.649   12.326  1.00 56.02  ? 9  LYS A NZ  1 
ATOM 71  N N   . ARG A 1 10 ? -11.387 3.403   6.480   1.00 51.16  ? 10 ARG A N   1 
ATOM 72  C CA  . ARG A 1 10 ? -10.617 3.141   5.295   1.00 49.92  ? 10 ARG A CA  1 
ATOM 73  C C   . ARG A 1 10 ? -9.308  3.872   5.445   1.00 49.52  ? 10 ARG A C   1 
ATOM 74  O O   . ARG A 1 10 ? -9.272  5.069   5.769   1.00 47.25  ? 10 ARG A O   1 
ATOM 75  C CB  . ARG A 1 10 ? -11.452 3.499   4.056   1.00 47.74  ? 10 ARG A CB  1 
ATOM 76  C CG  . ARG A 1 10 ? -10.923 4.494   3.143   1.00 50.38  ? 10 ARG A CG  1 
ATOM 77  C CD  . ARG A 1 10 ? -9.858  3.984   2.216   1.00 48.49  ? 10 ARG A CD  1 
ATOM 78  N NE  . ARG A 1 10 ? -9.635  5.080   1.290   1.00 51.62  ? 10 ARG A NE  1 
ATOM 79  C CZ  . ARG A 1 10 ? -9.163  4.949   0.071   1.00 51.68  ? 10 ARG A CZ  1 
ATOM 80  N NH1 . ARG A 1 10 ? -8.828  3.756   -0.391  1.00 55.18  ? 10 ARG A NH1 1 
ATOM 81  N NH2 . ARG A 1 10 ? -9.109  6.009   -0.704  1.00 56.01  ? 10 ARG A NH2 1 
ATOM 82  N N   . VAL A 1 11 ? -8.243  3.087   5.276   1.00 48.85  ? 11 VAL A N   1 
ATOM 83  C CA  . VAL A 1 11 ? -6.857  3.526   5.411   1.00 49.81  ? 11 VAL A CA  1 
ATOM 84  C C   . VAL A 1 11 ? -6.126  3.678   4.070   1.00 47.17  ? 11 VAL A C   1 
ATOM 85  O O   . VAL A 1 11 ? -6.181  2.798   3.225   1.00 49.12  ? 11 VAL A O   1 
ATOM 86  C CB  . VAL A 1 11 ? -6.090  2.515   6.320   1.00 51.66  ? 11 VAL A CB  1 
ATOM 87  C CG1 . VAL A 1 11 ? -4.591  2.806   6.335   1.00 53.27  ? 11 VAL A CG1 1 
ATOM 88  C CG2 . VAL A 1 11 ? -6.644  2.590   7.719   1.00 53.34  ? 11 VAL A CG2 1 
ATOM 89  N N   . PRO A 1 12 ? -5.412  4.798   3.875   1.00 47.89  ? 12 PRO A N   1 
ATOM 90  C CA  . PRO A 1 12 ? -4.677  5.045   2.623   1.00 49.29  ? 12 PRO A CA  1 
ATOM 91  C C   . PRO A 1 12 ? -3.443  4.176   2.398   1.00 49.37  ? 12 PRO A C   1 
ATOM 92  O O   . PRO A 1 12 ? -2.570  4.539   1.618   1.00 52.02  ? 12 PRO A O   1 
ATOM 93  C CB  . PRO A 1 12 ? -4.325  6.529   2.716   1.00 46.47  ? 12 PRO A CB  1 
ATOM 94  C CG  . PRO A 1 12 ? -4.104  6.699   4.175   1.00 45.98  ? 12 PRO A CG  1 
ATOM 95  C CD  . PRO A 1 12 ? -5.263  5.932   4.802   1.00 43.87  ? 12 PRO A CD  1 
ATOM 96  N N   . CYS A 1 13 ? -3.379  3.032   3.075   1.00 48.37  ? 13 CYS A N   1 
ATOM 97  C CA  . CYS A 1 13 ? -2.247  2.113   2.936   1.00 47.72  ? 13 CYS A CA  1 
ATOM 98  C C   . CYS A 1 13 ? -2.676  0.806   2.277   1.00 45.24  ? 13 CYS A C   1 
ATOM 99  O O   . CYS A 1 13 ? -3.500  0.076   2.809   1.00 45.88  ? 13 CYS A O   1 
ATOM 100 C CB  . CYS A 1 13 ? -1.652  1.793   4.314   1.00 48.02  ? 13 CYS A CB  1 
ATOM 101 S SG  . CYS A 1 13 ? -1.059  3.227   5.256   1.00 59.43  ? 13 CYS A SG  1 
ATOM 102 N N   . ALA A 1 14 ? -2.107  0.500   1.127   1.00 44.56  ? 14 ALA A N   1 
ATOM 103 C CA  . ALA A 1 14 ? -2.417  -0.735  0.419   1.00 43.63  ? 14 ALA A CA  1 
ATOM 104 C C   . ALA A 1 14 ? -1.331  -1.802  0.658   1.00 45.07  ? 14 ALA A C   1 
ATOM 105 O O   . ALA A 1 14 ? -0.147  -1.507  0.652   1.00 47.79  ? 14 ALA A O   1 
ATOM 106 C CB  . ALA A 1 14 ? -2.523  -0.441  -1.055  1.00 42.14  ? 14 ALA A CB  1 
ATOM 107 N N   . TYR A 1 15 ? -1.740  -3.046  0.825   1.00 44.00  ? 15 TYR A N   1 
ATOM 108 C CA  . TYR A 1 15 ? -0.816  -4.131  1.078   1.00 44.16  ? 15 TYR A CA  1 
ATOM 109 C C   . TYR A 1 15 ? -0.495  -5.014  -0.140  1.00 47.35  ? 15 TYR A C   1 
ATOM 110 O O   . TYR A 1 15 ? -1.381  -5.537  -0.808  1.00 43.75  ? 15 TYR A O   1 
ATOM 111 C CB  . TYR A 1 15 ? -1.378  -4.987  2.196   1.00 46.04  ? 15 TYR A CB  1 
ATOM 112 C CG  . TYR A 1 15 ? -0.598  -6.242  2.486   1.00 47.64  ? 15 TYR A CG  1 
ATOM 113 C CD1 . TYR A 1 15 ? 0.641   -6.182  3.094   1.00 49.19  ? 15 TYR A CD1 1 
ATOM 114 C CD2 . TYR A 1 15 ? -1.130  -7.499  2.193   1.00 48.87  ? 15 TYR A CD2 1 
ATOM 115 C CE1 . TYR A 1 15 ? 1.330   -7.335  3.421   1.00 54.82  ? 15 TYR A CE1 1 
ATOM 116 C CE2 . TYR A 1 15 ? -0.449  -8.665  2.513   1.00 51.72  ? 15 TYR A CE2 1 
ATOM 117 C CZ  . TYR A 1 15 ? 0.780   -8.576  3.137   1.00 55.65  ? 15 TYR A CZ  1 
ATOM 118 O OH  . TYR A 1 15 ? 1.442   -9.718  3.540   1.00 60.90  ? 15 TYR A OH  1 
ATOM 119 N N   . ASP A 1 16 ? 0.798   -5.182  -0.407  1.00 48.32  ? 16 ASP A N   1 
ATOM 120 C CA  . ASP A 1 16 ? 1.263   -5.990  -1.512  1.00 47.28  ? 16 ASP A CA  1 
ATOM 121 C C   . ASP A 1 16 ? 1.629   -7.364  -1.007  1.00 50.83  ? 16 ASP A C   1 
ATOM 122 O O   . ASP A 1 16 ? 2.717   -7.573  -0.491  1.00 49.42  ? 16 ASP A O   1 
ATOM 123 C CB  . ASP A 1 16 ? 2.488   -5.378  -2.122  1.00 47.86  ? 16 ASP A CB  1 
ATOM 124 C CG  . ASP A 1 16 ? 2.920   -6.085  -3.387  1.00 54.20  ? 16 ASP A CG  1 
ATOM 125 O OD1 . ASP A 1 16 ? 2.537   -7.268  -3.605  1.00 51.57  ? 16 ASP A OD1 1 
ATOM 126 O OD2 . ASP A 1 16 ? 3.667   -5.430  -4.157  1.00 56.81  ? 16 ASP A OD2 1 
ATOM 127 N N   . LYS A 1 17 ? 0.719   -8.309  -1.162  1.00 53.09  ? 17 LYS A N   1 
ATOM 128 C CA  . LYS A 1 17 ? 0.981   -9.641  -0.691  1.00 54.78  ? 17 LYS A CA  1 
ATOM 129 C C   . LYS A 1 17 ? 2.129   -10.333 -1.426  1.00 54.67  ? 17 LYS A C   1 
ATOM 130 O O   . LYS A 1 17 ? 2.598   -11.363 -0.962  1.00 58.89  ? 17 LYS A O   1 
ATOM 131 C CB  . LYS A 1 17 ? -0.293  -10.478 -0.765  1.00 59.01  ? 17 LYS A CB  1 
ATOM 132 C CG  . LYS A 1 17 ? -0.864  -10.666 -2.158  1.00 63.47  ? 17 LYS A CG  1 
ATOM 133 C CD  . LYS A 1 17 ? -2.109  -11.548 -2.093  1.00 66.98  ? 17 LYS A CD  1 
ATOM 134 C CE  . LYS A 1 17 ? -2.774  -11.738 -3.464  1.00 72.19  ? 17 LYS A CE  1 
ATOM 135 N NZ  . LYS A 1 17 ? -4.205  -12.194 -3.337  1.00 72.41  ? 17 LYS A NZ  1 
ATOM 136 N N   . THR A 1 18 ? 2.611   -9.790  -2.542  1.00 50.11  ? 18 THR A N   1 
ATOM 137 C CA  . THR A 1 18 ? 3.718   -10.450 -3.234  1.00 50.19  ? 18 THR A CA  1 
ATOM 138 C C   . THR A 1 18 ? 5.071   -9.844  -2.909  1.00 52.15  ? 18 THR A C   1 
ATOM 139 O O   . THR A 1 18 ? 6.110   -10.350 -3.344  1.00 54.55  ? 18 THR A O   1 
ATOM 140 C CB  . THR A 1 18 ? 3.626   -10.392 -4.760  1.00 52.23  ? 18 THR A CB  1 
ATOM 141 O OG1 . THR A 1 18 ? 3.769   -9.033  -5.192  1.00 55.43  ? 18 THR A OG1 1 
ATOM 142 C CG2 . THR A 1 18 ? 2.329   -10.950 -5.238  1.00 53.51  ? 18 THR A CG2 1 
ATOM 143 N N   . ALA A 1 19 ? 5.089   -8.760  -2.158  1.00 48.22  ? 19 ALA A N   1 
ATOM 144 C CA  . ALA A 1 19 ? 6.363   -8.155  -1.831  1.00 45.98  ? 19 ALA A CA  1 
ATOM 145 C C   . ALA A 1 19 ? 7.035   -8.805  -0.645  1.00 44.37  ? 19 ALA A C   1 
ATOM 146 O O   . ALA A 1 19 ? 6.403   -9.034  0.362   1.00 46.64  ? 19 ALA A O   1 
ATOM 147 C CB  . ALA A 1 19 ? 6.183   -6.690  -1.563  1.00 41.85  ? 19 ALA A CB  1 
ATOM 148 N N   . LEU A 1 20 ? 8.329   -9.091  -0.783  1.00 46.77  ? 20 LEU A N   1 
ATOM 149 C CA  . LEU A 1 20 ? 9.153   -9.675  0.284   1.00 44.23  ? 20 LEU A CA  1 
ATOM 150 C C   . LEU A 1 20 ? 9.572   -8.571  1.257   1.00 43.85  ? 20 LEU A C   1 
ATOM 151 O O   . LEU A 1 20 ? 10.208  -7.601  0.843   1.00 42.80  ? 20 LEU A O   1 
ATOM 152 C CB  . LEU A 1 20 ? 10.410  -10.312 -0.318  1.00 41.92  ? 20 LEU A CB  1 
ATOM 153 C CG  . LEU A 1 20 ? 11.424  -10.917 0.662   1.00 43.36  ? 20 LEU A CG  1 
ATOM 154 C CD1 . LEU A 1 20 ? 10.746  -11.997 1.478   1.00 40.17  ? 20 LEU A CD1 1 
ATOM 155 C CD2 . LEU A 1 20 ? 12.636  -11.463 -0.083  1.00 34.03  ? 20 LEU A CD2 1 
ATOM 156 N N   . ALA A 1 21 ? 9.211   -8.724  2.534   1.00 45.61  ? 21 ALA A N   1 
ATOM 157 C CA  . ALA A 1 21 ? 9.539   -7.752  3.596   1.00 45.39  ? 21 ALA A CA  1 
ATOM 158 C C   . ALA A 1 21 ? 10.988  -7.909  4.002   1.00 47.27  ? 21 ALA A C   1 
ATOM 159 O O   . ALA A 1 21 ? 11.443  -9.022  4.268   1.00 50.78  ? 21 ALA A O   1 
ATOM 160 C CB  . ALA A 1 21 ? 8.670   -7.962  4.806   1.00 38.59  ? 21 ALA A CB  1 
ATOM 161 N N   . LEU A 1 22 ? 11.706  -6.796  4.086   1.00 46.25  ? 22 LEU A N   1 
ATOM 162 C CA  . LEU A 1 22 ? 13.113  -6.866  4.437   1.00 45.76  ? 22 LEU A CA  1 
ATOM 163 C C   . LEU A 1 22 ? 13.521  -6.047  5.625   1.00 45.21  ? 22 LEU A C   1 
ATOM 164 O O   . LEU A 1 22 ? 13.121  -4.910  5.759   1.00 46.37  ? 22 LEU A O   1 
ATOM 165 C CB  . LEU A 1 22 ? 13.965  -6.416  3.250   1.00 45.88  ? 22 LEU A CB  1 
ATOM 166 C CG  . LEU A 1 22 ? 13.765  -7.187  1.948   1.00 44.33  ? 22 LEU A CG  1 
ATOM 167 C CD1 . LEU A 1 22 ? 14.605  -6.582  0.838   1.00 38.79  ? 22 LEU A CD1 1 
ATOM 168 C CD2 . LEU A 1 22 ? 14.115  -8.636  2.189   1.00 42.35  ? 22 LEU A CD2 1 
ATOM 169 N N   . GLU A 1 23 ? 14.326  -6.630  6.489   1.00 46.34  ? 23 GLU A N   1 
ATOM 170 C CA  . GLU A 1 23 ? 14.853  -5.888  7.620   1.00 48.39  ? 23 GLU A CA  1 
ATOM 171 C C   . GLU A 1 23 ? 16.360  -5.739  7.342   1.00 48.99  ? 23 GLU A C   1 
ATOM 172 O O   . GLU A 1 23 ? 16.984  -6.643  6.785   1.00 48.44  ? 23 GLU A O   1 
ATOM 173 C CB  . GLU A 1 23 ? 14.633  -6.644  8.920   1.00 54.29  ? 23 GLU A CB  1 
ATOM 174 C CG  . GLU A 1 23 ? 13.207  -6.609  9.416   1.00 62.97  ? 23 GLU A CG  1 
ATOM 175 C CD  . GLU A 1 23 ? 12.712  -5.183  9.543   1.00 68.83  ? 23 GLU A CD  1 
ATOM 176 O OE1 . GLU A 1 23 ? 13.560  -4.285  9.798   1.00 73.58  ? 23 GLU A OE1 1 
ATOM 177 O OE2 . GLU A 1 23 ? 11.487  -4.959  9.396   1.00 67.85  ? 23 GLU A OE2 1 
ATOM 178 N N   . VAL A 1 24 ? 16.945  -4.603  7.699   1.00 47.42  ? 24 VAL A N   1 
ATOM 179 C CA  . VAL A 1 24 ? 18.365  -4.434  7.451   1.00 47.94  ? 24 VAL A CA  1 
ATOM 180 C C   . VAL A 1 24 ? 19.178  -5.545  8.126   1.00 49.55  ? 24 VAL A C   1 
ATOM 181 O O   . VAL A 1 24 ? 19.072  -5.776  9.334   1.00 48.52  ? 24 VAL A O   1 
ATOM 182 C CB  . VAL A 1 24 ? 18.855  -3.053  7.925   1.00 47.61  ? 24 VAL A CB  1 
ATOM 183 C CG1 . VAL A 1 24 ? 20.354  -2.998  7.845   1.00 44.90  ? 24 VAL A CG1 1 
ATOM 184 C CG2 . VAL A 1 24 ? 18.275  -1.951  7.022   1.00 44.23  ? 24 VAL A CG2 1 
ATOM 185 N N   . GLY A 1 25 ? 19.978  -6.246  7.332   1.00 49.09  ? 25 GLY A N   1 
ATOM 186 C CA  . GLY A 1 25 ? 20.764  -7.324  7.886   1.00 49.31  ? 25 GLY A CA  1 
ATOM 187 C C   . GLY A 1 25 ? 20.206  -8.688  7.549   1.00 51.24  ? 25 GLY A C   1 
ATOM 188 O O   . GLY A 1 25 ? 20.934  -9.663  7.594   1.00 53.72  ? 25 GLY A O   1 
ATOM 189 N N   . ASP A 1 26 ? 18.913  -8.766  7.239   1.00 50.33  ? 26 ASP A N   1 
ATOM 190 C CA  . ASP A 1 26 ? 18.294  -10.039 6.867   1.00 46.34  ? 26 ASP A CA  1 
ATOM 191 C C   . ASP A 1 26 ? 19.151  -10.684 5.776   1.00 46.49  ? 26 ASP A C   1 
ATOM 192 O O   . ASP A 1 26 ? 19.675  -9.993  4.901   1.00 46.70  ? 26 ASP A O   1 
ATOM 193 C CB  . ASP A 1 26 ? 16.835  -9.825  6.458   1.00 46.95  ? 26 ASP A CB  1 
ATOM 194 C CG  . ASP A 1 26 ? 15.882  -9.910  7.633   1.00 46.99  ? 26 ASP A CG  1 
ATOM 195 O OD1 . ASP A 1 26 ? 16.263  -10.499 8.667   1.00 47.21  ? 26 ASP A OD1 1 
ATOM 196 O OD2 . ASP A 1 26 ? 14.753  -9.387  7.521   1.00 47.44  ? 26 ASP A OD2 1 
ATOM 197 N N   . ILE A 1 27 ? 19.352  -11.999 5.864   1.00 46.75  ? 27 ILE A N   1 
ATOM 198 C CA  . ILE A 1 27 ? 20.109  -12.739 4.836   1.00 48.57  ? 27 ILE A CA  1 
ATOM 199 C C   . ILE A 1 27 ? 19.113  -13.195 3.758   1.00 44.04  ? 27 ILE A C   1 
ATOM 200 O O   . ILE A 1 27 ? 18.159  -13.903 4.047   1.00 42.20  ? 27 ILE A O   1 
ATOM 201 C CB  . ILE A 1 27 ? 20.807  -14.006 5.425   1.00 50.93  ? 27 ILE A CB  1 
ATOM 202 C CG1 . ILE A 1 27 ? 21.927  -13.596 6.383   1.00 45.51  ? 27 ILE A CG1 1 
ATOM 203 C CG2 . ILE A 1 27 ? 21.362  -14.887 4.284   1.00 49.64  ? 27 ILE A CG2 1 
ATOM 204 C CD1 . ILE A 1 27 ? 23.018  -12.846 5.721   1.00 50.60  ? 27 ILE A CD1 1 
ATOM 205 N N   . VAL A 1 28 ? 19.349  -12.817 2.517   1.00 44.97  ? 28 VAL A N   1 
ATOM 206 C CA  . VAL A 1 28 ? 18.418  -13.160 1.448   1.00 43.98  ? 28 VAL A CA  1 
ATOM 207 C C   . VAL A 1 28 ? 18.862  -14.184 0.422   1.00 47.28  ? 28 VAL A C   1 
ATOM 208 O O   . VAL A 1 28 ? 19.863  -14.007 -0.269  1.00 49.38  ? 28 VAL A O   1 
ATOM 209 C CB  . VAL A 1 28 ? 18.016  -11.911 0.650   1.00 42.61  ? 28 VAL A CB  1 
ATOM 210 C CG1 . VAL A 1 28 ? 16.905  -12.258 -0.349  1.00 38.47  ? 28 VAL A CG1 1 
ATOM 211 C CG2 . VAL A 1 28 ? 17.610  -10.798 1.605   1.00 41.44  ? 28 VAL A CG2 1 
ATOM 212 N N   . LYS A 1 29 ? 18.081  -15.242 0.288   1.00 46.74  ? 29 LYS A N   1 
ATOM 213 C CA  . LYS A 1 29 ? 18.394  -16.266 -0.680  1.00 47.99  ? 29 LYS A CA  1 
ATOM 214 C C   . LYS A 1 29 ? 17.741  -15.765 -1.939  1.00 45.68  ? 29 LYS A C   1 
ATOM 215 O O   . LYS A 1 29 ? 16.536  -15.891 -2.096  1.00 41.63  ? 29 LYS A O   1 
ATOM 216 C CB  . LYS A 1 29 ? 17.775  -17.581 -0.242  1.00 50.53  ? 29 LYS A CB  1 
ATOM 217 C CG  . LYS A 1 29 ? 18.036  -18.765 -1.142  1.00 57.08  ? 29 LYS A CG  1 
ATOM 218 C CD  . LYS A 1 29 ? 17.415  -19.992 -0.483  1.00 64.45  ? 29 LYS A CD  1 
ATOM 219 C CE  . LYS A 1 29 ? 17.603  -21.269 -1.278  1.00 71.96  ? 29 LYS A CE  1 
ATOM 220 N NZ  . LYS A 1 29 ? 16.818  -22.373 -0.660  1.00 74.65  ? 29 LYS A NZ  1 
ATOM 221 N N   . VAL A 1 30 ? 18.509  -15.142 -2.821  1.00 44.66  ? 30 VAL A N   1 
ATOM 222 C CA  . VAL A 1 30 ? 17.887  -14.673 -4.041  1.00 46.58  ? 30 VAL A CA  1 
ATOM 223 C C   . VAL A 1 30 ? 17.900  -15.817 -5.029  1.00 48.90  ? 30 VAL A C   1 
ATOM 224 O O   . VAL A 1 30 ? 18.928  -16.366 -5.416  1.00 50.84  ? 30 VAL A O   1 
ATOM 225 C CB  . VAL A 1 30 ? 18.522  -13.350 -4.587  1.00 41.95  ? 30 VAL A CB  1 
ATOM 226 C CG1 . VAL A 1 30 ? 19.919  -13.236 -4.151  1.00 41.45  ? 30 VAL A CG1 1 
ATOM 227 C CG2 . VAL A 1 30 ? 18.370  -13.267 -6.097  1.00 39.33  ? 30 VAL A CG2 1 
ATOM 228 N N   . THR A 1 31 ? 16.694  -16.178 -5.396  1.00 51.59  ? 31 THR A N   1 
ATOM 229 C CA  . THR A 1 31 ? 16.446  -17.301 -6.238  1.00 54.23  ? 31 THR A CA  1 
ATOM 230 C C   . THR A 1 31 ? 16.338  -17.011 -7.731  1.00 58.03  ? 31 THR A C   1 
ATOM 231 O O   . THR A 1 31 ? 16.553  -17.897 -8.563  1.00 60.03  ? 31 THR A O   1 
ATOM 232 C CB  . THR A 1 31 ? 15.188  -17.954 -5.732  1.00 52.16  ? 31 THR A CB  1 
ATOM 233 O OG1 . THR A 1 31 ? 15.028  -19.221 -6.357  1.00 58.33  ? 31 THR A OG1 1 
ATOM 234 C CG2 . THR A 1 31 ? 14.005  -17.086 -6.040  1.00 45.41  ? 31 THR A CG2 1 
ATOM 235 N N   . ARG A 1 32 ? 16.014  -15.772 -8.073  1.00 62.19  ? 32 ARG A N   1 
ATOM 236 C CA  . ARG A 1 32 ? 15.887  -15.384 -9.473  1.00 65.74  ? 32 ARG A CA  1 
ATOM 237 C C   . ARG A 1 32 ? 16.059  -13.871 -9.565  1.00 65.94  ? 32 ARG A C   1 
ATOM 238 O O   . ARG A 1 32 ? 15.636  -13.150 -8.672  1.00 67.38  ? 32 ARG A O   1 
ATOM 239 C CB  . ARG A 1 32 ? 14.516  -15.815 -9.991  1.00 69.42  ? 32 ARG A CB  1 
ATOM 240 C CG  . ARG A 1 32 ? 14.259  -15.456 -11.423 1.00 78.09  ? 32 ARG A CG  1 
ATOM 241 C CD  . ARG A 1 32 ? 12.945  -14.721 -11.552 1.00 88.58  ? 32 ARG A CD  1 
ATOM 242 N NE  . ARG A 1 32 ? 11.801  -15.569 -11.228 1.00 95.63  ? 32 ARG A NE  1 
ATOM 243 C CZ  . ARG A 1 32 ? 11.391  -16.593 -11.972 1.00 97.14  ? 32 ARG A CZ  1 
ATOM 244 N NH1 . ARG A 1 32 ? 10.335  -17.315 -11.600 1.00 94.92  ? 32 ARG A NH1 1 
ATOM 245 N NH2 . ARG A 1 32 ? 12.038  -16.894 -13.093 1.00 98.55  ? 32 ARG A NH2 1 
ATOM 246 N N   . MET A 1 33 ? 16.716  -13.376 -10.606 1.00 66.63  ? 33 MET A N   1 
ATOM 247 C CA  . MET A 1 33 ? 16.862  -11.928 -10.717 1.00 71.22  ? 33 MET A CA  1 
ATOM 248 C C   . MET A 1 33 ? 16.575  -11.374 -12.106 1.00 73.60  ? 33 MET A C   1 
ATOM 249 O O   . MET A 1 33 ? 17.422  -11.483 -12.986 1.00 77.47  ? 33 MET A O   1 
ATOM 250 C CB  . MET A 1 33 ? 18.255  -11.485 -10.270 1.00 68.84  ? 33 MET A CB  1 
ATOM 251 C CG  . MET A 1 33 ? 19.389  -12.366 -10.724 1.00 68.73  ? 33 MET A CG  1 
ATOM 252 S SD  . MET A 1 33 ? 21.013  -11.537 -10.562 1.00 76.05  ? 33 MET A SD  1 
ATOM 253 C CE  . MET A 1 33 ? 21.586  -11.911 -8.942  1.00 58.08  ? 33 MET A CE  1 
ATOM 254 N N   . ASN A 1 34 ? 15.395  -10.778 -12.311 1.00 74.30  ? 34 ASN A N   1 
ATOM 255 C CA  . ASN A 1 34 ? 15.081  -10.222 -13.628 1.00 75.22  ? 34 ASN A CA  1 
ATOM 256 C C   . ASN A 1 34 ? 15.802  -8.927  -13.838 1.00 73.95  ? 34 ASN A C   1 
ATOM 257 O O   . ASN A 1 34 ? 16.022  -8.153  -12.901 1.00 68.03  ? 34 ASN A O   1 
ATOM 258 C CB  . ASN A 1 34 ? 13.596  -9.887  -13.847 1.00 76.67  ? 34 ASN A CB  1 
ATOM 259 C CG  . ASN A 1 34 ? 12.679  -10.740 -13.046 1.00 80.70  ? 34 ASN A CG  1 
ATOM 260 O OD1 . ASN A 1 34 ? 12.979  -11.903 -12.771 1.00 83.03  ? 34 ASN A OD1 1 
ATOM 261 N ND2 . ASN A 1 34 ? 11.533  -10.179 -12.671 1.00 80.94  ? 34 ASN A ND2 1 
ATOM 262 N N   . ILE A 1 35 ? 16.151  -8.710  -15.102 1.00 77.41  ? 35 ILE A N   1 
ATOM 263 C CA  . ILE A 1 35 ? 16.790  -7.481  -15.540 1.00 80.97  ? 35 ILE A CA  1 
ATOM 264 C C   . ILE A 1 35 ? 15.561  -6.582  -15.746 1.00 81.54  ? 35 ILE A C   1 
ATOM 265 O O   . ILE A 1 35 ? 15.602  -5.568  -16.449 1.00 81.35  ? 35 ILE A O   1 
ATOM 266 C CB  . ILE A 1 35 ? 17.580  -7.691  -16.882 1.00 80.47  ? 35 ILE A CB  1 
ATOM 267 C CG1 . ILE A 1 35 ? 18.407  -6.440  -17.201 1.00 78.71  ? 35 ILE A CG1 1 
ATOM 268 C CG2 . ILE A 1 35 ? 16.617  -8.029  -18.025 1.00 79.50  ? 35 ILE A CG2 1 
ATOM 269 C CD1 . ILE A 1 35 ? 19.394  -6.621  -18.314 1.00 77.05  ? 35 ILE A CD1 1 
ATOM 270 N N   . ASN A 1 36 ? 14.470  -7.012  -15.106 1.00 82.79  ? 36 ASN A N   1 
ATOM 271 C CA  . ASN A 1 36 ? 13.169  -6.355  -15.130 1.00 83.30  ? 36 ASN A CA  1 
ATOM 272 C C   . ASN A 1 36 ? 12.739  -5.965  -13.712 1.00 82.56  ? 36 ASN A C   1 
ATOM 273 O O   . ASN A 1 36 ? 11.803  -6.530  -13.136 1.00 82.07  ? 36 ASN A O   1 
ATOM 274 C CB  . ASN A 1 36 ? 12.136  -7.282  -15.771 1.00 85.66  ? 36 ASN A CB  1 
ATOM 275 C CG  . ASN A 1 36 ? 12.407  -7.531  -17.259 1.00 90.53  ? 36 ASN A CG  1 
ATOM 276 O OD1 . ASN A 1 36 ? 12.248  -8.653  -17.746 1.00 92.64  ? 36 ASN A OD1 1 
ATOM 277 N ND2 . ASN A 1 36 ? 12.800  -6.480  -17.987 1.00 90.02  ? 36 ASN A ND2 1 
ATOM 278 N N   . GLY A 1 37 ? 13.479  -5.010  -13.160 1.00 81.05  ? 37 GLY A N   1 
ATOM 279 C CA  . GLY A 1 37 ? 13.213  -4.472  -11.842 1.00 79.14  ? 37 GLY A CA  1 
ATOM 280 C C   . GLY A 1 37 ? 13.291  -5.298  -10.572 1.00 78.21  ? 37 GLY A C   1 
ATOM 281 O O   . GLY A 1 37 ? 14.224  -5.133  -9.752  1.00 77.16  ? 37 GLY A O   1 
ATOM 282 N N   . GLN A 1 38 ? 12.306  -6.173  -10.381 1.00 72.34  ? 38 GLN A N   1 
ATOM 283 C CA  . GLN A 1 38 ? 12.281  -6.946  -9.159  1.00 66.45  ? 38 GLN A CA  1 
ATOM 284 C C   . GLN A 1 38 ? 12.892  -8.332  -9.199  1.00 62.68  ? 38 GLN A C   1 
ATOM 285 O O   . GLN A 1 38 ? 12.783  -9.065  -10.169 1.00 61.22  ? 38 GLN A O   1 
ATOM 286 C CB  . GLN A 1 38 ? 10.859  -7.014  -8.602  1.00 64.93  ? 38 GLN A CB  1 
ATOM 287 C CG  . GLN A 1 38 ? 10.294  -5.675  -8.146  1.00 66.73  ? 38 GLN A CG  1 
ATOM 288 C CD  . GLN A 1 38 ? 9.476   -5.756  -6.826  1.00 73.18  ? 38 GLN A CD  1 
ATOM 289 O OE1 . GLN A 1 38 ? 10.024  -5.640  -5.721  1.00 70.41  ? 38 GLN A OE1 1 
ATOM 290 N NE2 . GLN A 1 38 ? 8.160   -5.960  -6.951  1.00 73.06  ? 38 GLN A NE2 1 
ATOM 291 N N   . TRP A 1 39 ? 13.567  -8.654  -8.107  1.00 57.66  ? 39 TRP A N   1 
ATOM 292 C CA  . TRP A 1 39 ? 14.208  -9.927  -7.927  1.00 53.23  ? 39 TRP A CA  1 
ATOM 293 C C   . TRP A 1 39 ? 13.342  -10.725 -6.967  1.00 53.05  ? 39 TRP A C   1 
ATOM 294 O O   . TRP A 1 39 ? 12.575  -10.179 -6.178  1.00 52.31  ? 39 TRP A O   1 
ATOM 295 C CB  . TRP A 1 39 ? 15.601  -9.733  -7.334  1.00 52.17  ? 39 TRP A CB  1 
ATOM 296 C CG  . TRP A 1 39 ? 16.587  -9.085  -8.281  1.00 50.93  ? 39 TRP A CG  1 
ATOM 297 C CD1 . TRP A 1 39 ? 16.325  -8.558  -9.517  1.00 50.29  ? 39 TRP A CD1 1 
ATOM 298 C CD2 . TRP A 1 39 ? 17.982  -8.895  -8.057  1.00 45.51  ? 39 TRP A CD2 1 
ATOM 299 N NE1 . TRP A 1 39 ? 17.468  -8.053  -10.071 1.00 48.90  ? 39 TRP A NE1 1 
ATOM 300 C CE2 . TRP A 1 39 ? 18.501  -8.245  -9.198  1.00 47.07  ? 39 TRP A CE2 1 
ATOM 301 C CE3 . TRP A 1 39 ? 18.843  -9.204  -7.003  1.00 43.78  ? 39 TRP A CE3 1 
ATOM 302 C CZ2 . TRP A 1 39 ? 19.844  -7.903  -9.313  1.00 43.05  ? 39 TRP A CZ2 1 
ATOM 303 C CZ3 . TRP A 1 39 ? 20.168  -8.865  -7.109  1.00 43.65  ? 39 TRP A CZ3 1 
ATOM 304 C CH2 . TRP A 1 39 ? 20.661  -8.218  -8.260  1.00 45.32  ? 39 TRP A CH2 1 
ATOM 305 N N   . GLU A 1 40 ? 13.504  -12.031 -7.038  1.00 50.87  ? 40 GLU A N   1 
ATOM 306 C CA  . GLU A 1 40 ? 12.759  -12.960 -6.237  1.00 51.81  ? 40 GLU A CA  1 
ATOM 307 C C   . GLU A 1 40 ? 13.711  -13.624 -5.266  1.00 50.39  ? 40 GLU A C   1 
ATOM 308 O O   . GLU A 1 40 ? 14.773  -14.081 -5.653  1.00 49.84  ? 40 GLU A O   1 
ATOM 309 C CB  . GLU A 1 40 ? 12.109  -13.959 -7.196  1.00 58.41  ? 40 GLU A CB  1 
ATOM 310 C CG  . GLU A 1 40 ? 11.540  -15.240 -6.601  1.00 68.01  ? 40 GLU A CG  1 
ATOM 311 C CD  . GLU A 1 40 ? 10.912  -16.115 -7.698  1.00 71.35  ? 40 GLU A CD  1 
ATOM 312 O OE1 . GLU A 1 40 ? 9.749   -15.830 -8.078  1.00 70.85  ? 40 GLU A OE1 1 
ATOM 313 O OE2 . GLU A 1 40 ? 11.589  -17.065 -8.193  1.00 72.68  ? 40 GLU A OE2 1 
ATOM 314 N N   . GLY A 1 41 ? 13.351  -13.641 -3.993  1.00 49.52  ? 41 GLY A N   1 
ATOM 315 C CA  . GLY A 1 41 ? 14.208  -14.270 -3.021  1.00 49.00  ? 41 GLY A CA  1 
ATOM 316 C C   . GLY A 1 41 ? 13.398  -14.649 -1.816  1.00 50.74  ? 41 GLY A C   1 
ATOM 317 O O   . GLY A 1 41 ? 12.179  -14.548 -1.828  1.00 49.69  ? 41 GLY A O   1 
ATOM 318 N N   . GLU A 1 42 ? 14.066  -15.127 -0.778  1.00 54.88  ? 42 GLU A N   1 
ATOM 319 C CA  . GLU A 1 42 ? 13.375  -15.464 0.446   1.00 54.81  ? 42 GLU A CA  1 
ATOM 320 C C   . GLU A 1 42 ? 14.272  -15.329 1.650   1.00 54.00  ? 42 GLU A C   1 
ATOM 321 O O   . GLU A 1 42 ? 15.478  -15.471 1.560   1.00 52.32  ? 42 GLU A O   1 
ATOM 322 C CB  . GLU A 1 42 ? 12.821  -16.877 0.390   1.00 58.77  ? 42 GLU A CB  1 
ATOM 323 C CG  . GLU A 1 42 ? 13.866  -17.937 0.335   1.00 70.55  ? 42 GLU A CG  1 
ATOM 324 C CD  . GLU A 1 42 ? 13.291  -19.319 0.534   1.00 74.82  ? 42 GLU A CD  1 
ATOM 325 O OE1 . GLU A 1 42 ? 12.791  -19.596 1.657   1.00 77.38  ? 42 GLU A OE1 1 
ATOM 326 O OE2 . GLU A 1 42 ? 13.344  -20.109 -0.437  1.00 74.96  ? 42 GLU A OE2 1 
ATOM 327 N N   . VAL A 1 43 ? 13.662  -15.002 2.776   1.00 56.54  ? 43 VAL A N   1 
ATOM 328 C CA  . VAL A 1 43 ? 14.387  -14.895 4.026   1.00 62.24  ? 43 VAL A CA  1 
ATOM 329 C C   . VAL A 1 43 ? 13.609  -15.812 4.964   1.00 61.76  ? 43 VAL A C   1 
ATOM 330 O O   . VAL A 1 43 ? 12.421  -15.632 5.182   1.00 58.88  ? 43 VAL A O   1 
ATOM 331 C CB  . VAL A 1 43 ? 14.482  -13.402 4.507   1.00 61.06  ? 43 VAL A CB  1 
ATOM 332 C CG1 . VAL A 1 43 ? 13.291  -12.657 4.075   1.00 61.93  ? 43 VAL A CG1 1 
ATOM 333 C CG2 . VAL A 1 43 ? 14.639  -13.320 6.005   1.00 57.11  ? 43 VAL A CG2 1 
ATOM 334 N N   . ASN A 1 44 ? 14.290  -16.839 5.463   1.00 67.26  ? 44 ASN A N   1 
ATOM 335 C CA  . ASN A 1 44 ? 13.674  -17.840 6.326   1.00 70.18  ? 44 ASN A CA  1 
ATOM 336 C C   . ASN A 1 44 ? 12.636  -18.598 5.534   1.00 69.64  ? 44 ASN A C   1 
ATOM 337 O O   . ASN A 1 44 ? 12.932  -19.163 4.483   1.00 72.78  ? 44 ASN A O   1 
ATOM 338 C CB  . ASN A 1 44 ? 13.011  -17.199 7.529   1.00 75.87  ? 44 ASN A CB  1 
ATOM 339 C CG  . ASN A 1 44 ? 14.007  -16.554 8.440   1.00 81.19  ? 44 ASN A CG  1 
ATOM 340 O OD1 . ASN A 1 44 ? 15.103  -17.079 8.629   1.00 84.18  ? 44 ASN A OD1 1 
ATOM 341 N ND2 . ASN A 1 44 ? 13.645  -15.412 9.017   1.00 83.88  ? 44 ASN A ND2 1 
ATOM 342 N N   . GLY A 1 45 ? 11.402  -18.603 5.995   1.00 65.15  ? 45 GLY A N   1 
ATOM 343 C CA  . GLY A 1 45 ? 10.434  -19.346 5.229   1.00 66.31  ? 45 GLY A CA  1 
ATOM 344 C C   . GLY A 1 45 ? 9.690   -18.547 4.186   1.00 65.13  ? 45 GLY A C   1 
ATOM 345 O O   . GLY A 1 45 ? 9.096   -19.112 3.264   1.00 64.11  ? 45 GLY A O   1 
ATOM 346 N N   . ARG A 1 46 ? 9.742   -17.227 4.312   1.00 62.81  ? 46 ARG A N   1 
ATOM 347 C CA  . ARG A 1 46 ? 9.003   -16.367 3.404   1.00 60.13  ? 46 ARG A CA  1 
ATOM 348 C C   . ARG A 1 46 ? 9.695   -15.953 2.126   1.00 59.31  ? 46 ARG A C   1 
ATOM 349 O O   . ARG A 1 46 ? 10.824  -15.474 2.145   1.00 59.81  ? 46 ARG A O   1 
ATOM 350 C CB  . ARG A 1 46 ? 8.539   -15.153 4.169   1.00 56.90  ? 46 ARG A CB  1 
ATOM 351 C CG  . ARG A 1 46 ? 9.599   -14.608 5.009   1.00 61.89  ? 46 ARG A CG  1 
ATOM 352 C CD  . ARG A 1 46 ? 9.062   -14.049 6.287   1.00 62.87  ? 46 ARG A CD  1 
ATOM 353 N NE  . ARG A 1 46 ? 10.126  -13.260 6.887   1.00 67.82  ? 46 ARG A NE  1 
ATOM 354 C CZ  . ARG A 1 46 ? 10.595  -12.143 6.339   1.00 70.35  ? 46 ARG A CZ  1 
ATOM 355 N NH1 . ARG A 1 46 ? 11.580  -11.469 6.928   1.00 73.03  ? 46 ARG A NH1 1 
ATOM 356 N NH2 . ARG A 1 46 ? 10.058  -11.688 5.209   1.00 69.76  ? 46 ARG A NH2 1 
ATOM 357 N N   . LYS A 1 47 ? 8.989   -16.154 1.015   1.00 58.22  ? 47 LYS A N   1 
ATOM 358 C CA  . LYS A 1 47 ? 9.485   -15.833 -0.310  1.00 57.93  ? 47 LYS A CA  1 
ATOM 359 C C   . LYS A 1 47 ? 8.708   -14.613 -0.769  1.00 52.33  ? 47 LYS A C   1 
ATOM 360 O O   . LYS A 1 47 ? 7.687   -14.310 -0.186  1.00 48.98  ? 47 LYS A O   1 
ATOM 361 C CB  . LYS A 1 47 ? 9.232   -16.985 -1.307  1.00 62.98  ? 47 LYS A CB  1 
ATOM 362 C CG  . LYS A 1 47 ? 8.846   -18.372 -0.754  1.00 68.79  ? 47 LYS A CG  1 
ATOM 363 C CD  . LYS A 1 47 ? 9.987   -19.099 -0.037  1.00 77.28  ? 47 LYS A CD  1 
ATOM 364 C CE  . LYS A 1 47 ? 9.769   -20.632 0.043   1.00 79.41  ? 47 LYS A CE  1 
ATOM 365 N NZ  . LYS A 1 47 ? 8.501   -21.074 0.703   1.00 83.95  ? 47 LYS A NZ  1 
ATOM 366 N N   . GLY A 1 48 ? 9.198   -13.921 -1.802  1.00 48.45  ? 48 GLY A N   1 
ATOM 367 C CA  . GLY A 1 48 ? 8.520   -12.746 -2.333  1.00 45.11  ? 48 GLY A CA  1 
ATOM 368 C C   . GLY A 1 48 ? 9.318   -11.982 -3.384  1.00 48.44  ? 48 GLY A C   1 
ATOM 369 O O   . GLY A 1 48 ? 10.366  -12.447 -3.846  1.00 45.83  ? 48 GLY A O   1 
ATOM 370 N N   . LEU A 1 49 ? 8.819   -10.811 -3.778  1.00 47.37  ? 49 LEU A N   1 
ATOM 371 C CA  . LEU A 1 49 ? 9.515   -9.974  -4.747  1.00 44.14  ? 49 LEU A CA  1 
ATOM 372 C C   . LEU A 1 49 ? 10.152  -8.798  -4.052  1.00 44.05  ? 49 LEU A C   1 
ATOM 373 O O   . LEU A 1 49 ? 9.677   -8.354  -3.014  1.00 46.94  ? 49 LEU A O   1 
ATOM 374 C CB  . LEU A 1 49 ? 8.557   -9.426  -5.780  1.00 44.23  ? 49 LEU A CB  1 
ATOM 375 C CG  . LEU A 1 49 ? 8.025   -10.382 -6.836  1.00 49.44  ? 49 LEU A CG  1 
ATOM 376 C CD1 . LEU A 1 49 ? 7.244   -9.607  -7.865  1.00 43.08  ? 49 LEU A CD1 1 
ATOM 377 C CD2 . LEU A 1 49 ? 9.175   -11.082 -7.502  1.00 48.81  ? 49 LEU A CD2 1 
ATOM 378 N N   . PHE A 1 50 ? 11.230  -8.282  -4.627  1.00 42.81  ? 50 PHE A N   1 
ATOM 379 C CA  . PHE A 1 50 ? 11.902  -7.124  -4.049  1.00 44.47  ? 50 PHE A CA  1 
ATOM 380 C C   . PHE A 1 50 ? 12.803  -6.388  -5.035  1.00 44.96  ? 50 PHE A C   1 
ATOM 381 O O   . PHE A 1 50 ? 13.178  -6.921  -6.068  1.00 43.96  ? 50 PHE A O   1 
ATOM 382 C CB  . PHE A 1 50 ? 12.702  -7.534  -2.803  1.00 42.03  ? 50 PHE A CB  1 
ATOM 383 C CG  . PHE A 1 50 ? 13.912  -8.356  -3.098  1.00 41.61  ? 50 PHE A CG  1 
ATOM 384 C CD1 . PHE A 1 50 ? 15.123  -7.749  -3.397  1.00 44.51  ? 50 PHE A CD1 1 
ATOM 385 C CD2 . PHE A 1 50 ? 13.828  -9.733  -3.167  1.00 42.62  ? 50 PHE A CD2 1 
ATOM 386 C CE1 . PHE A 1 50 ? 16.233  -8.495  -3.773  1.00 42.14  ? 50 PHE A CE1 1 
ATOM 387 C CE2 . PHE A 1 50 ? 14.931  -10.482 -3.541  1.00 41.27  ? 50 PHE A CE2 1 
ATOM 388 C CZ  . PHE A 1 50 ? 16.137  -9.858  -3.848  1.00 39.39  ? 50 PHE A CZ  1 
ATOM 389 N N   . PRO A 1 51 ? 13.130  -5.126  -4.731  1.00 45.95  ? 51 PRO A N   1 
ATOM 390 C CA  . PRO A 1 51 ? 13.991  -4.266  -5.552  1.00 43.62  ? 51 PRO A CA  1 
ATOM 391 C C   . PRO A 1 51 ? 15.438  -4.605  -5.238  1.00 43.53  ? 51 PRO A C   1 
ATOM 392 O O   . PRO A 1 51 ? 15.837  -4.586  -4.069  1.00 41.55  ? 51 PRO A O   1 
ATOM 393 C CB  . PRO A 1 51 ? 13.657  -2.853  -5.066  1.00 45.63  ? 51 PRO A CB  1 
ATOM 394 C CG  . PRO A 1 51 ? 12.410  -3.008  -4.239  1.00 46.52  ? 51 PRO A CG  1 
ATOM 395 C CD  . PRO A 1 51 ? 12.527  -4.354  -3.633  1.00 45.52  ? 51 PRO A CD  1 
ATOM 396 N N   . PHE A 1 52 ? 16.233  -4.880  -6.266  1.00 44.66  ? 52 PHE A N   1 
ATOM 397 C CA  . PHE A 1 52 ? 17.623  -5.233  -6.013  1.00 46.91  ? 52 PHE A CA  1 
ATOM 398 C C   . PHE A 1 52 ? 18.373  -4.190  -5.218  1.00 45.98  ? 52 PHE A C   1 
ATOM 399 O O   . PHE A 1 52 ? 19.296  -4.517  -4.483  1.00 47.63  ? 52 PHE A O   1 
ATOM 400 C CB  . PHE A 1 52 ? 18.369  -5.529  -7.310  1.00 49.70  ? 52 PHE A CB  1 
ATOM 401 C CG  . PHE A 1 52 ? 18.331  -4.418  -8.306  1.00 56.47  ? 52 PHE A CG  1 
ATOM 402 C CD1 . PHE A 1 52 ? 19.107  -3.273  -8.131  1.00 56.64  ? 52 PHE A CD1 1 
ATOM 403 C CD2 . PHE A 1 52 ? 17.535  -4.527  -9.447  1.00 62.52  ? 52 PHE A CD2 1 
ATOM 404 C CE1 . PHE A 1 52 ? 19.103  -2.252  -9.080  1.00 60.00  ? 52 PHE A CE1 1 
ATOM 405 C CE2 . PHE A 1 52 ? 17.517  -3.507  -10.416 1.00 64.11  ? 52 PHE A CE2 1 
ATOM 406 C CZ  . PHE A 1 52 ? 18.304  -2.370  -10.226 1.00 61.36  ? 52 PHE A CZ  1 
ATOM 407 N N   . THR A 1 53 ? 17.959  -2.942  -5.355  1.00 44.44  ? 53 THR A N   1 
ATOM 408 C CA  . THR A 1 53 ? 18.605  -1.849  -4.658  1.00 43.25  ? 53 THR A CA  1 
ATOM 409 C C   . THR A 1 53 ? 18.619  -2.011  -3.148  1.00 46.98  ? 53 THR A C   1 
ATOM 410 O O   . THR A 1 53 ? 19.333  -1.281  -2.447  1.00 48.76  ? 53 THR A O   1 
ATOM 411 C CB  . THR A 1 53 ? 17.913  -0.549  -4.972  1.00 42.37  ? 53 THR A CB  1 
ATOM 412 O OG1 . THR A 1 53 ? 16.522  -0.685  -4.667  1.00 47.36  ? 53 THR A OG1 1 
ATOM 413 C CG2 . THR A 1 53 ? 18.094  -0.205  -6.428  1.00 40.70  ? 53 THR A CG2 1 
ATOM 414 N N   . HIS A 1 54 ? 17.855  -2.961  -2.627  1.00 46.29  ? 54 HIS A N   1 
ATOM 415 C CA  . HIS A 1 54 ? 17.824  -3.115  -1.189  1.00 48.50  ? 54 HIS A CA  1 
ATOM 416 C C   . HIS A 1 54 ? 18.716  -4.178  -0.635  1.00 49.11  ? 54 HIS A C   1 
ATOM 417 O O   . HIS A 1 54 ? 18.696  -4.445  0.569   1.00 48.29  ? 54 HIS A O   1 
ATOM 418 C CB  . HIS A 1 54 ? 16.407  -3.369  -0.737  1.00 49.86  ? 54 HIS A CB  1 
ATOM 419 C CG  . HIS A 1 54 ? 15.514  -2.194  -0.928  1.00 49.50  ? 54 HIS A CG  1 
ATOM 420 N ND1 . HIS A 1 54 ? 14.895  -1.556  0.121   1.00 53.33  ? 54 HIS A ND1 1 
ATOM 421 C CD2 . HIS A 1 54 ? 15.167  -1.518  -2.046  1.00 49.44  ? 54 HIS A CD2 1 
ATOM 422 C CE1 . HIS A 1 54 ? 14.201  -0.537  -0.344  1.00 55.09  ? 54 HIS A CE1 1 
ATOM 423 N NE2 . HIS A 1 54 ? 14.350  -0.492  -1.655  1.00 54.24  ? 54 HIS A NE2 1 
ATOM 424 N N   . VAL A 1 55 ? 19.507  -4.779  -1.510  1.00 49.57  ? 55 VAL A N   1 
ATOM 425 C CA  . VAL A 1 55 ? 20.412  -5.835  -1.096  1.00 50.52  ? 55 VAL A CA  1 
ATOM 426 C C   . VAL A 1 55 ? 21.801  -5.740  -1.716  1.00 50.31  ? 55 VAL A C   1 
ATOM 427 O O   . VAL A 1 55 ? 21.997  -5.149  -2.772  1.00 47.99  ? 55 VAL A O   1 
ATOM 428 C CB  . VAL A 1 55 ? 19.854  -7.194  -1.496  1.00 47.91  ? 55 VAL A CB  1 
ATOM 429 C CG1 . VAL A 1 55 ? 18.550  -7.450  -0.802  1.00 45.45  ? 55 VAL A CG1 1 
ATOM 430 C CG2 . VAL A 1 55 ? 19.647  -7.223  -2.984  1.00 47.24  ? 55 VAL A CG2 1 
ATOM 431 N N   . LYS A 1 56 ? 22.769  -6.338  -1.045  1.00 49.69  ? 56 LYS A N   1 
ATOM 432 C CA  . LYS A 1 56 ? 24.109  -6.379  -1.581  1.00 51.86  ? 56 LYS A CA  1 
ATOM 433 C C   . LYS A 1 56 ? 24.473  -7.842  -1.666  1.00 49.70  ? 56 LYS A C   1 
ATOM 434 O O   . LYS A 1 56 ? 24.499  -8.524  -0.655  1.00 48.51  ? 56 LYS A O   1 
ATOM 435 C CB  . LYS A 1 56 ? 25.088  -5.668  -0.664  1.00 57.98  ? 56 LYS A CB  1 
ATOM 436 C CG  . LYS A 1 56 ? 26.455  -5.473  -1.297  1.00 64.28  ? 56 LYS A CG  1 
ATOM 437 C CD  . LYS A 1 56 ? 27.297  -4.471  -0.505  1.00 71.46  ? 56 LYS A CD  1 
ATOM 438 C CE  . LYS A 1 56 ? 28.689  -4.331  -1.117  1.00 75.34  ? 56 LYS A CE  1 
ATOM 439 N NZ  . LYS A 1 56 ? 28.623  -4.167  -2.607  1.00 76.44  ? 56 LYS A NZ  1 
ATOM 440 N N   . ILE A 1 57 ? 24.717  -8.329  -2.876  1.00 47.35  ? 57 ILE A N   1 
ATOM 441 C CA  . ILE A 1 57 ? 25.096  -9.719  -3.083  1.00 47.17  ? 57 ILE A CA  1 
ATOM 442 C C   . ILE A 1 57 ? 26.486  -9.905  -2.478  1.00 44.13  ? 57 ILE A C   1 
ATOM 443 O O   . ILE A 1 57 ? 27.373  -9.109  -2.722  1.00 45.02  ? 57 ILE A O   1 
ATOM 444 C CB  . ILE A 1 57 ? 25.172  -10.058 -4.584  1.00 48.42  ? 57 ILE A CB  1 
ATOM 445 C CG1 . ILE A 1 57 ? 23.870  -9.679  -5.286  1.00 51.22  ? 57 ILE A CG1 1 
ATOM 446 C CG2 . ILE A 1 57 ? 25.480  -11.503 -4.768  1.00 46.05  ? 57 ILE A CG2 1 
ATOM 447 C CD1 . ILE A 1 57 ? 23.690  -8.153  -5.465  1.00 55.62  ? 57 ILE A CD1 1 
ATOM 448 N N   . PHE A 1 58 ? 26.682  -10.934 -1.668  1.00 44.69  ? 58 PHE A N   1 
ATOM 449 C CA  . PHE A 1 58 ? 27.995  -11.138 -1.085  1.00 43.94  ? 58 PHE A CA  1 
ATOM 450 C C   . PHE A 1 58 ? 29.013  -11.435 -2.152  1.00 46.37  ? 58 PHE A C   1 
ATOM 451 O O   . PHE A 1 58 ? 28.747  -12.153 -3.117  1.00 45.58  ? 58 PHE A O   1 
ATOM 452 C CB  . PHE A 1 58 ? 27.987  -12.291 -0.111  1.00 43.99  ? 58 PHE A CB  1 
ATOM 453 C CG  . PHE A 1 58 ? 27.085  -12.086 1.055   1.00 42.11  ? 58 PHE A CG  1 
ATOM 454 C CD1 . PHE A 1 58 ? 25.773  -12.545 1.021   1.00 37.59  ? 58 PHE A CD1 1 
ATOM 455 C CD2 . PHE A 1 58 ? 27.566  -11.470 2.220   1.00 38.29  ? 58 PHE A CD2 1 
ATOM 456 C CE1 . PHE A 1 58 ? 24.953  -12.404 2.140   1.00 43.20  ? 58 PHE A CE1 1 
ATOM 457 C CE2 . PHE A 1 58 ? 26.750  -11.325 3.341   1.00 40.62  ? 58 PHE A CE2 1 
ATOM 458 C CZ  . PHE A 1 58 ? 25.440  -11.795 3.307   1.00 37.62  ? 58 PHE A CZ  1 
ATOM 459 N N   . ASP A 1 59 ? 30.194  -10.873 -1.952  1.00 49.27  ? 59 ASP A N   1 
ATOM 460 C CA  . ASP A 1 59 ? 31.307  -11.029 -2.867  1.00 51.18  ? 59 ASP A CA  1 
ATOM 461 C C   . ASP A 1 59 ? 32.404  -11.894 -2.218  1.00 53.99  ? 59 ASP A C   1 
ATOM 462 O O   . ASP A 1 59 ? 33.053  -11.485 -1.253  1.00 54.06  ? 59 ASP A O   1 
ATOM 463 C CB  . ASP A 1 59 ? 31.854  -9.640  -3.226  1.00 47.14  ? 59 ASP A CB  1 
ATOM 464 C CG  . ASP A 1 59 ? 33.067  -9.685  -4.156  1.00 50.72  ? 59 ASP A CG  1 
ATOM 465 O OD1 . ASP A 1 59 ? 33.637  -8.605  -4.431  1.00 47.66  ? 59 ASP A OD1 1 
ATOM 466 O OD2 . ASP A 1 59 ? 33.463  -10.782 -4.626  1.00 53.68  ? 59 ASP A OD2 1 
ATOM 467 N N   . PRO A 1 60 ? 32.604  -13.116 -2.732  1.00 57.07  ? 60 PRO A N   1 
ATOM 468 C CA  . PRO A 1 60 ? 33.627  -14.028 -2.214  1.00 60.88  ? 60 PRO A CA  1 
ATOM 469 C C   . PRO A 1 60 ? 34.941  -13.267 -2.010  1.00 66.33  ? 60 PRO A C   1 
ATOM 470 O O   . PRO A 1 60 ? 35.716  -13.561 -1.100  1.00 66.03  ? 60 PRO A O   1 
ATOM 471 C CB  . PRO A 1 60 ? 33.736  -15.060 -3.320  1.00 60.09  ? 60 PRO A CB  1 
ATOM 472 C CG  . PRO A 1 60 ? 32.320  -15.174 -3.797  1.00 59.08  ? 60 PRO A CG  1 
ATOM 473 C CD  . PRO A 1 60 ? 31.877  -13.728 -3.860  1.00 58.45  ? 60 PRO A CD  1 
ATOM 474 N N   . GLN A 1 61 ? 35.179  -12.286 -2.878  1.00 69.87  ? 61 GLN A N   1 
ATOM 475 C CA  . GLN A 1 61 ? 36.369  -11.450 -2.800  1.00 75.51  ? 61 GLN A CA  1 
ATOM 476 C C   . GLN A 1 61 ? 36.191  -10.283 -1.841  1.00 80.89  ? 61 GLN A C   1 
ATOM 477 O O   . GLN A 1 61 ? 35.958  -9.156  -2.276  1.00 81.37  ? 61 GLN A O   1 
ATOM 478 C CB  . GLN A 1 61 ? 36.725  -10.889 -4.173  1.00 75.65  ? 61 GLN A CB  1 
ATOM 479 C CG  . GLN A 1 61 ? 37.781  -11.679 -4.899  1.00 81.21  ? 61 GLN A CG  1 
ATOM 480 C CD  . GLN A 1 61 ? 37.507  -13.161 -4.830  1.00 83.57  ? 61 GLN A CD  1 
ATOM 481 O OE1 . GLN A 1 61 ? 36.473  -13.643 -5.310  1.00 83.42  ? 61 GLN A OE1 1 
ATOM 482 N NE2 . GLN A 1 61 ? 38.428  -13.900 -4.214  1.00 85.03  ? 61 GLN A NE2 1 
ATOM 483 N N   . ASN A 1 62 ? 36.269  -10.549 -0.537  1.00 86.46  ? 62 ASN A N   1 
ATOM 484 C CA  . ASN A 1 62 ? 36.176  -9.479  0.457   1.00 90.43  ? 62 ASN A CA  1 
ATOM 485 C C   . ASN A 1 62 ? 34.748  -9.028  0.719   1.00 92.29  ? 62 ASN A C   1 
ATOM 486 O O   . ASN A 1 62 ? 34.298  -9.157  1.879   1.00 94.00  ? 62 ASN A O   1 
ATOM 487 C CB  . ASN A 1 62 ? 37.000  -8.282  -0.029  1.00 93.63  ? 62 ASN A CB  1 
ATOM 488 C CG  . ASN A 1 62 ? 37.482  -7.404  1.092   1.00 95.89  ? 62 ASN A CG  1 
ATOM 489 O OD1 . ASN A 1 62 ? 38.160  -6.405  0.848   1.00 96.83  ? 62 ASN A OD1 1 
ATOM 490 N ND2 . ASN A 1 62 ? 37.144  -7.766  2.331   1.00 98.01  ? 62 ASN A ND2 1 
ATOM 491 N N   . PRO A 1 63 ? 34.118  -8.533  -0.238  1.00 92.25  ? 63 PRO A N   1 
ATOM 492 N N   . PRO B 1 1  ? 20.642  -19.744 -7.645  1.00 60.65  ? 1  PRO B N   1 
ATOM 493 C CA  . PRO B 1 1  ? 20.581  -19.063 -6.329  1.00 59.71  ? 1  PRO B CA  1 
ATOM 494 C C   . PRO B 1 1  ? 21.873  -18.389 -5.949  1.00 58.08  ? 1  PRO B C   1 
ATOM 495 O O   . PRO B 1 1  ? 22.953  -18.864 -6.270  1.00 59.60  ? 1  PRO B O   1 
ATOM 496 C CB  . PRO B 1 1  ? 20.204  -20.099 -5.274  1.00 59.05  ? 1  PRO B CB  1 
ATOM 497 C CG  . PRO B 1 1  ? 19.287  -20.990 -6.086  1.00 62.00  ? 1  PRO B CG  1 
ATOM 498 C CD  . PRO B 1 1  ? 19.949  -21.042 -7.541  1.00 68.26  ? 1  PRO B CD  1 
ATOM 499 N N   . VAL B 1 2  ? 21.742  -17.265 -5.256  1.00 54.89  ? 2  VAL B N   1 
ATOM 500 C CA  . VAL B 1 2  ? 22.875  -16.495 -4.801  1.00 48.37  ? 2  VAL B CA  1 
ATOM 501 C C   . VAL B 1 2  ? 22.385  -15.843 -3.499  1.00 47.84  ? 2  VAL B C   1 
ATOM 502 O O   . VAL B 1 2  ? 21.180  -15.777 -3.256  1.00 45.89  ? 2  VAL B O   1 
ATOM 503 C CB  . VAL B 1 2  ? 23.274  -15.483 -5.904  1.00 48.19  ? 2  VAL B CB  1 
ATOM 504 C CG1 . VAL B 1 2  ? 22.792  -14.091 -5.601  1.00 43.81  ? 2  VAL B CG1 1 
ATOM 505 C CG2 . VAL B 1 2  ? 24.733  -15.511 -6.085  1.00 48.51  ? 2  VAL B CG2 1 
ATOM 506 N N   . PHE B 1 3  ? 23.299  -15.411 -2.636  1.00 47.70  ? 3  PHE B N   1 
ATOM 507 C CA  . PHE B 1 3  ? 22.888  -14.802 -1.378  1.00 43.62  ? 3  PHE B CA  1 
ATOM 508 C C   . PHE B 1 3  ? 23.348  -13.367 -1.239  1.00 44.40  ? 3  PHE B C   1 
ATOM 509 O O   . PHE B 1 3  ? 24.411  -12.986 -1.735  1.00 46.63  ? 3  PHE B O   1 
ATOM 510 C CB  . PHE B 1 3  ? 23.399  -15.617 -0.206  1.00 40.72  ? 3  PHE B CB  1 
ATOM 511 C CG  . PHE B 1 3  ? 22.717  -16.931 -0.057  1.00 39.48  ? 3  PHE B CG  1 
ATOM 512 C CD1 . PHE B 1 3  ? 23.082  -18.019 -0.854  1.00 33.93  ? 3  PHE B CD1 1 
ATOM 513 C CD2 . PHE B 1 3  ? 21.689  -17.086 0.877   1.00 39.71  ? 3  PHE B CD2 1 
ATOM 514 C CE1 . PHE B 1 3  ? 22.437  -19.230 -0.726  1.00 33.02  ? 3  PHE B CE1 1 
ATOM 515 C CE2 . PHE B 1 3  ? 21.029  -18.324 1.011   1.00 36.38  ? 3  PHE B CE2 1 
ATOM 516 C CZ  . PHE B 1 3  ? 21.408  -19.389 0.209   1.00 32.55  ? 3  PHE B CZ  1 
ATOM 517 N N   . ALA B 1 4  ? 22.530  -12.586 -0.542  1.00 44.59  ? 4  ALA B N   1 
ATOM 518 C CA  . ALA B 1 4  ? 22.780  -11.178 -0.328  1.00 44.61  ? 4  ALA B CA  1 
ATOM 519 C C   . ALA B 1 4  ? 22.303  -10.732 1.048   1.00 43.79  ? 4  ALA B C   1 
ATOM 520 O O   . ALA B 1 4  ? 21.590  -11.460 1.737   1.00 41.33  ? 4  ALA B O   1 
ATOM 521 C CB  . ALA B 1 4  ? 22.084  -10.395 -1.392  1.00 44.91  ? 4  ALA B CB  1 
ATOM 522 N N   . LYS B 1 5  ? 22.727  -9.538  1.450   1.00 50.60  ? 5  LYS B N   1 
ATOM 523 C CA  . LYS B 1 5  ? 22.378  -8.956  2.745   1.00 52.02  ? 5  LYS B CA  1 
ATOM 524 C C   . LYS B 1 5  ? 21.414  -7.821  2.475   1.00 52.08  ? 5  LYS B C   1 
ATOM 525 O O   . LYS B 1 5  ? 21.534  -7.119  1.473   1.00 51.60  ? 5  LYS B O   1 
ATOM 526 C CB  . LYS B 1 5  ? 23.629  -8.396  3.400   1.00 55.19  ? 5  LYS B CB  1 
ATOM 527 C CG  . LYS B 1 5  ? 23.616  -8.378  4.905   1.00 66.36  ? 5  LYS B CG  1 
ATOM 528 C CD  . LYS B 1 5  ? 24.554  -7.297  5.504   1.00 73.37  ? 5  LYS B CD  1 
ATOM 529 C CE  . LYS B 1 5  ? 26.033  -7.424  5.074   1.00 77.16  ? 5  LYS B CE  1 
ATOM 530 N NZ  . LYS B 1 5  ? 26.758  -8.621  5.631   1.00 78.69  ? 5  LYS B NZ  1 
ATOM 531 N N   . ALA B 1 6  ? 20.450  -7.645  3.365   1.00 53.07  ? 6  ALA B N   1 
ATOM 532 C CA  . ALA B 1 6  ? 19.486  -6.567  3.200   1.00 52.47  ? 6  ALA B CA  1 
ATOM 533 C C   . ALA B 1 6  ? 20.145  -5.332  3.735   1.00 52.66  ? 6  ALA B C   1 
ATOM 534 O O   . ALA B 1 6  ? 20.478  -5.270  4.915   1.00 53.11  ? 6  ALA B O   1 
ATOM 535 C CB  . ALA B 1 6  ? 18.201  -6.837  3.977   1.00 50.86  ? 6  ALA B CB  1 
ATOM 536 N N   . ILE B 1 7  ? 20.343  -4.356  2.858   1.00 54.18  ? 7  ILE B N   1 
ATOM 537 C CA  . ILE B 1 7  ? 20.965  -3.105  3.242   1.00 57.18  ? 7  ILE B CA  1 
ATOM 538 C C   . ILE B 1 7  ? 19.920  -2.062  3.591   1.00 59.44  ? 7  ILE B C   1 
ATOM 539 O O   . ILE B 1 7  ? 20.153  -1.206  4.421   1.00 65.49  ? 7  ILE B O   1 
ATOM 540 C CB  . ILE B 1 7  ? 21.907  -2.594  2.134   1.00 55.90  ? 7  ILE B CB  1 
ATOM 541 C CG1 . ILE B 1 7  ? 21.152  -2.359  0.842   1.00 57.22  ? 7  ILE B CG1 1 
ATOM 542 C CG2 . ILE B 1 7  ? 22.971  -3.658  1.841   1.00 59.58  ? 7  ILE B CG2 1 
ATOM 543 C CD1 . ILE B 1 7  ? 22.066  -2.143  -0.310  1.00 49.23  ? 7  ILE B CD1 1 
ATOM 544 N N   . GLN B 1 8  ? 18.750  -2.139  2.982   1.00 59.17  ? 8  GLN B N   1 
ATOM 545 C CA  . GLN B 1 8  ? 17.698  -1.188  3.310   1.00 59.24  ? 8  GLN B CA  1 
ATOM 546 C C   . GLN B 1 8  ? 16.389  -1.888  3.673   1.00 57.48  ? 8  GLN B C   1 
ATOM 547 O O   . GLN B 1 8  ? 16.028  -2.891  3.067   1.00 56.24  ? 8  GLN B O   1 
ATOM 548 C CB  . GLN B 1 8  ? 17.461  -0.252  2.135   1.00 59.70  ? 8  GLN B CB  1 
ATOM 549 C CG  . GLN B 1 8  ? 16.494  0.871   2.445   1.00 59.17  ? 8  GLN B CG  1 
ATOM 550 C CD  . GLN B 1 8  ? 16.263  1.760   1.240   1.00 61.54  ? 8  GLN B CD  1 
ATOM 551 O OE1 . GLN B 1 8  ? 15.414  2.647   1.269   1.00 62.47  ? 8  GLN B OE1 1 
ATOM 552 N NE2 . GLN B 1 8  ? 17.022  1.524   0.169   1.00 58.40  ? 8  GLN B NE2 1 
ATOM 553 N N   . LYS B 1 9  ? 15.687  -1.354  4.662   1.00 55.10  ? 9  LYS B N   1 
ATOM 554 C CA  . LYS B 1 9  ? 14.422  -1.917  5.087   1.00 51.28  ? 9  LYS B CA  1 
ATOM 555 C C   . LYS B 1 9  ? 13.397  -1.783  3.977   1.00 50.22  ? 9  LYS B C   1 
ATOM 556 O O   . LYS B 1 9  ? 13.468  -0.893  3.148   1.00 46.26  ? 9  LYS B O   1 
ATOM 557 C CB  . LYS B 1 9  ? 13.904  -1.193  6.322   1.00 55.12  ? 9  LYS B CB  1 
ATOM 558 C CG  . LYS B 1 9  ? 12.581  -1.734  6.864   1.00 56.95  ? 9  LYS B CG  1 
ATOM 559 C CD  . LYS B 1 9  ? 12.097  -0.945  8.094   1.00 56.65  ? 9  LYS B CD  1 
ATOM 560 C CE  . LYS B 1 9  ? 11.051  -1.730  8.881   1.00 51.98  ? 9  LYS B CE  1 
ATOM 561 N NZ  . LYS B 1 9  ? 10.642  -1.125  10.163  1.00 53.28  ? 9  LYS B NZ  1 
ATOM 562 N N   . ARG B 1 10 ? 12.434  -2.683  3.967   1.00 51.48  ? 10 ARG B N   1 
ATOM 563 C CA  . ARG B 1 10 ? 11.400  -2.648  2.952   1.00 50.94  ? 10 ARG B CA  1 
ATOM 564 C C   . ARG B 1 10 ? 10.060  -3.200  3.470   1.00 48.79  ? 10 ARG B C   1 
ATOM 565 O O   . ARG B 1 10 ? 9.930   -4.377  3.805   1.00 46.15  ? 10 ARG B O   1 
ATOM 566 C CB  . ARG B 1 10 ? 11.890  -3.398  1.719   1.00 47.91  ? 10 ARG B CB  1 
ATOM 567 C CG  . ARG B 1 10 ? 10.936  -4.389  1.175   1.00 51.03  ? 10 ARG B CG  1 
ATOM 568 C CD  . ARG B 1 10 ? 9.994   -3.845  0.147   1.00 49.49  ? 10 ARG B CD  1 
ATOM 569 N NE  . ARG B 1 10 ? 9.775   -4.916  -0.813  1.00 53.19  ? 10 ARG B NE  1 
ATOM 570 C CZ  . ARG B 1 10 ? 9.030   -4.806  -1.892  1.00 53.04  ? 10 ARG B CZ  1 
ATOM 571 N NH1 . ARG B 1 10 ? 8.419   -3.661  -2.141  1.00 57.64  ? 10 ARG B NH1 1 
ATOM 572 N NH2 . ARG B 1 10 ? 8.924   -5.827  -2.726  1.00 53.00  ? 10 ARG B NH2 1 
ATOM 573 N N   . VAL B 1 11 ? 9.082   -2.300  3.535   1.00 49.57  ? 11 VAL B N   1 
ATOM 574 C CA  . VAL B 1 11 ? 7.731   -2.570  4.031   1.00 49.86  ? 11 VAL B CA  1 
ATOM 575 C C   . VAL B 1 11 ? 6.777   -2.854  2.881   1.00 47.63  ? 11 VAL B C   1 
ATOM 576 O O   . VAL B 1 11 ? 6.763   -2.141  1.896   1.00 48.59  ? 11 VAL B O   1 
ATOM 577 C CB  . VAL B 1 11 ? 7.221   -1.340  4.815   1.00 50.64  ? 11 VAL B CB  1 
ATOM 578 C CG1 . VAL B 1 11 ? 5.810   -1.525  5.248   1.00 55.28  ? 11 VAL B CG1 1 
ATOM 579 C CG2 . VAL B 1 11 ? 8.108   -1.099  6.020   1.00 54.28  ? 11 VAL B CG2 1 
ATOM 580 N N   . PRO B 1 12 ? 5.979   -3.916  2.985   1.00 46.84  ? 12 PRO B N   1 
ATOM 581 C CA  . PRO B 1 12 ? 5.024   -4.267  1.924   1.00 46.73  ? 12 PRO B CA  1 
ATOM 582 C C   . PRO B 1 12 ? 3.716   -3.428  1.963   1.00 49.52  ? 12 PRO B C   1 
ATOM 583 O O   . PRO B 1 12 ? 2.636   -3.911  1.604   1.00 50.92  ? 12 PRO B O   1 
ATOM 584 C CB  . PRO B 1 12 ? 4.777   -5.744  2.183   1.00 47.36  ? 12 PRO B CB  1 
ATOM 585 C CG  . PRO B 1 12 ? 4.815   -5.791  3.716   1.00 45.29  ? 12 PRO B CG  1 
ATOM 586 C CD  . PRO B 1 12 ? 6.038   -4.961  4.021   1.00 45.29  ? 12 PRO B CD  1 
ATOM 587 N N   . CYS B 1 13 ? 3.828   -2.183  2.418   1.00 47.19  ? 13 CYS B N   1 
ATOM 588 C CA  . CYS B 1 13 ? 2.709   -1.279  2.490   1.00 46.20  ? 13 CYS B CA  1 
ATOM 589 C C   . CYS B 1 13 ? 2.992   -0.091  1.591   1.00 47.62  ? 13 CYS B C   1 
ATOM 590 O O   . CYS B 1 13 ? 4.110   0.396   1.548   1.00 45.90  ? 13 CYS B O   1 
ATOM 591 C CB  . CYS B 1 13 ? 2.529   -0.799  3.903   1.00 45.29  ? 13 CYS B CB  1 
ATOM 592 S SG  . CYS B 1 13 ? 2.255   -2.135  5.041   1.00 59.01  ? 13 CYS B SG  1 
ATOM 593 N N   . ALA B 1 14 ? 1.972   0.366   0.870   1.00 48.73  ? 14 ALA B N   1 
ATOM 594 C CA  . ALA B 1 14 ? 2.086   1.506   -0.026  1.00 43.88  ? 14 ALA B CA  1 
ATOM 595 C C   . ALA B 1 14 ? 1.122   2.597   0.421   1.00 45.46  ? 14 ALA B C   1 
ATOM 596 O O   . ALA B 1 14 ? 0.026   2.315   0.889   1.00 51.62  ? 14 ALA B O   1 
ATOM 597 C CB  . ALA B 1 14 ? 1.773   1.080   -1.430  1.00 41.80  ? 14 ALA B CB  1 
ATOM 598 N N   . TYR B 1 15 ? 1.536   3.843   0.285   1.00 44.67  ? 15 TYR B N   1 
ATOM 599 C CA  . TYR B 1 15 ? 0.707   4.955   0.684   1.00 45.83  ? 15 TYR B CA  1 
ATOM 600 C C   . TYR B 1 15 ? 0.137   5.606   -0.559  1.00 49.86  ? 15 TYR B C   1 
ATOM 601 O O   . TYR B 1 15 ? 0.843   5.806   -1.552  1.00 47.84  ? 15 TYR B O   1 
ATOM 602 C CB  . TYR B 1 15 ? 1.529   5.972   1.445   1.00 47.22  ? 15 TYR B CB  1 
ATOM 603 C CG  . TYR B 1 15 ? 0.774   7.230   1.781   1.00 45.52  ? 15 TYR B CG  1 
ATOM 604 C CD1 . TYR B 1 15 ? -0.271  7.202   2.684   1.00 51.49  ? 15 TYR B CD1 1 
ATOM 605 C CD2 . TYR B 1 15 ? 1.144   8.459   1.236   1.00 47.48  ? 15 TYR B CD2 1 
ATOM 606 C CE1 . TYR B 1 15 ? -0.932  8.365   3.050   1.00 54.55  ? 15 TYR B CE1 1 
ATOM 607 C CE2 . TYR B 1 15 ? 0.493   9.631   1.585   1.00 47.12  ? 15 TYR B CE2 1 
ATOM 608 C CZ  . TYR B 1 15 ? -0.543  9.580   2.490   1.00 54.51  ? 15 TYR B CZ  1 
ATOM 609 O OH  . TYR B 1 15 ? -1.232  10.724  2.833   1.00 56.19  ? 15 TYR B OH  1 
ATOM 610 N N   . ASP B 1 16 ? -1.147  5.932   -0.502  1.00 51.17  ? 16 ASP B N   1 
ATOM 611 C CA  . ASP B 1 16 ? -1.824  6.556   -1.619  1.00 50.03  ? 16 ASP B CA  1 
ATOM 612 C C   . ASP B 1 16 ? -2.131  7.984   -1.207  1.00 50.85  ? 16 ASP B C   1 
ATOM 613 O O   . ASP B 1 16 ? -3.053  8.251   -0.435  1.00 50.68  ? 16 ASP B O   1 
ATOM 614 C CB  . ASP B 1 16 ? -3.105  5.786   -1.917  1.00 51.41  ? 16 ASP B CB  1 
ATOM 615 C CG  . ASP B 1 16 ? -3.835  6.287   -3.155  1.00 53.98  ? 16 ASP B CG  1 
ATOM 616 O OD1 . ASP B 1 16 ? -3.552  7.406   -3.662  1.00 52.87  ? 16 ASP B OD1 1 
ATOM 617 O OD2 . ASP B 1 16 ? -4.724  5.540   -3.606  1.00 58.22  ? 16 ASP B OD2 1 
ATOM 618 N N   . LYS B 1 17 ? -1.340  8.905   -1.726  1.00 52.59  ? 17 LYS B N   1 
ATOM 619 C CA  . LYS B 1 17 ? -1.530  10.306  -1.402  1.00 56.09  ? 17 LYS B CA  1 
ATOM 620 C C   . LYS B 1 17 ? -2.891  10.817  -1.813  1.00 55.17  ? 17 LYS B C   1 
ATOM 621 O O   . LYS B 1 17 ? -3.389  11.769  -1.223  1.00 53.71  ? 17 LYS B O   1 
ATOM 622 C CB  . LYS B 1 17 ? -0.435  11.179  -2.045  1.00 59.78  ? 17 LYS B CB  1 
ATOM 623 C CG  . LYS B 1 17 ? -0.142  10.953  -3.526  1.00 61.34  ? 17 LYS B CG  1 
ATOM 624 C CD  . LYS B 1 17 ? 0.962   11.923  -3.970  1.00 63.32  ? 17 LYS B CD  1 
ATOM 625 C CE  . LYS B 1 17 ? 1.538   11.578  -5.354  1.00 70.76  ? 17 LYS B CE  1 
ATOM 626 N NZ  . LYS B 1 17 ? 2.982   11.099  -5.366  1.00 70.32  ? 17 LYS B NZ  1 
ATOM 627 N N   . THR B 1 18 ? -3.499  10.177  -2.807  1.00 52.91  ? 18 THR B N   1 
ATOM 628 C CA  . THR B 1 18 ? -4.794  10.625  -3.278  1.00 50.64  ? 18 THR B CA  1 
ATOM 629 C C   . THR B 1 18 ? -5.967  10.076  -2.503  1.00 50.18  ? 18 THR B C   1 
ATOM 630 O O   . THR B 1 18 ? -7.057  10.613  -2.598  1.00 49.75  ? 18 THR B O   1 
ATOM 631 C CB  . THR B 1 18 ? -5.011  10.260  -4.735  1.00 53.17  ? 18 THR B CB  1 
ATOM 632 O OG1 . THR B 1 18 ? -5.276  8.850   -4.856  1.00 53.71  ? 18 THR B OG1 1 
ATOM 633 C CG2 . THR B 1 18 ? -3.786  10.632  -5.532  1.00 53.42  ? 18 THR B CG2 1 
ATOM 634 N N   . ALA B 1 19 ? -5.751  9.021   -1.725  1.00 48.59  ? 19 ALA B N   1 
ATOM 635 C CA  . ALA B 1 19 ? -6.855  8.412   -0.981  1.00 47.20  ? 19 ALA B CA  1 
ATOM 636 C C   . ALA B 1 19 ? -7.324  9.157   0.265   1.00 47.44  ? 19 ALA B C   1 
ATOM 637 O O   . ALA B 1 19 ? -6.520  9.467   1.127   1.00 50.79  ? 19 ALA B O   1 
ATOM 638 C CB  . ALA B 1 19 ? -6.493  6.988   -0.602  1.00 38.69  ? 19 ALA B CB  1 
ATOM 639 N N   . LEU B 1 20 ? -8.619  9.443   0.356   1.00 47.24  ? 20 LEU B N   1 
ATOM 640 C CA  . LEU B 1 20 ? -9.187  10.091  1.533   1.00 44.48  ? 20 LEU B CA  1 
ATOM 641 C C   . LEU B 1 20 ? -9.341  9.026   2.616   1.00 46.14  ? 20 LEU B C   1 
ATOM 642 O O   . LEU B 1 20 ? -9.877  7.928   2.358   1.00 45.56  ? 20 LEU B O   1 
ATOM 643 C CB  . LEU B 1 20 ? -10.571 10.667  1.215   1.00 45.83  ? 20 LEU B CB  1 
ATOM 644 C CG  . LEU B 1 20 ? -11.403 11.243  2.371   1.00 45.71  ? 20 LEU B CG  1 
ATOM 645 C CD1 . LEU B 1 20 ? -10.743 12.530  2.940   1.00 42.69  ? 20 LEU B CD1 1 
ATOM 646 C CD2 . LEU B 1 20 ? -12.794 11.555  1.855   1.00 40.75  ? 20 LEU B CD2 1 
ATOM 647 N N   . ALA B 1 21 ? -8.886  9.336   3.826   1.00 47.24  ? 21 ALA B N   1 
ATOM 648 C CA  . ALA B 1 21 ? -8.979  8.368   4.923   1.00 48.73  ? 21 ALA B CA  1 
ATOM 649 C C   . ALA B 1 21 ? -10.319 8.468   5.634   1.00 49.06  ? 21 ALA B C   1 
ATOM 650 O O   . ALA B 1 21 ? -10.898 9.551   5.749   1.00 52.66  ? 21 ALA B O   1 
ATOM 651 C CB  . ALA B 1 21 ? -7.845  8.577   5.909   1.00 43.41  ? 21 ALA B CB  1 
ATOM 652 N N   . LEU B 1 22 ? -10.816 7.351   6.138   1.00 47.28  ? 22 LEU B N   1 
ATOM 653 C CA  . LEU B 1 22 ? -12.103 7.420   6.782   1.00 47.47  ? 22 LEU B CA  1 
ATOM 654 C C   . LEU B 1 22 ? -12.232 6.687   8.091   1.00 49.22  ? 22 LEU B C   1 
ATOM 655 O O   . LEU B 1 22 ? -11.718 5.585   8.264   1.00 49.71  ? 22 LEU B O   1 
ATOM 656 C CB  . LEU B 1 22 ? -13.176 6.886   5.832   1.00 48.01  ? 22 LEU B CB  1 
ATOM 657 C CG  . LEU B 1 22 ? -13.430 7.526   4.466   1.00 45.90  ? 22 LEU B CG  1 
ATOM 658 C CD1 . LEU B 1 22 ? -14.453 6.725   3.721   1.00 43.56  ? 22 LEU B CD1 1 
ATOM 659 C CD2 . LEU B 1 22 ? -13.921 8.925   4.650   1.00 43.43  ? 22 LEU B CD2 1 
ATOM 660 N N   . GLU B 1 23 ? -12.962 7.318   9.001   1.00 51.43  ? 23 GLU B N   1 
ATOM 661 C CA  . GLU B 1 23 ? -13.279 6.742   10.303  1.00 51.59  ? 23 GLU B CA  1 
ATOM 662 C C   . GLU B 1 23 ? -14.784 6.530   10.262  1.00 48.02  ? 23 GLU B C   1 
ATOM 663 O O   . GLU B 1 23 ? -15.507 7.395   9.785   1.00 46.67  ? 23 GLU B O   1 
ATOM 664 C CB  . GLU B 1 23 ? -12.923 7.713   11.433  1.00 54.35  ? 23 GLU B CB  1 
ATOM 665 C CG  . GLU B 1 23 ? -11.446 7.700   11.799  1.00 62.14  ? 23 GLU B CG  1 
ATOM 666 C CD  . GLU B 1 23 ? -10.870 6.276   11.835  1.00 69.30  ? 23 GLU B CD  1 
ATOM 667 O OE1 . GLU B 1 23 ? -11.562 5.345   12.321  1.00 71.04  ? 23 GLU B OE1 1 
ATOM 668 O OE2 . GLU B 1 23 ? -9.718  6.092   11.372  1.00 70.56  ? 23 GLU B OE2 1 
ATOM 669 N N   . VAL B 1 24 ? -15.257 5.382   10.723  1.00 47.92  ? 24 VAL B N   1 
ATOM 670 C CA  . VAL B 1 24 ? -16.687 5.126   10.715  1.00 47.45  ? 24 VAL B CA  1 
ATOM 671 C C   . VAL B 1 24 ? -17.439 6.269   11.386  1.00 50.11  ? 24 VAL B C   1 
ATOM 672 O O   . VAL B 1 24 ? -17.171 6.595   12.545  1.00 54.08  ? 24 VAL B O   1 
ATOM 673 C CB  . VAL B 1 24 ? -17.041 3.872   11.458  1.00 44.00  ? 24 VAL B CB  1 
ATOM 674 C CG1 . VAL B 1 24 ? -18.541 3.790   11.590  1.00 43.45  ? 24 VAL B CG1 1 
ATOM 675 C CG2 . VAL B 1 24 ? -16.514 2.677   10.730  1.00 41.22  ? 24 VAL B CG2 1 
ATOM 676 N N   . GLY B 1 25 ? -18.381 6.870   10.665  1.00 49.02  ? 25 GLY B N   1 
ATOM 677 C CA  . GLY B 1 25 ? -19.123 7.984   11.217  1.00 48.27  ? 25 GLY B CA  1 
ATOM 678 C C   . GLY B 1 25 ? -18.672 9.314   10.638  1.00 51.57  ? 25 GLY B C   1 
ATOM 679 O O   . GLY B 1 25 ? -19.415 10.306  10.692  1.00 54.76  ? 25 GLY B O   1 
ATOM 680 N N   . ASP B 1 26 ? -17.457 9.375   10.102  1.00 49.22  ? 26 ASP B N   1 
ATOM 681 C CA  . ASP B 1 26 ? -17.017 10.627  9.516   1.00 49.20  ? 26 ASP B CA  1 
ATOM 682 C C   . ASP B 1 26 ? -18.125 11.047  8.501   1.00 51.84  ? 26 ASP B C   1 
ATOM 683 O O   . ASP B 1 26 ? -18.680 10.192  7.790   1.00 52.86  ? 26 ASP B O   1 
ATOM 684 C CB  . ASP B 1 26 ? -15.610 10.479  8.931   1.00 48.71  ? 26 ASP B CB  1 
ATOM 685 C CG  . ASP B 1 26 ? -14.528 10.576  9.988   1.00 49.55  ? 26 ASP B CG  1 
ATOM 686 O OD1 . ASP B 1 26 ? -14.872 10.727  11.178  1.00 50.78  ? 26 ASP B OD1 1 
ATOM 687 O OD2 . ASP B 1 26 ? -13.335 10.499  9.624   1.00 50.34  ? 26 ASP B OD2 1 
ATOM 688 N N   . ILE B 1 27 ? -18.480 12.337  8.480   1.00 51.01  ? 27 ILE B N   1 
ATOM 689 C CA  . ILE B 1 27 ? -19.489 12.868  7.542   1.00 48.15  ? 27 ILE B CA  1 
ATOM 690 C C   . ILE B 1 27 ? -18.813 13.306  6.255   1.00 46.55  ? 27 ILE B C   1 
ATOM 691 O O   . ILE B 1 27 ? -17.950 14.176  6.268   1.00 50.55  ? 27 ILE B O   1 
ATOM 692 C CB  . ILE B 1 27 ? -20.229 14.119  8.091   1.00 52.34  ? 27 ILE B CB  1 
ATOM 693 C CG1 . ILE B 1 27 ? -21.171 13.734  9.225   1.00 48.58  ? 27 ILE B CG1 1 
ATOM 694 C CG2 . ILE B 1 27 ? -21.007 14.799  6.972   1.00 44.89  ? 27 ILE B CG2 1 
ATOM 695 C CD1 . ILE B 1 27 ? -22.133 12.657  8.832   1.00 50.02  ? 27 ILE B CD1 1 
ATOM 696 N N   . VAL B 1 28 ? -19.228 12.750  5.127   1.00 48.36  ? 28 VAL B N   1 
ATOM 697 C CA  . VAL B 1 28 ? -18.581 13.118  3.880   1.00 47.16  ? 28 VAL B CA  1 
ATOM 698 C C   . VAL B 1 28 ? -19.397 13.889  2.899   1.00 48.41  ? 28 VAL B C   1 
ATOM 699 O O   . VAL B 1 28 ? -20.480 13.472  2.517   1.00 49.03  ? 28 VAL B O   1 
ATOM 700 C CB  . VAL B 1 28 ? -18.088 11.897  3.118   1.00 42.54  ? 28 VAL B CB  1 
ATOM 701 C CG1 . VAL B 1 28 ? -17.319 12.342  1.875   1.00 39.38  ? 28 VAL B CG1 1 
ATOM 702 C CG2 . VAL B 1 28 ? -17.243 11.044  4.031   1.00 44.83  ? 28 VAL B CG2 1 
ATOM 703 N N   . LYS B 1 29 ? -18.831 14.998  2.459   1.00 48.40  ? 29 LYS B N   1 
ATOM 704 C CA  . LYS B 1 29 ? -19.446 15.840  1.451   1.00 48.66  ? 29 LYS B CA  1 
ATOM 705 C C   . LYS B 1 29 ? -18.895 15.273  0.138   1.00 47.16  ? 29 LYS B C   1 
ATOM 706 O O   . LYS B 1 29 ? -17.833 15.672  -0.321  1.00 46.76  ? 29 LYS B O   1 
ATOM 707 C CB  . LYS B 1 29 ? -18.978 17.280  1.663   1.00 52.22  ? 29 LYS B CB  1 
ATOM 708 C CG  . LYS B 1 29 ? -19.470 18.320  0.665   1.00 56.60  ? 29 LYS B CG  1 
ATOM 709 C CD  . LYS B 1 29 ? -18.885 19.675  1.055   1.00 68.63  ? 29 LYS B CD  1 
ATOM 710 C CE  . LYS B 1 29 ? -18.957 20.733  -0.033  1.00 71.32  ? 29 LYS B CE  1 
ATOM 711 N NZ  . LYS B 1 29 ? -17.968 21.828  0.277   1.00 76.11  ? 29 LYS B NZ  1 
ATOM 712 N N   . VAL B 1 30 ? -19.590 14.302  -0.443  1.00 45.85  ? 30 VAL B N   1 
ATOM 713 C CA  . VAL B 1 30 ? -19.115 13.725  -1.679  1.00 45.39  ? 30 VAL B CA  1 
ATOM 714 C C   . VAL B 1 30 ? -19.214 14.750  -2.775  1.00 48.78  ? 30 VAL B C   1 
ATOM 715 O O   . VAL B 1 30 ? -20.233 15.360  -3.028  1.00 53.83  ? 30 VAL B O   1 
ATOM 716 C CB  . VAL B 1 30 ? -19.838 12.454  -2.034  1.00 40.34  ? 30 VAL B CB  1 
ATOM 717 C CG1 . VAL B 1 30 ? -21.155 12.468  -1.425  1.00 40.46  ? 30 VAL B CG1 1 
ATOM 718 C CG2 . VAL B 1 30 ? -19.902 12.293  -3.543  1.00 37.14  ? 30 VAL B CG2 1 
ATOM 719 N N   . THR B 1 31 ? -18.100 14.887  -3.446  1.00 51.12  ? 31 THR B N   1 
ATOM 720 C CA  . THR B 1 31 ? -17.886 15.880  -4.449  1.00 49.13  ? 31 THR B CA  1 
ATOM 721 C C   . THR B 1 31 ? -17.919 15.476  -5.923  1.00 51.70  ? 31 THR B C   1 
ATOM 722 O O   . THR B 1 31 ? -18.186 16.306  -6.788  1.00 51.62  ? 31 THR B O   1 
ATOM 723 C CB  . THR B 1 31 ? -16.558 16.509  -4.076  1.00 45.32  ? 31 THR B CB  1 
ATOM 724 O OG1 . THR B 1 31 ? -16.807 17.808  -3.550  1.00 45.36  ? 31 THR B OG1 1 
ATOM 725 C CG2 . THR B 1 31 ? -15.600 16.512  -5.219  1.00 41.34  ? 31 THR B CG2 1 
ATOM 726 N N   . ARG B 1 32 ? -17.626 14.216  -6.212  1.00 50.48  ? 32 ARG B N   1 
ATOM 727 C CA  . ARG B 1 32 ? -17.632 13.746  -7.579  1.00 50.69  ? 32 ARG B CA  1 
ATOM 728 C C   . ARG B 1 32 ? -17.810 12.270  -7.508  1.00 50.18  ? 32 ARG B C   1 
ATOM 729 O O   . ARG B 1 32 ? -17.503 11.673  -6.491  1.00 52.32  ? 32 ARG B O   1 
ATOM 730 C CB  . ARG B 1 32 ? -16.323 14.081  -8.283  1.00 55.68  ? 32 ARG B CB  1 
ATOM 731 C CG  . ARG B 1 32 ? -16.170 15.557  -8.665  1.00 58.89  ? 32 ARG B CG  1 
ATOM 732 C CD  . ARG B 1 32 ? -15.007 15.749  -9.630  1.00 61.81  ? 32 ARG B CD  1 
ATOM 733 N NE  . ARG B 1 32 ? -13.749 15.292  -9.048  1.00 68.83  ? 32 ARG B NE  1 
ATOM 734 C CZ  . ARG B 1 32 ? -12.686 14.913  -9.750  1.00 69.95  ? 32 ARG B CZ  1 
ATOM 735 N NH1 . ARG B 1 32 ? -11.592 14.517  -9.119  1.00 73.50  ? 32 ARG B NH1 1 
ATOM 736 N NH2 . ARG B 1 32 ? -12.714 14.919  -11.079 1.00 76.25  ? 32 ARG B NH2 1 
ATOM 737 N N   . MET B 1 33 ? -18.307 11.672  -8.582  1.00 50.51  ? 33 MET B N   1 
ATOM 738 C CA  . MET B 1 33 ? -18.539 10.235  -8.587  1.00 50.02  ? 33 MET B CA  1 
ATOM 739 C C   . MET B 1 33 ? -18.076 9.619   -9.882  1.00 51.37  ? 33 MET B C   1 
ATOM 740 O O   . MET B 1 33 ? -17.814 10.317  -10.848 1.00 52.10  ? 33 MET B O   1 
ATOM 741 C CB  . MET B 1 33 ? -20.023 9.928   -8.415  1.00 45.68  ? 33 MET B CB  1 
ATOM 742 C CG  . MET B 1 33 ? -20.663 10.509  -7.167  1.00 46.04  ? 33 MET B CG  1 
ATOM 743 S SD  . MET B 1 33 ? -22.382 9.979   -6.992  1.00 48.50  ? 33 MET B SD  1 
ATOM 744 C CE  . MET B 1 33 ? -22.734 10.485  -5.323  1.00 35.41  ? 33 MET B CE  1 
ATOM 745 N N   . ASN B 1 34 ? -17.994 8.296   -9.885  1.00 54.65  ? 34 ASN B N   1 
ATOM 746 C CA  . ASN B 1 34 ? -17.592 7.531   -11.051 1.00 54.94  ? 34 ASN B CA  1 
ATOM 747 C C   . ASN B 1 34 ? -16.175 7.822   -11.477 1.00 56.14  ? 34 ASN B C   1 
ATOM 748 O O   . ASN B 1 34 ? -15.909 8.048   -12.651 1.00 58.15  ? 34 ASN B O   1 
ATOM 749 C CB  . ASN B 1 34 ? -18.527 7.804   -12.232 1.00 53.02  ? 34 ASN B CB  1 
ATOM 750 C CG  . ASN B 1 34 ? -19.964 7.494   -11.925 1.00 51.65  ? 34 ASN B CG  1 
ATOM 751 O OD1 . ASN B 1 34 ? -20.284 6.392   -11.473 1.00 49.19  ? 34 ASN B OD1 1 
ATOM 752 N ND2 . ASN B 1 34 ? -20.854 8.466   -12.180 1.00 47.09  ? 34 ASN B ND2 1 
ATOM 753 N N   . ILE B 1 35 ? -15.263 7.856   -10.518 1.00 57.28  ? 35 ILE B N   1 
ATOM 754 C CA  . ILE B 1 35 ? -13.871 8.079   -10.862 1.00 54.30  ? 35 ILE B CA  1 
ATOM 755 C C   . ILE B 1 35 ? -13.268 6.695   -10.761 1.00 56.32  ? 35 ILE B C   1 
ATOM 756 O O   . ILE B 1 35 ? -12.533 6.380   -9.850  1.00 52.41  ? 35 ILE B O   1 
ATOM 757 C CB  . ILE B 1 35 ? -13.209 9.054   -9.891  1.00 52.92  ? 35 ILE B CB  1 
ATOM 758 C CG1 . ILE B 1 35 ? -14.100 10.294  -9.754  1.00 53.09  ? 35 ILE B CG1 1 
ATOM 759 C CG2 . ILE B 1 35 ? -11.827 9.424   -10.391 1.00 45.76  ? 35 ILE B CG2 1 
ATOM 760 C CD1 . ILE B 1 35 ? -13.450 11.490  -9.116  1.00 55.61  ? 35 ILE B CD1 1 
ATOM 761 N N   . ASN B 1 36 ? -13.640 5.844   -11.703 1.00 62.89  ? 36 ASN B N   1 
ATOM 762 C CA  . ASN B 1 36 ? -13.141 4.488   -11.705 1.00 67.54  ? 36 ASN B CA  1 
ATOM 763 C C   . ASN B 1 36 ? -13.522 3.710   -10.442 1.00 66.82  ? 36 ASN B C   1 
ATOM 764 O O   . ASN B 1 36 ? -12.686 3.040   -9.827  1.00 66.38  ? 36 ASN B O   1 
ATOM 765 C CB  . ASN B 1 36 ? -11.627 4.508   -11.882 1.00 75.36  ? 36 ASN B CB  1 
ATOM 766 C CG  . ASN B 1 36 ? -11.225 4.747   -13.314 1.00 80.50  ? 36 ASN B CG  1 
ATOM 767 O OD1 . ASN B 1 36 ? -11.165 3.805   -14.115 1.00 83.71  ? 36 ASN B OD1 1 
ATOM 768 N ND2 . ASN B 1 36 ? -10.961 6.009   -13.657 1.00 82.85  ? 36 ASN B ND2 1 
ATOM 769 N N   . GLY B 1 37 ? -14.792 3.808   -10.061 1.00 66.40  ? 37 GLY B N   1 
ATOM 770 C CA  . GLY B 1 37 ? -15.279 3.077   -8.902  1.00 63.81  ? 37 GLY B CA  1 
ATOM 771 C C   . GLY B 1 37 ? -15.108 3.830   -7.613  1.00 64.05  ? 37 GLY B C   1 
ATOM 772 O O   . GLY B 1 37 ? -15.367 3.307   -6.518  1.00 63.15  ? 37 GLY B O   1 
ATOM 773 N N   . GLN B 1 38 ? -14.666 5.073   -7.736  1.00 60.09  ? 38 GLN B N   1 
ATOM 774 C CA  . GLN B 1 38 ? -14.468 5.853   -6.555  1.00 55.58  ? 38 GLN B CA  1 
ATOM 775 C C   . GLN B 1 38 ? -15.213 7.118   -6.629  1.00 53.39  ? 38 GLN B C   1 
ATOM 776 O O   . GLN B 1 38 ? -15.684 7.511   -7.688  1.00 56.65  ? 38 GLN B O   1 
ATOM 777 C CB  . GLN B 1 38 ? -13.005 6.153   -6.350  1.00 56.54  ? 38 GLN B CB  1 
ATOM 778 C CG  . GLN B 1 38 ? -12.192 4.921   -6.103  1.00 58.99  ? 38 GLN B CG  1 
ATOM 779 C CD  . GLN B 1 38 ? -10.958 5.240   -5.330  1.00 61.15  ? 38 GLN B CD  1 
ATOM 780 O OE1 . GLN B 1 38 ? -10.935 5.142   -4.107  1.00 61.86  ? 38 GLN B OE1 1 
ATOM 781 N NE2 . GLN B 1 38 ? -9.915  5.657   -6.039  1.00 66.82  ? 38 GLN B NE2 1 
ATOM 782 N N   . TRP B 1 39 ? -15.330 7.745   -5.473  1.00 53.14  ? 39 TRP B N   1 
ATOM 783 C CA  . TRP B 1 39 ? -16.000 9.016   -5.355  1.00 51.26  ? 39 TRP B CA  1 
ATOM 784 C C   . TRP B 1 39 ? -14.962 9.872   -4.732  1.00 51.92  ? 39 TRP B C   1 
ATOM 785 O O   . TRP B 1 39 ? -14.093 9.373   -4.021  1.00 52.55  ? 39 TRP B O   1 
ATOM 786 C CB  . TRP B 1 39 ? -17.177 8.940   -4.399  1.00 50.79  ? 39 TRP B CB  1 
ATOM 787 C CG  . TRP B 1 39 ? -18.370 8.233   -4.936  1.00 49.95  ? 39 TRP B CG  1 
ATOM 788 C CD1 . TRP B 1 39 ? -18.476 7.574   -6.128  1.00 48.94  ? 39 TRP B CD1 1 
ATOM 789 C CD2 . TRP B 1 39 ? -19.615 8.060   -4.267  1.00 46.21  ? 39 TRP B CD2 1 
ATOM 790 N NE1 . TRP B 1 39 ? -19.710 6.993   -6.240  1.00 50.70  ? 39 TRP B NE1 1 
ATOM 791 C CE2 . TRP B 1 39 ? -20.435 7.273   -5.113  1.00 45.34  ? 39 TRP B CE2 1 
ATOM 792 C CE3 . TRP B 1 39 ? -20.122 8.492   -3.030  1.00 42.72  ? 39 TRP B CE3 1 
ATOM 793 C CZ2 . TRP B 1 39 ? -21.736 6.899   -4.759  1.00 42.00  ? 39 TRP B CZ2 1 
ATOM 794 C CZ3 . TRP B 1 39 ? -21.417 8.122   -2.676  1.00 42.04  ? 39 TRP B CZ3 1 
ATOM 795 C CH2 . TRP B 1 39 ? -22.211 7.331   -3.542  1.00 43.65  ? 39 TRP B CH2 1 
ATOM 796 N N   . GLU B 1 40 ? -15.050 11.158  -5.021  1.00 50.57  ? 40 GLU B N   1 
ATOM 797 C CA  . GLU B 1 40 ? -14.155 12.132  -4.453  1.00 51.44  ? 40 GLU B CA  1 
ATOM 798 C C   . GLU B 1 40 ? -15.012 12.805  -3.394  1.00 51.64  ? 40 GLU B C   1 
ATOM 799 O O   . GLU B 1 40 ? -16.202 13.028  -3.601  1.00 51.87  ? 40 GLU B O   1 
ATOM 800 C CB  . GLU B 1 40 ? -13.726 13.142  -5.507  1.00 55.08  ? 40 GLU B CB  1 
ATOM 801 C CG  . GLU B 1 40 ? -13.132 14.424  -4.938  1.00 62.95  ? 40 GLU B CG  1 
ATOM 802 C CD  . GLU B 1 40 ? -12.688 15.390  -6.020  1.00 65.01  ? 40 GLU B CD  1 
ATOM 803 O OE1 . GLU B 1 40 ? -11.662 15.112  -6.661  1.00 65.82  ? 40 GLU B OE1 1 
ATOM 804 O OE2 . GLU B 1 40 ? -13.358 16.418  -6.243  1.00 67.62  ? 40 GLU B OE2 1 
ATOM 805 N N   . GLY B 1 41 ? -14.435 13.098  -2.241  1.00 50.34  ? 41 GLY B N   1 
ATOM 806 C CA  . GLY B 1 41 ? -15.232 13.750  -1.228  1.00 51.35  ? 41 GLY B CA  1 
ATOM 807 C C   . GLY B 1 41 ? -14.383 14.455  -0.206  1.00 53.28  ? 41 GLY B C   1 
ATOM 808 O O   . GLY B 1 41 ? -13.157 14.459  -0.290  1.00 53.82  ? 41 GLY B O   1 
ATOM 809 N N   . GLU B 1 42 ? -15.030 15.073  0.763   1.00 55.35  ? 42 GLU B N   1 
ATOM 810 C CA  . GLU B 1 42 ? -14.267 15.721  1.788   1.00 57.93  ? 42 GLU B CA  1 
ATOM 811 C C   . GLU B 1 42 ? -14.947 15.718  3.139   1.00 57.98  ? 42 GLU B C   1 
ATOM 812 O O   . GLU B 1 42 ? -16.169 15.665  3.258   1.00 55.25  ? 42 GLU B O   1 
ATOM 813 C CB  . GLU B 1 42 ? -13.896 17.126  1.357   1.00 62.61  ? 42 GLU B CB  1 
ATOM 814 C CG  . GLU B 1 42 ? -14.970 18.129  1.394   1.00 68.72  ? 42 GLU B CG  1 
ATOM 815 C CD  . GLU B 1 42 ? -14.398 19.528  1.214   1.00 77.54  ? 42 GLU B CD  1 
ATOM 816 O OE1 . GLU B 1 42 ? -13.394 19.856  1.913   1.00 80.78  ? 42 GLU B OE1 1 
ATOM 817 O OE2 . GLU B 1 42 ? -14.948 20.292  0.385   1.00 77.26  ? 42 GLU B OE2 1 
ATOM 818 N N   . VAL B 1 43 ? -14.116 15.710  4.166   1.00 60.19  ? 43 VAL B N   1 
ATOM 819 C CA  . VAL B 1 43 ? -14.573 15.700  5.541   1.00 61.65  ? 43 VAL B CA  1 
ATOM 820 C C   . VAL B 1 43 ? -13.580 16.616  6.209   1.00 63.93  ? 43 VAL B C   1 
ATOM 821 O O   . VAL B 1 43 ? -12.367 16.475  6.004   1.00 64.45  ? 43 VAL B O   1 
ATOM 822 C CB  . VAL B 1 43 ? -14.508 14.279  6.133   1.00 59.04  ? 43 VAL B CB  1 
ATOM 823 C CG1 . VAL B 1 43 ? -13.171 13.697  5.889   1.00 65.70  ? 43 VAL B CG1 1 
ATOM 824 C CG2 . VAL B 1 43 ? -14.784 14.311  7.607   1.00 61.36  ? 43 VAL B CG2 1 
ATOM 825 N N   . ASN B 1 44 ? -14.090 17.581  6.971   1.00 67.39  ? 44 ASN B N   1 
ATOM 826 C CA  . ASN B 1 44 ? -13.215 18.548  7.626   1.00 72.40  ? 44 ASN B CA  1 
ATOM 827 C C   . ASN B 1 44 ? -12.422 19.255  6.526   1.00 71.63  ? 44 ASN B C   1 
ATOM 828 O O   . ASN B 1 44 ? -12.984 19.585  5.475   1.00 74.32  ? 44 ASN B O   1 
ATOM 829 C CB  . ASN B 1 44 ? -12.270 17.840  8.612   1.00 77.24  ? 44 ASN B CB  1 
ATOM 830 C CG  . ASN B 1 44 ? -13.036 16.980  9.624   1.00 83.75  ? 44 ASN B CG  1 
ATOM 831 O OD1 . ASN B 1 44 ? -14.147 17.353  10.047  1.00 87.65  ? 44 ASN B OD1 1 
ATOM 832 N ND2 . ASN B 1 44 ? -12.455 15.837  10.020  1.00 83.77  ? 44 ASN B ND2 1 
ATOM 833 N N   . GLY B 1 45 ? -11.130 19.472  6.727   1.00 67.77  ? 45 GLY B N   1 
ATOM 834 C CA  . GLY B 1 45 ? -10.396 20.169  5.689   1.00 67.60  ? 45 GLY B CA  1 
ATOM 835 C C   . GLY B 1 45 ? -9.747  19.289  4.643   1.00 67.83  ? 45 GLY B C   1 
ATOM 836 O O   . GLY B 1 45 ? -9.108  19.785  3.695   1.00 66.96  ? 45 GLY B O   1 
ATOM 837 N N   . ARG B 1 46 ? -9.908  17.979  4.795   1.00 64.62  ? 46 ARG B N   1 
ATOM 838 C CA  . ARG B 1 46 ? -9.276  17.074  3.854   1.00 62.50  ? 46 ARG B CA  1 
ATOM 839 C C   . ARG B 1 46 ? -10.219 16.514  2.804   1.00 60.67  ? 46 ARG B C   1 
ATOM 840 O O   . ARG B 1 46 ? -11.403 16.327  3.064   1.00 60.00  ? 46 ARG B O   1 
ATOM 841 C CB  . ARG B 1 46 ? -8.568  15.954  4.624   1.00 60.20  ? 46 ARG B CB  1 
ATOM 842 C CG  . ARG B 1 46 ? -9.411  15.326  5.678   1.00 62.00  ? 46 ARG B CG  1 
ATOM 843 C CD  . ARG B 1 46 ? -8.580  14.568  6.681   1.00 65.20  ? 46 ARG B CD  1 
ATOM 844 N NE  . ARG B 1 46 ? -9.445  13.802  7.572   1.00 68.34  ? 46 ARG B NE  1 
ATOM 845 C CZ  . ARG B 1 46 ? -9.875  12.576  7.305   1.00 69.16  ? 46 ARG B CZ  1 
ATOM 846 N NH1 . ARG B 1 46 ? -10.674 11.943  8.165   1.00 69.93  ? 46 ARG B NH1 1 
ATOM 847 N NH2 . ARG B 1 46 ? -9.485  11.979  6.184   1.00 68.11  ? 46 ARG B NH2 1 
ATOM 848 N N   . LYS B 1 47 ? -9.665  16.282  1.616   1.00 60.26  ? 47 LYS B N   1 
ATOM 849 C CA  . LYS B 1 47 ? -10.382 15.737  0.470   1.00 59.70  ? 47 LYS B CA  1 
ATOM 850 C C   . LYS B 1 47 ? -9.542  14.662  -0.218  1.00 55.26  ? 47 LYS B C   1 
ATOM 851 O O   . LYS B 1 47 ? -8.317  14.711  -0.185  1.00 55.59  ? 47 LYS B O   1 
ATOM 852 C CB  . LYS B 1 47 ? -10.722 16.835  -0.555  1.00 63.09  ? 47 LYS B CB  1 
ATOM 853 C CG  . LYS B 1 47 ? -9.974  18.163  -0.397  1.00 71.34  ? 47 LYS B CG  1 
ATOM 854 C CD  . LYS B 1 47 ? -10.528 19.021  0.774   1.00 79.03  ? 47 LYS B CD  1 
ATOM 855 C CE  . LYS B 1 47 ? -10.230 20.539  0.607   1.00 80.90  ? 47 LYS B CE  1 
ATOM 856 N NZ  . LYS B 1 47 ? -8.774  20.910  0.537   1.00 83.22  ? 47 LYS B NZ  1 
ATOM 857 N N   . GLY B 1 48 ? -10.218 13.697  -0.834  1.00 52.28  ? 48 GLY B N   1 
ATOM 858 C CA  . GLY B 1 48 ? -9.552  12.612  -1.536  1.00 50.44  ? 48 GLY B CA  1 
ATOM 859 C C   . GLY B 1 48 ? -10.515 11.606  -2.178  1.00 51.13  ? 48 GLY B C   1 
ATOM 860 O O   . GLY B 1 48 ? -11.734 11.817  -2.203  1.00 50.34  ? 48 GLY B O   1 
ATOM 861 N N   . LEU B 1 49 ? -9.975  10.500  -2.684  1.00 48.34  ? 49 LEU B N   1 
ATOM 862 C CA  . LEU B 1 49 ? -10.788 9.480   -3.310  1.00 47.34  ? 49 LEU B CA  1 
ATOM 863 C C   . LEU B 1 49 ? -11.079 8.324   -2.362  1.00 48.35  ? 49 LEU B C   1 
ATOM 864 O O   . LEU B 1 49 ? -10.356 8.112   -1.397  1.00 49.78  ? 49 LEU B O   1 
ATOM 865 C CB  . LEU B 1 49 ? -10.084 8.956   -4.549  1.00 44.70  ? 49 LEU B CB  1 
ATOM 866 C CG  . LEU B 1 49 ? -9.737  10.022  -5.589  1.00 47.57  ? 49 LEU B CG  1 
ATOM 867 C CD1 . LEU B 1 49 ? -9.246  9.334   -6.813  1.00 43.23  ? 49 LEU B CD1 1 
ATOM 868 C CD2 . LEU B 1 49 ? -10.950 10.898  -5.909  1.00 48.61  ? 49 LEU B CD2 1 
ATOM 869 N N   . PHE B 1 50 ? -12.148 7.583   -2.631  1.00 45.15  ? 50 PHE B N   1 
ATOM 870 C CA  . PHE B 1 50 ? -12.490 6.442   -1.806  1.00 41.89  ? 50 PHE B CA  1 
ATOM 871 C C   . PHE B 1 50 ? -13.564 5.583   -2.427  1.00 44.24  ? 50 PHE B C   1 
ATOM 872 O O   . PHE B 1 50 ? -14.310 6.008   -3.291  1.00 47.77  ? 50 PHE B O   1 
ATOM 873 C CB  . PHE B 1 50 ? -12.971 6.906   -0.434  1.00 42.22  ? 50 PHE B CB  1 
ATOM 874 C CG  . PHE B 1 50 ? -14.166 7.791   -0.497  1.00 43.36  ? 50 PHE B CG  1 
ATOM 875 C CD1 . PHE B 1 50 ? -15.438 7.266   -0.402  1.00 43.62  ? 50 PHE B CD1 1 
ATOM 876 C CD2 . PHE B 1 50 ? -14.022 9.154   -0.726  1.00 42.19  ? 50 PHE B CD2 1 
ATOM 877 C CE1 . PHE B 1 50 ? -16.543 8.092   -0.536  1.00 45.47  ? 50 PHE B CE1 1 
ATOM 878 C CE2 . PHE B 1 50 ? -15.119 9.990   -0.861  1.00 39.63  ? 50 PHE B CE2 1 
ATOM 879 C CZ  . PHE B 1 50 ? -16.375 9.465   -0.767  1.00 40.31  ? 50 PHE B CZ  1 
ATOM 880 N N   . PRO B 1 51 ? -13.647 4.338   -1.985  1.00 45.68  ? 51 PRO B N   1 
ATOM 881 C CA  . PRO B 1 51 ? -14.636 3.375   -2.467  1.00 45.01  ? 51 PRO B CA  1 
ATOM 882 C C   . PRO B 1 51 ? -15.969 3.854   -1.961  1.00 44.43  ? 51 PRO B C   1 
ATOM 883 O O   . PRO B 1 51 ? -16.103 4.179   -0.781  1.00 44.51  ? 51 PRO B O   1 
ATOM 884 C CB  . PRO B 1 51 ? -14.236 2.096   -1.766  1.00 45.59  ? 51 PRO B CB  1 
ATOM 885 C CG  . PRO B 1 51 ? -12.772 2.298   -1.484  1.00 47.49  ? 51 PRO B CG  1 
ATOM 886 C CD  . PRO B 1 51 ? -12.697 3.705   -1.057  1.00 47.18  ? 51 PRO B CD  1 
ATOM 887 N N   . PHE B 1 52 ? -16.962 3.894   -2.828  1.00 46.43  ? 52 PHE B N   1 
ATOM 888 C CA  . PHE B 1 52 ? -18.270 4.364   -2.391  1.00 47.71  ? 52 PHE B CA  1 
ATOM 889 C C   . PHE B 1 52 ? -18.934 3.374   -1.441  1.00 45.53  ? 52 PHE B C   1 
ATOM 890 O O   . PHE B 1 52 ? -19.841 3.746   -0.707  1.00 50.52  ? 52 PHE B O   1 
ATOM 891 C CB  . PHE B 1 52 ? -19.178 4.659   -3.598  1.00 50.42  ? 52 PHE B CB  1 
ATOM 892 C CG  . PHE B 1 52 ? -19.320 3.514   -4.539  1.00 51.91  ? 52 PHE B CG  1 
ATOM 893 C CD1 . PHE B 1 52 ? -20.106 2.418   -4.206  1.00 55.28  ? 52 PHE B CD1 1 
ATOM 894 C CD2 . PHE B 1 52 ? -18.613 3.497   -5.733  1.00 54.71  ? 52 PHE B CD2 1 
ATOM 895 C CE1 . PHE B 1 52 ? -20.189 1.316   -5.047  1.00 58.38  ? 52 PHE B CE1 1 
ATOM 896 C CE2 . PHE B 1 52 ? -18.689 2.392   -6.585  1.00 57.79  ? 52 PHE B CE2 1 
ATOM 897 C CZ  . PHE B 1 52 ? -19.481 1.296   -6.235  1.00 57.82  ? 52 PHE B CZ  1 
ATOM 898 N N   . THR B 1 53 ? -18.469 2.130   -1.440  1.00 41.97  ? 53 THR B N   1 
ATOM 899 C CA  . THR B 1 53 ? -19.024 1.114   -0.560  1.00 43.85  ? 53 THR B CA  1 
ATOM 900 C C   . THR B 1 53 ? -18.785 1.437   0.899   1.00 46.86  ? 53 THR B C   1 
ATOM 901 O O   . THR B 1 53 ? -19.478 0.935   1.775   1.00 48.23  ? 53 THR B O   1 
ATOM 902 C CB  . THR B 1 53 ? -18.410 -0.238  -0.813  1.00 42.00  ? 53 THR B CB  1 
ATOM 903 O OG1 . THR B 1 53 ? -16.988 -0.105  -0.835  1.00 46.58  ? 53 THR B OG1 1 
ATOM 904 C CG2 . THR B 1 53 ? -18.879 -0.805  -2.134  1.00 38.98  ? 53 THR B CG2 1 
ATOM 905 N N   . HIS B 1 54 ? -17.818 2.298   1.170   1.00 48.99  ? 54 HIS B N   1 
ATOM 906 C CA  . HIS B 1 54 ? -17.507 2.644   2.552   1.00 51.35  ? 54 HIS B CA  1 
ATOM 907 C C   . HIS B 1 54 ? -18.377 3.718   3.164   1.00 52.15  ? 54 HIS B C   1 
ATOM 908 O O   . HIS B 1 54 ? -18.142 4.144   4.295   1.00 51.96  ? 54 HIS B O   1 
ATOM 909 C CB  . HIS B 1 54 ? -16.047 3.056   2.658   1.00 52.22  ? 54 HIS B CB  1 
ATOM 910 C CG  . HIS B 1 54 ? -15.098 1.921   2.449   1.00 53.48  ? 54 HIS B CG  1 
ATOM 911 N ND1 . HIS B 1 54 ? -14.059 1.652   3.312   1.00 53.17  ? 54 HIS B ND1 1 
ATOM 912 C CD2 . HIS B 1 54 ? -15.035 0.986   1.477   1.00 53.31  ? 54 HIS B CD2 1 
ATOM 913 C CE1 . HIS B 1 54 ? -13.397 0.598   2.877   1.00 52.13  ? 54 HIS B CE1 1 
ATOM 914 N NE2 . HIS B 1 54 ? -13.970 0.175   1.765   1.00 52.96  ? 54 HIS B NE2 1 
ATOM 915 N N   . VAL B 1 55 ? -19.397 4.140   2.428   1.00 53.17  ? 55 VAL B N   1 
ATOM 916 C CA  . VAL B 1 55 ? -20.296 5.179   2.911   1.00 51.70  ? 55 VAL B CA  1 
ATOM 917 C C   . VAL B 1 55 ? -21.717 5.010   2.449   1.00 51.92  ? 55 VAL B C   1 
ATOM 918 O O   . VAL B 1 55 ? -22.007 4.275   1.500   1.00 50.11  ? 55 VAL B O   1 
ATOM 919 C CB  . VAL B 1 55 ? -19.930 6.563   2.361   1.00 48.37  ? 55 VAL B CB  1 
ATOM 920 C CG1 . VAL B 1 55 ? -18.606 7.001   2.842   1.00 42.80  ? 55 VAL B CG1 1 
ATOM 921 C CG2 . VAL B 1 55 ? -19.968 6.518   0.845   1.00 48.68  ? 55 VAL B CG2 1 
ATOM 922 N N   . LYS B 1 56 ? -22.611 5.698   3.149   1.00 55.42  ? 56 LYS B N   1 
ATOM 923 C CA  . LYS B 1 56 ? -23.963 5.759   2.676   1.00 57.62  ? 56 LYS B CA  1 
ATOM 924 C C   . LYS B 1 56 ? -24.545 7.128   2.790   1.00 58.52  ? 56 LYS B C   1 
ATOM 925 O O   . LYS B 1 56 ? -24.372 7.832   3.792   1.00 58.54  ? 56 LYS B O   1 
ATOM 926 C CB  . LYS B 1 56 ? -24.910 4.749   3.273   1.00 61.37  ? 56 LYS B CB  1 
ATOM 927 C CG  . LYS B 1 56 ? -25.606 4.065   2.052   1.00 71.57  ? 56 LYS B CG  1 
ATOM 928 C CD  . LYS B 1 56 ? -25.583 5.014   0.762   1.00 66.41  ? 56 LYS B CD  1 
ATOM 929 C CE  . LYS B 1 56 ? -25.527 4.299   -0.597  1.00 63.81  ? 56 LYS B CE  1 
ATOM 930 N NZ  . LYS B 1 56 ? -24.217 4.423   -1.319  1.00 57.14  ? 56 LYS B NZ  1 
ATOM 931 N N   . ILE B 1 57 ? -25.180 7.511   1.690   1.00 57.56  ? 57 ILE B N   1 
ATOM 932 C CA  . ILE B 1 57 ? -25.826 8.795   1.565   1.00 58.77  ? 57 ILE B CA  1 
ATOM 933 C C   . ILE B 1 57 ? -26.829 8.866   2.682   1.00 57.22  ? 57 ILE B C   1 
ATOM 934 O O   . ILE B 1 57 ? -27.332 7.840   3.134   1.00 51.11  ? 57 ILE B O   1 
ATOM 935 C CB  . ILE B 1 57 ? -26.607 8.934   0.212   1.00 58.42  ? 57 ILE B CB  1 
ATOM 936 C CG1 . ILE B 1 57 ? -25.651 8.950   -0.982  1.00 58.93  ? 57 ILE B CG1 1 
ATOM 937 C CG2 . ILE B 1 57 ? -27.376 10.235  0.192   1.00 59.48  ? 57 ILE B CG2 1 
ATOM 938 C CD1 . ILE B 1 57 ? -24.946 7.654   -1.218  1.00 62.59  ? 57 ILE B CD1 1 
ATOM 939 N N   . PHE B 1 58 ? -27.094 10.080  3.137   1.00 60.01  ? 58 PHE B N   1 
ATOM 940 C CA  . PHE B 1 58 ? -28.088 10.303  4.160   1.00 68.48  ? 58 PHE B CA  1 
ATOM 941 C C   . PHE B 1 58 ? -28.567 11.717  3.920   1.00 72.90  ? 58 PHE B C   1 
ATOM 942 O O   . PHE B 1 58 ? -27.839 12.519  3.328   1.00 70.37  ? 58 PHE B O   1 
ATOM 943 C CB  . PHE B 1 58 ? -27.497 10.152  5.569   1.00 70.30  ? 58 PHE B CB  1 
ATOM 944 C CG  . PHE B 1 58 ? -26.626 11.295  5.992   1.00 73.21  ? 58 PHE B CG  1 
ATOM 945 C CD1 . PHE B 1 58 ? -25.283 11.329  5.639   1.00 70.88  ? 58 PHE B CD1 1 
ATOM 946 C CD2 . PHE B 1 58 ? -27.159 12.350  6.732   1.00 71.02  ? 58 PHE B CD2 1 
ATOM 947 C CE1 . PHE B 1 58 ? -24.479 12.394  6.013   1.00 69.73  ? 58 PHE B CE1 1 
ATOM 948 C CE2 . PHE B 1 58 ? -26.367 13.420  7.111   1.00 72.81  ? 58 PHE B CE2 1 
ATOM 949 C CZ  . PHE B 1 58 ? -25.021 13.443  6.752   1.00 72.98  ? 58 PHE B CZ  1 
ATOM 950 N N   . ASP B 1 59 ? -29.794 11.999  4.361   1.00 80.08  ? 59 ASP B N   1 
ATOM 951 C CA  . ASP B 1 59 ? -30.416 13.315  4.219   1.00 86.48  ? 59 ASP B CA  1 
ATOM 952 C C   . ASP B 1 59 ? -29.864 14.267  5.285   1.00 89.54  ? 59 ASP B C   1 
ATOM 953 O O   . ASP B 1 59 ? -30.093 14.061  6.474   1.00 89.12  ? 59 ASP B O   1 
ATOM 954 C CB  . ASP B 1 59 ? -31.930 13.185  4.381   1.00 90.62  ? 59 ASP B CB  1 
ATOM 955 C CG  . ASP B 1 59 ? -32.661 14.472  4.056   1.00 95.65  ? 59 ASP B CG  1 
ATOM 956 O OD1 . ASP B 1 59 ? -33.813 14.641  4.520   1.00 95.72  ? 59 ASP B OD1 1 
ATOM 957 O OD2 . ASP B 1 59 ? -32.084 15.310  3.327   1.00 97.59  ? 59 ASP B OD2 1 
ATOM 958 N N   . PRO B 1 60 ? -29.142 15.326  4.867   1.00 92.85  ? 60 PRO B N   1 
ATOM 959 C CA  . PRO B 1 60 ? -28.519 16.353  5.714   1.00 96.90  ? 60 PRO B CA  1 
ATOM 960 C C   . PRO B 1 60 ? -29.236 16.762  7.008   1.00 102.16 ? 60 PRO B C   1 
ATOM 961 O O   . PRO B 1 60 ? -28.578 17.155  7.977   1.00 104.67 ? 60 PRO B O   1 
ATOM 962 C CB  . PRO B 1 60 ? -28.328 17.512  4.746   1.00 95.19  ? 60 PRO B CB  1 
ATOM 963 C CG  . PRO B 1 60 ? -27.941 16.790  3.506   1.00 93.45  ? 60 PRO B CG  1 
ATOM 964 C CD  . PRO B 1 60 ? -28.954 15.665  3.444   1.00 92.43  ? 60 PRO B CD  1 
ATOM 965 N N   . GLN B 1 61 ? -30.566 16.698  7.031   1.00 105.76 ? 61 GLN B N   1 
ATOM 966 C CA  . GLN B 1 61 ? -31.324 17.022  8.248   1.00 108.02 ? 61 GLN B CA  1 
ATOM 967 C C   . GLN B 1 61 ? -32.387 15.934  8.458   1.00 109.10 ? 61 GLN B C   1 
ATOM 968 O O   . GLN B 1 61 ? -33.573 16.222  8.657   1.00 109.42 ? 61 GLN B O   1 
ATOM 969 C CB  . GLN B 1 61 ? -31.982 18.408  8.154   1.00 109.13 ? 61 GLN B CB  1 
ATOM 970 C CG  . GLN B 1 61 ? -31.587 19.227  6.937   1.00 109.08 ? 61 GLN B CG  1 
ATOM 971 C CD  . GLN B 1 61 ? -32.252 18.727  5.665   1.00 110.76 ? 61 GLN B CD  1 
ATOM 972 O OE1 . GLN B 1 61 ? -31.964 19.213  4.567   1.00 111.87 ? 61 GLN B OE1 1 
ATOM 973 N NE2 . GLN B 1 61 ? -33.154 17.752  5.806   1.00 109.09 ? 61 GLN B NE2 1 
ATOM 974 N N   . ASN B 1 62 ? -31.916 14.685  8.407   1.00 109.00 ? 62 ASN B N   1 
ATOM 975 C CA  . ASN B 1 62 ? -32.714 13.467  8.561   1.00 108.65 ? 62 ASN B CA  1 
ATOM 976 C C   . ASN B 1 62 ? -34.063 13.493  7.839   1.00 108.33 ? 62 ASN B C   1 
ATOM 977 O O   . ASN B 1 62 ? -34.368 14.516  7.187   1.00 107.58 ? 62 ASN B O   1 
ATOM 978 C CB  . ASN B 1 62 ? -32.905 13.134  10.050  1.00 110.33 ? 62 ASN B CB  1 
ATOM 979 C CG  . ASN B 1 62 ? -34.355 13.232  10.499  1.00 112.71 ? 62 ASN B CG  1 
ATOM 980 O OD1 . ASN B 1 62 ? -34.879 14.332  10.703  1.00 112.20 ? 62 ASN B OD1 1 
ATOM 981 N ND2 . ASN B 1 62 ? -35.016 12.077  10.643  1.00 112.84 ? 62 ASN B ND2 1 
ATOM 982 N N   . PRO B 1 63 ? -34.787 12.472  7.920   1.00 107.91 ? 63 PRO B N   1 
# 
